data_1L5J
#
_entry.id   1L5J
#
_cell.length_a   138.970
_cell.length_b   169.630
_cell.length_c   113.380
_cell.angle_alpha   90.00
_cell.angle_beta   90.00
_cell.angle_gamma   90.00
#
_symmetry.space_group_name_H-M   'P 21 21 2'
#
loop_
_entity.id
_entity.type
_entity.pdbx_description
1 polymer 'Aconitate hydratase 2'
2 non-polymer 'ACONITATE ION'
3 non-polymer 'FE3-S4 CLUSTER'
4 water water
#
_entity_poly.entity_id   1
_entity_poly.type   'polypeptide(L)'
_entity_poly.pdbx_seq_one_letter_code
;MLEEYRKHVAERAAEGIAPKPLDANQMAALVELLKNPPAGEEEFLLDLLTNRVPPGVDEAAYVKAGFLAAIAKGEAKSPL
LTPEKAIELLGTMQGGYNIHPLIDALDDAKLAPIAAKALSHTLLMFDNFYDVEEKAKAGNEYAKQVMQSWADAEWFLNRP
ALAEKLTVTVFKVTGETNTDDLSPAPDAWSRPDIPLHALAMLKNAREGIEPDQPGVVGPIKQIEALQQKGFPLAYVGDVV
GTGSSRKSATNSVLWFMGDDIPHVPNKRGGGLCLGGKIAPIFFNTMEDAGALPIEVDVSNLNMGDVIDVYPYKGEVRNHE
TGELLATFELKTDVLIDEVRAGGRIPLIIGRGLTTKAREALGLPHSDVFRQAKDVAESDRGFSLAQKMVGRACGVKGIRP
GAYCEPKMTSVGSQDTTGPMTRDELKDLACLGFSADLVMQSFCHTAAYPKPVDVNTHHTLPDFIMNRGGVSLRPGDGVIH
SWLNRMLLPDTVGTGGDSHTRFPIGISFPAGSGLVAFAAATGVMPLDMPESVLVRFKGKMQPGITLRDLVHAIPLYAIKQ
GLLTVEKKGKKNIFSGRILEIEGLPDLKVEQAFELTDASAERSAAGCTIKLNKEPIIEYLNSNIVLLKWMIAEGYGDRRT
LERRIQGMEKWLANPELLEADADAEYAAVIDIDLADIKEPILCAPNDPDDARPLSAVQGEKIDEVFIGSCMTNIGHFRAA
GKLLDAHKGQLPTRLWVAPPTRMDAAQLTEEGYYSVFGKSGARIEIPGCSLCMGNQARVADGATVVSTSTRNFPNRLGTG
ANVFLASAELAAVAALIGKLPTPEEYQTYVAQVDKTAVDTYRYLNFNQLSQYTEKADGVIFQTAV
;
_entity_poly.pdbx_strand_id   A,B
#
# COMPACT_ATOMS: atom_id res chain seq x y z
N MET A 1 7.76 -30.17 -27.97
CA MET A 1 8.68 -29.01 -27.81
C MET A 1 8.95 -28.32 -29.14
N LEU A 2 9.31 -29.13 -30.13
CA LEU A 2 9.72 -28.64 -31.45
C LEU A 2 8.77 -27.64 -32.09
N GLU A 3 7.48 -27.97 -32.13
CA GLU A 3 6.51 -27.12 -32.79
C GLU A 3 6.42 -25.75 -32.12
N GLU A 4 6.25 -25.75 -30.81
CA GLU A 4 6.19 -24.50 -30.07
C GLU A 4 7.52 -23.79 -30.22
N TYR A 5 8.60 -24.55 -30.16
CA TYR A 5 9.90 -23.90 -30.25
C TYR A 5 10.15 -23.13 -31.56
N ARG A 6 9.78 -23.68 -32.72
CA ARG A 6 10.02 -22.93 -33.95
C ARG A 6 8.96 -21.88 -34.26
N LYS A 7 7.80 -21.99 -33.64
CA LYS A 7 6.84 -20.90 -33.78
C LYS A 7 7.53 -19.69 -33.13
N HIS A 8 8.20 -19.93 -32.02
CA HIS A 8 8.94 -18.90 -31.30
C HIS A 8 10.08 -18.36 -32.17
N VAL A 9 10.79 -19.26 -32.84
CA VAL A 9 11.88 -18.88 -33.73
C VAL A 9 11.39 -17.94 -34.81
N ALA A 10 10.24 -18.29 -35.39
CA ALA A 10 9.63 -17.51 -36.45
C ALA A 10 9.12 -16.16 -35.95
N GLU A 11 8.50 -16.16 -34.77
CA GLU A 11 8.00 -14.92 -34.17
C GLU A 11 9.16 -13.96 -34.03
N ARG A 12 10.28 -14.49 -33.58
CA ARG A 12 11.46 -13.69 -33.33
C ARG A 12 12.21 -13.26 -34.58
N ALA A 13 12.30 -14.16 -35.55
CA ALA A 13 13.00 -13.85 -36.79
C ALA A 13 12.26 -12.73 -37.51
N ALA A 14 10.94 -12.72 -37.36
CA ALA A 14 10.13 -11.68 -37.96
C ALA A 14 10.56 -10.33 -37.39
N GLU A 15 10.96 -10.33 -36.13
CA GLU A 15 11.39 -9.10 -35.48
C GLU A 15 12.89 -8.89 -35.60
N GLY A 16 13.55 -9.78 -36.33
CA GLY A 16 14.97 -9.67 -36.58
C GLY A 16 15.92 -10.08 -35.47
N ILE A 17 15.47 -10.91 -34.53
CA ILE A 17 16.38 -11.29 -33.45
C ILE A 17 16.46 -12.78 -33.17
N ALA A 18 17.52 -13.17 -32.48
CA ALA A 18 17.71 -14.56 -32.11
C ALA A 18 16.65 -15.04 -31.11
N PRO A 19 16.41 -16.33 -31.09
CA PRO A 19 15.48 -16.94 -30.15
C PRO A 19 16.10 -17.08 -28.76
N LYS A 20 15.27 -17.11 -27.71
CA LYS A 20 15.77 -17.30 -26.35
C LYS A 20 16.38 -18.70 -26.22
N PRO A 21 17.34 -18.84 -25.32
CA PRO A 21 17.97 -20.14 -25.07
C PRO A 21 16.94 -21.12 -24.52
N LEU A 22 17.22 -22.42 -24.64
CA LEU A 22 16.31 -23.43 -24.13
C LEU A 22 16.25 -23.35 -22.62
N ASP A 23 15.08 -23.62 -22.05
CA ASP A 23 14.94 -23.68 -20.60
C ASP A 23 14.98 -25.14 -20.17
N ALA A 24 14.85 -25.36 -18.86
CA ALA A 24 14.91 -26.71 -18.30
C ALA A 24 13.86 -27.65 -18.88
N ASN A 25 12.62 -27.17 -18.98
CA ASN A 25 11.57 -28.04 -19.51
C ASN A 25 11.89 -28.45 -20.94
N GLN A 26 12.27 -27.48 -21.77
CA GLN A 26 12.56 -27.79 -23.16
C GLN A 26 13.77 -28.72 -23.27
N MET A 27 14.75 -28.53 -22.40
CA MET A 27 15.94 -29.35 -22.45
C MET A 27 15.60 -30.80 -22.13
N ALA A 28 14.66 -30.99 -21.20
CA ALA A 28 14.24 -32.33 -20.79
C ALA A 28 13.56 -33.07 -21.95
N ALA A 29 12.68 -32.36 -22.65
CA ALA A 29 12.00 -32.93 -23.81
C ALA A 29 13.02 -33.24 -24.89
N LEU A 30 14.01 -32.36 -25.02
CA LEU A 30 15.07 -32.54 -26.00
C LEU A 30 15.84 -33.84 -25.74
N VAL A 31 16.08 -34.15 -24.47
CA VAL A 31 16.78 -35.37 -24.08
C VAL A 31 16.09 -36.59 -24.69
N GLU A 32 14.78 -36.64 -24.56
CA GLU A 32 13.99 -37.72 -25.10
C GLU A 32 14.16 -37.80 -26.62
N LEU A 33 14.18 -36.66 -27.28
CA LEU A 33 14.32 -36.60 -28.73
C LEU A 33 15.69 -37.09 -29.19
N LEU A 34 16.71 -36.85 -28.38
CA LEU A 34 18.05 -37.30 -28.73
C LEU A 34 18.16 -38.81 -28.61
N LYS A 35 17.36 -39.40 -27.74
CA LYS A 35 17.37 -40.85 -27.54
C LYS A 35 16.64 -41.57 -28.68
N ASN A 36 15.62 -40.91 -29.22
CA ASN A 36 14.85 -41.46 -30.33
C ASN A 36 14.53 -40.35 -31.31
N PRO A 37 15.51 -39.99 -32.13
CA PRO A 37 15.40 -38.87 -33.06
C PRO A 37 14.45 -39.13 -34.23
N PRO A 38 13.46 -38.27 -34.39
CA PRO A 38 12.54 -38.35 -35.53
C PRO A 38 13.33 -38.10 -36.80
N ALA A 39 12.97 -38.77 -37.88
CA ALA A 39 13.70 -38.63 -39.14
C ALA A 39 13.73 -37.19 -39.66
N GLY A 40 14.89 -36.75 -40.11
CA GLY A 40 15.01 -35.42 -40.68
C GLY A 40 15.21 -34.30 -39.69
N GLU A 41 15.34 -34.62 -38.41
CA GLU A 41 15.55 -33.58 -37.42
C GLU A 41 16.94 -33.61 -36.80
N GLU A 42 17.77 -34.52 -37.28
CA GLU A 42 19.11 -34.74 -36.74
C GLU A 42 19.96 -33.48 -36.56
N GLU A 43 20.02 -32.64 -37.59
CA GLU A 43 20.90 -31.47 -37.54
C GLU A 43 20.38 -30.39 -36.59
N PHE A 44 19.07 -30.19 -36.58
CA PHE A 44 18.41 -29.24 -35.68
C PHE A 44 18.66 -29.65 -34.24
N LEU A 45 18.35 -30.91 -33.91
CA LEU A 45 18.48 -31.41 -32.54
C LEU A 45 19.90 -31.27 -32.06
N LEU A 46 20.85 -31.44 -32.97
CA LEU A 46 22.25 -31.37 -32.62
C LEU A 46 22.68 -29.91 -32.41
N ASP A 47 22.06 -29.00 -33.15
CA ASP A 47 22.41 -27.60 -32.97
C ASP A 47 21.89 -27.06 -31.64
N LEU A 48 20.65 -27.41 -31.32
CA LEU A 48 20.03 -26.97 -30.08
C LEU A 48 20.86 -27.43 -28.90
N LEU A 49 21.21 -28.71 -28.91
CA LEU A 49 22.00 -29.30 -27.84
C LEU A 49 23.34 -28.63 -27.70
N THR A 50 23.98 -28.36 -28.84
CA THR A 50 25.34 -27.84 -28.85
C THR A 50 25.47 -26.34 -28.58
N ASN A 51 24.52 -25.54 -29.05
CA ASN A 51 24.69 -24.10 -29.01
C ASN A 51 23.63 -23.29 -28.28
N ARG A 52 22.50 -23.91 -27.98
CA ARG A 52 21.36 -23.16 -27.48
C ARG A 52 21.02 -23.40 -26.01
N VAL A 53 21.99 -23.87 -25.23
CA VAL A 53 21.77 -24.15 -23.82
C VAL A 53 22.76 -23.37 -22.98
N PRO A 54 22.25 -22.62 -22.01
CA PRO A 54 23.13 -21.86 -21.11
C PRO A 54 24.11 -22.81 -20.43
N PRO A 55 25.30 -22.31 -20.11
CA PRO A 55 26.34 -23.11 -19.44
C PRO A 55 26.23 -23.01 -17.93
N GLY A 56 27.24 -23.47 -17.22
CA GLY A 56 27.32 -23.35 -15.77
C GLY A 56 26.27 -24.07 -14.97
N VAL A 57 25.70 -23.39 -13.98
CA VAL A 57 24.71 -24.05 -13.15
C VAL A 57 23.29 -23.60 -13.41
N ASP A 58 23.05 -23.20 -14.65
CA ASP A 58 21.70 -22.89 -15.07
C ASP A 58 20.93 -24.22 -14.99
N GLU A 59 19.64 -24.15 -14.72
CA GLU A 59 18.84 -25.36 -14.60
C GLU A 59 18.87 -26.21 -15.88
N ALA A 60 18.91 -25.57 -17.03
CA ALA A 60 18.95 -26.32 -18.28
C ALA A 60 20.29 -27.03 -18.41
N ALA A 61 21.34 -26.37 -17.93
CA ALA A 61 22.67 -26.97 -17.96
C ALA A 61 22.70 -28.23 -17.11
N TYR A 62 22.03 -28.19 -15.95
CA TYR A 62 21.97 -29.36 -15.08
C TYR A 62 21.43 -30.56 -15.85
N VAL A 63 20.32 -30.35 -16.54
CA VAL A 63 19.72 -31.41 -17.32
C VAL A 63 20.63 -31.89 -18.44
N LYS A 64 21.24 -30.94 -19.15
CA LYS A 64 22.13 -31.27 -20.26
C LYS A 64 23.34 -32.08 -19.78
N ALA A 65 24.01 -31.60 -18.76
CA ALA A 65 25.17 -32.30 -18.22
C ALA A 65 24.83 -33.73 -17.76
N GLY A 66 23.70 -33.89 -17.07
CA GLY A 66 23.28 -35.19 -16.58
C GLY A 66 23.12 -36.18 -17.73
N PHE A 67 22.48 -35.71 -18.79
CA PHE A 67 22.25 -36.53 -19.96
C PHE A 67 23.56 -36.97 -20.61
N LEU A 68 24.46 -36.01 -20.80
CA LEU A 68 25.75 -36.30 -21.42
C LEU A 68 26.61 -37.25 -20.60
N ALA A 69 26.64 -37.05 -19.28
CA ALA A 69 27.41 -37.92 -18.40
C ALA A 69 26.96 -39.35 -18.57
N ALA A 70 25.65 -39.55 -18.62
CA ALA A 70 25.07 -40.86 -18.83
C ALA A 70 25.51 -41.46 -20.16
N ILE A 71 25.60 -40.64 -21.21
CA ILE A 71 25.99 -41.12 -22.52
C ILE A 71 27.44 -41.60 -22.47
N ALA A 72 28.28 -40.79 -21.84
CA ALA A 72 29.70 -41.08 -21.72
C ALA A 72 29.96 -42.34 -20.90
N LYS A 73 29.03 -42.66 -20.02
CA LYS A 73 29.21 -43.80 -19.12
C LYS A 73 28.42 -45.02 -19.59
N GLY A 74 27.91 -44.97 -20.82
CA GLY A 74 27.14 -46.07 -21.38
C GLY A 74 25.77 -46.21 -20.75
N GLU A 75 25.55 -45.49 -19.65
CA GLU A 75 24.27 -45.54 -18.94
C GLU A 75 23.11 -45.04 -19.81
N ALA A 76 23.42 -44.54 -21.00
CA ALA A 76 22.39 -44.06 -21.91
C ALA A 76 22.92 -44.04 -23.33
N LYS A 77 22.01 -44.10 -24.31
CA LYS A 77 22.44 -44.17 -25.70
C LYS A 77 21.64 -43.31 -26.65
N SER A 78 22.34 -42.76 -27.64
CA SER A 78 21.74 -41.95 -28.68
C SER A 78 22.45 -42.23 -29.98
N PRO A 79 21.68 -42.42 -31.04
CA PRO A 79 22.25 -42.66 -32.37
C PRO A 79 22.95 -41.41 -32.90
N LEU A 80 22.73 -40.26 -32.27
CA LEU A 80 23.34 -39.01 -32.74
C LEU A 80 24.66 -38.65 -32.06
N LEU A 81 24.94 -39.24 -30.90
CA LEU A 81 26.20 -38.92 -30.27
C LEU A 81 26.92 -40.11 -29.64
N THR A 82 28.24 -40.09 -29.71
CA THR A 82 29.04 -41.15 -29.14
C THR A 82 29.63 -40.65 -27.83
N PRO A 83 29.94 -41.57 -26.91
CA PRO A 83 30.56 -41.19 -25.64
C PRO A 83 31.66 -40.16 -25.84
N GLU A 84 32.49 -40.35 -26.85
CA GLU A 84 33.57 -39.41 -27.14
C GLU A 84 33.02 -38.00 -27.36
N LYS A 85 31.93 -37.92 -28.12
CA LYS A 85 31.29 -36.65 -28.43
C LYS A 85 30.71 -36.03 -27.17
N ALA A 86 30.13 -36.86 -26.31
CA ALA A 86 29.53 -36.38 -25.06
C ALA A 86 30.58 -35.71 -24.17
N ILE A 87 31.76 -36.29 -24.10
CA ILE A 87 32.84 -35.73 -23.30
C ILE A 87 33.21 -34.38 -23.89
N GLU A 88 33.35 -34.35 -25.21
CA GLU A 88 33.73 -33.13 -25.90
C GLU A 88 32.76 -32.01 -25.56
N LEU A 89 31.46 -32.28 -25.69
CA LEU A 89 30.42 -31.30 -25.39
C LEU A 89 30.45 -30.90 -23.92
N LEU A 90 30.68 -31.87 -23.04
CA LEU A 90 30.78 -31.57 -21.62
C LEU A 90 31.86 -30.53 -21.39
N GLY A 91 32.94 -30.60 -22.17
CA GLY A 91 34.03 -29.66 -22.04
C GLY A 91 33.71 -28.28 -22.58
N THR A 92 32.45 -28.08 -22.96
CA THR A 92 32.07 -26.78 -23.51
C THR A 92 31.14 -26.01 -22.57
N MET A 93 30.84 -26.58 -21.41
CA MET A 93 29.91 -25.98 -20.46
C MET A 93 30.59 -25.13 -19.38
N GLN A 94 31.89 -24.89 -19.58
CA GLN A 94 32.77 -24.09 -18.71
C GLN A 94 32.88 -24.36 -17.20
N GLY A 95 31.85 -24.89 -16.57
CA GLY A 95 31.95 -25.15 -15.16
C GLY A 95 30.63 -25.60 -14.58
N GLY A 96 30.66 -25.98 -13.32
CA GLY A 96 29.45 -26.41 -12.67
C GLY A 96 29.25 -27.90 -12.77
N TYR A 97 28.13 -28.30 -13.33
CA TYR A 97 27.73 -29.69 -13.39
C TYR A 97 28.48 -30.56 -14.39
N ASN A 98 29.38 -29.97 -15.17
CA ASN A 98 30.11 -30.75 -16.16
C ASN A 98 31.46 -31.23 -15.68
N ILE A 99 31.91 -30.74 -14.53
CA ILE A 99 33.26 -31.08 -14.06
C ILE A 99 33.46 -32.49 -13.49
N HIS A 100 32.53 -32.95 -12.64
CA HIS A 100 32.63 -34.29 -12.05
C HIS A 100 32.71 -35.38 -13.12
N PRO A 101 31.78 -35.36 -14.08
CA PRO A 101 31.78 -36.36 -15.16
C PRO A 101 33.06 -36.30 -15.97
N LEU A 102 33.65 -35.11 -16.03
CA LEU A 102 34.86 -34.91 -16.80
C LEU A 102 36.05 -35.51 -16.05
N ILE A 103 36.02 -35.41 -14.72
CA ILE A 103 37.11 -35.94 -13.91
C ILE A 103 37.05 -37.46 -13.84
N ASP A 104 35.85 -38.00 -13.65
CA ASP A 104 35.65 -39.44 -13.64
C ASP A 104 36.16 -40.08 -14.92
N ALA A 105 36.02 -39.36 -16.03
CA ALA A 105 36.41 -39.87 -17.33
C ALA A 105 37.92 -40.05 -17.46
N LEU A 106 38.68 -39.54 -16.49
CA LEU A 106 40.12 -39.67 -16.55
C LEU A 106 40.55 -41.09 -16.18
N ASP A 107 39.62 -41.83 -15.60
CA ASP A 107 39.86 -43.21 -15.20
C ASP A 107 39.40 -44.17 -16.28
N ASP A 108 39.21 -43.64 -17.49
CA ASP A 108 38.75 -44.44 -18.62
C ASP A 108 39.67 -44.25 -19.82
N ALA A 109 40.50 -45.25 -20.09
CA ALA A 109 41.51 -45.22 -21.16
C ALA A 109 41.01 -44.72 -22.52
N LYS A 110 39.74 -44.91 -22.81
CA LYS A 110 39.20 -44.44 -24.07
C LYS A 110 38.92 -42.95 -24.03
N LEU A 111 38.13 -42.52 -23.05
CA LEU A 111 37.70 -41.13 -22.93
C LEU A 111 38.77 -40.19 -22.38
N ALA A 112 39.56 -40.69 -21.43
CA ALA A 112 40.60 -39.90 -20.75
C ALA A 112 41.31 -38.81 -21.57
N PRO A 113 41.91 -39.18 -22.69
CA PRO A 113 42.65 -38.20 -23.52
C PRO A 113 41.78 -37.01 -23.92
N ILE A 114 40.49 -37.24 -24.07
CA ILE A 114 39.57 -36.18 -24.47
C ILE A 114 39.17 -35.35 -23.27
N ALA A 115 38.85 -36.02 -22.18
CA ALA A 115 38.49 -35.34 -20.95
C ALA A 115 39.62 -34.44 -20.51
N ALA A 116 40.84 -34.92 -20.71
CA ALA A 116 42.04 -34.20 -20.32
C ALA A 116 42.21 -32.90 -21.09
N LYS A 117 41.92 -32.96 -22.39
CA LYS A 117 42.00 -31.77 -23.23
C LYS A 117 40.93 -30.76 -22.84
N ALA A 118 39.77 -31.26 -22.46
CA ALA A 118 38.65 -30.41 -22.04
C ALA A 118 38.94 -29.73 -20.70
N LEU A 119 39.46 -30.51 -19.75
CA LEU A 119 39.78 -29.97 -18.43
C LEU A 119 40.96 -29.01 -18.52
N SER A 120 41.79 -29.22 -19.53
CA SER A 120 42.95 -28.38 -19.71
C SER A 120 42.54 -26.94 -19.99
N HIS A 121 41.38 -26.76 -20.60
CA HIS A 121 40.91 -25.42 -20.93
C HIS A 121 39.68 -25.02 -20.10
N THR A 122 39.47 -25.72 -18.99
CA THR A 122 38.37 -25.40 -18.10
C THR A 122 38.90 -24.50 -16.98
N LEU A 123 38.36 -23.30 -16.87
CA LEU A 123 38.85 -22.36 -15.86
C LEU A 123 38.16 -22.48 -14.51
N LEU A 124 36.85 -22.69 -14.52
CA LEU A 124 36.06 -22.70 -13.28
C LEU A 124 36.22 -23.97 -12.46
N MET A 125 37.46 -24.34 -12.16
CA MET A 125 37.71 -25.57 -11.41
C MET A 125 37.46 -25.39 -9.93
N PHE A 126 37.86 -24.24 -9.40
CA PHE A 126 37.75 -23.96 -7.97
C PHE A 126 38.27 -25.14 -7.16
N ASP A 127 37.51 -25.58 -6.15
CA ASP A 127 37.96 -26.66 -5.29
C ASP A 127 38.18 -27.98 -6.01
N ASN A 128 37.60 -28.11 -7.20
CA ASN A 128 37.75 -29.34 -7.96
C ASN A 128 39.16 -29.58 -8.47
N PHE A 129 40.01 -28.57 -8.31
CA PHE A 129 41.40 -28.67 -8.72
C PHE A 129 42.11 -29.77 -7.94
N TYR A 130 41.69 -29.93 -6.68
CA TYR A 130 42.30 -30.89 -5.78
C TYR A 130 41.95 -32.31 -6.18
N ASP A 131 40.73 -32.50 -6.67
CA ASP A 131 40.31 -33.81 -7.13
C ASP A 131 41.24 -34.26 -8.25
N VAL A 132 41.67 -33.30 -9.06
CA VAL A 132 42.54 -33.62 -10.18
C VAL A 132 43.97 -33.89 -9.72
N GLU A 133 44.43 -33.16 -8.71
CA GLU A 133 45.79 -33.35 -8.23
C GLU A 133 45.92 -34.74 -7.61
N GLU A 134 44.87 -35.17 -6.92
CA GLU A 134 44.85 -36.46 -6.25
C GLU A 134 44.95 -37.63 -7.23
N LYS A 135 44.32 -37.52 -8.40
CA LYS A 135 44.39 -38.58 -9.39
C LYS A 135 45.80 -38.63 -9.98
N ALA A 136 46.41 -37.46 -10.12
CA ALA A 136 47.76 -37.37 -10.67
C ALA A 136 48.74 -38.03 -9.72
N LYS A 137 48.52 -37.81 -8.43
CA LYS A 137 49.38 -38.32 -7.39
C LYS A 137 49.22 -39.83 -7.22
N ALA A 138 48.10 -40.36 -7.71
CA ALA A 138 47.83 -41.78 -7.62
C ALA A 138 48.31 -42.51 -8.88
N GLY A 139 49.02 -41.78 -9.74
CA GLY A 139 49.59 -42.34 -10.95
C GLY A 139 48.85 -42.09 -12.26
N ASN A 140 47.82 -41.25 -12.26
CA ASN A 140 47.07 -40.99 -13.50
C ASN A 140 47.82 -40.08 -14.46
N GLU A 141 48.23 -40.64 -15.59
CA GLU A 141 49.02 -39.91 -16.56
C GLU A 141 48.27 -38.74 -17.20
N TYR A 142 47.01 -38.96 -17.51
CA TYR A 142 46.18 -37.92 -18.12
C TYR A 142 45.91 -36.78 -17.13
N ALA A 143 45.85 -37.11 -15.84
CA ALA A 143 45.70 -36.07 -14.83
C ALA A 143 46.98 -35.24 -14.79
N LYS A 144 48.10 -35.92 -15.02
CA LYS A 144 49.40 -35.27 -14.97
C LYS A 144 49.54 -34.26 -16.09
N GLN A 145 49.01 -34.59 -17.27
CA GLN A 145 49.14 -33.68 -18.39
C GLN A 145 48.20 -32.49 -18.26
N VAL A 146 47.11 -32.67 -17.51
CA VAL A 146 46.20 -31.57 -17.23
C VAL A 146 46.91 -30.58 -16.31
N MET A 147 47.55 -31.11 -15.28
CA MET A 147 48.29 -30.28 -14.33
C MET A 147 49.35 -29.47 -15.05
N GLN A 148 50.20 -30.15 -15.81
CA GLN A 148 51.26 -29.49 -16.55
C GLN A 148 50.67 -28.47 -17.51
N SER A 149 49.54 -28.80 -18.13
CA SER A 149 48.89 -27.89 -19.06
C SER A 149 48.48 -26.60 -18.34
N TRP A 150 47.88 -26.74 -17.16
CA TRP A 150 47.52 -25.59 -16.36
C TRP A 150 48.78 -24.84 -15.99
N ALA A 151 49.80 -25.59 -15.59
CA ALA A 151 51.08 -25.00 -15.18
C ALA A 151 51.73 -24.22 -16.30
N ASP A 152 51.50 -24.63 -17.55
CA ASP A 152 52.07 -23.94 -18.69
C ASP A 152 51.14 -22.88 -19.26
N ALA A 153 49.97 -22.73 -18.64
CA ALA A 153 49.01 -21.72 -19.06
C ALA A 153 48.54 -21.91 -20.50
N GLU A 154 48.34 -23.16 -20.91
CA GLU A 154 47.87 -23.42 -22.27
C GLU A 154 46.52 -22.74 -22.52
N TRP A 155 45.65 -22.75 -21.52
CA TRP A 155 44.33 -22.12 -21.65
C TRP A 155 44.47 -20.68 -22.12
N PHE A 156 45.56 -20.04 -21.72
CA PHE A 156 45.81 -18.64 -22.05
C PHE A 156 46.57 -18.49 -23.37
N LEU A 157 47.65 -19.24 -23.54
CA LEU A 157 48.49 -19.11 -24.74
C LEU A 157 47.83 -19.61 -26.02
N ASN A 158 46.83 -20.49 -25.89
CA ASN A 158 46.12 -20.98 -27.07
C ASN A 158 45.10 -19.95 -27.59
N ARG A 159 44.96 -18.86 -26.87
CA ARG A 159 44.06 -17.79 -27.28
C ARG A 159 44.84 -16.75 -28.07
N PRO A 160 44.23 -16.26 -29.15
CA PRO A 160 44.85 -15.25 -29.99
C PRO A 160 45.25 -14.03 -29.17
N ALA A 161 46.51 -13.61 -29.27
CA ALA A 161 46.94 -12.41 -28.56
C ALA A 161 46.29 -11.19 -29.19
N LEU A 162 46.27 -10.08 -28.46
CA LEU A 162 45.71 -8.86 -28.99
C LEU A 162 46.58 -8.40 -30.14
N ALA A 163 45.97 -8.23 -31.31
CA ALA A 163 46.70 -7.80 -32.50
C ALA A 163 47.41 -6.47 -32.28
N GLU A 164 48.37 -6.16 -33.15
CA GLU A 164 49.13 -4.92 -33.02
C GLU A 164 48.44 -3.81 -33.78
N LYS A 165 47.63 -4.21 -34.76
CA LYS A 165 46.91 -3.26 -35.59
C LYS A 165 45.43 -3.64 -35.63
N LEU A 166 44.57 -2.76 -35.12
CA LEU A 166 43.13 -3.02 -35.15
C LEU A 166 42.49 -2.02 -36.11
N THR A 167 41.82 -2.55 -37.13
CA THR A 167 41.15 -1.68 -38.08
C THR A 167 39.68 -1.73 -37.75
N VAL A 168 39.12 -0.58 -37.42
CA VAL A 168 37.76 -0.55 -36.97
C VAL A 168 37.02 0.64 -37.56
N THR A 169 35.71 0.50 -37.71
CA THR A 169 34.87 1.57 -38.23
C THR A 169 34.25 2.31 -37.05
N VAL A 170 34.34 3.63 -37.07
CA VAL A 170 33.90 4.47 -35.97
C VAL A 170 32.39 4.73 -35.92
N PHE A 171 31.73 4.22 -34.89
CA PHE A 171 30.33 4.55 -34.66
C PHE A 171 30.36 5.63 -33.59
N LYS A 172 30.20 6.87 -34.01
CA LYS A 172 30.40 8.01 -33.13
C LYS A 172 29.13 8.65 -32.59
N VAL A 173 29.10 8.85 -31.28
CA VAL A 173 27.98 9.48 -30.63
C VAL A 173 28.51 10.73 -29.92
N THR A 174 28.16 11.89 -30.42
CA THR A 174 28.66 13.13 -29.84
C THR A 174 28.00 13.42 -28.52
N GLY A 175 28.73 14.08 -27.65
CA GLY A 175 28.20 14.46 -26.36
C GLY A 175 28.40 13.33 -25.37
N GLU A 176 27.53 13.29 -24.37
CA GLU A 176 27.63 12.30 -23.31
C GLU A 176 26.64 11.18 -23.57
N THR A 177 27.13 9.96 -23.47
CA THR A 177 26.31 8.77 -23.52
C THR A 177 26.23 8.26 -22.10
N ASN A 178 25.08 8.38 -21.45
CA ASN A 178 24.94 7.77 -20.12
C ASN A 178 24.32 6.40 -20.31
N THR A 179 24.34 5.56 -19.28
CA THR A 179 23.82 4.21 -19.43
C THR A 179 22.30 4.13 -19.64
N ASP A 180 21.60 5.20 -19.29
CA ASP A 180 20.16 5.28 -19.58
C ASP A 180 19.95 5.37 -21.08
N ASP A 181 20.82 6.11 -21.76
CA ASP A 181 20.72 6.25 -23.21
C ASP A 181 20.85 4.91 -23.89
N LEU A 182 21.83 4.13 -23.44
CA LEU A 182 22.13 2.83 -24.00
C LEU A 182 21.15 1.74 -23.58
N SER A 183 20.57 1.88 -22.39
CA SER A 183 19.66 0.88 -21.83
C SER A 183 18.56 1.60 -21.05
N PRO A 184 17.52 2.03 -21.74
CA PRO A 184 16.45 2.86 -21.14
C PRO A 184 15.65 2.19 -20.02
N ALA A 185 15.31 2.97 -19.00
CA ALA A 185 14.60 2.47 -17.82
C ALA A 185 13.35 1.65 -18.13
N PRO A 186 12.42 2.20 -18.90
CA PRO A 186 11.18 1.49 -19.22
C PRO A 186 11.44 0.12 -19.85
N ASP A 187 12.67 -0.13 -20.29
CA ASP A 187 13.00 -1.41 -20.90
C ASP A 187 13.77 -2.32 -19.95
N ALA A 188 13.76 -2.00 -18.66
CA ALA A 188 14.55 -2.76 -17.70
C ALA A 188 14.03 -4.18 -17.60
N TRP A 189 12.76 -4.37 -17.90
CA TRP A 189 12.14 -5.68 -17.81
C TRP A 189 12.77 -6.72 -18.73
N SER A 190 13.33 -6.29 -19.85
CA SER A 190 13.88 -7.24 -20.84
C SER A 190 15.39 -7.44 -20.79
N ARG A 191 16.06 -6.87 -19.79
CA ARG A 191 17.52 -6.97 -19.69
C ARG A 191 18.14 -8.37 -19.81
N PRO A 192 17.57 -9.37 -19.16
CA PRO A 192 18.15 -10.72 -19.20
C PRO A 192 18.08 -11.33 -20.59
N ASP A 193 17.19 -10.81 -21.43
CA ASP A 193 17.02 -11.26 -22.81
C ASP A 193 17.82 -10.30 -23.68
N ILE A 194 19.12 -10.55 -23.76
CA ILE A 194 20.07 -9.65 -24.42
C ILE A 194 19.71 -9.14 -25.82
N PRO A 195 19.40 -10.03 -26.76
CA PRO A 195 19.09 -9.62 -28.13
C PRO A 195 17.83 -8.74 -28.20
N LEU A 196 16.83 -9.06 -27.40
CA LEU A 196 15.59 -8.26 -27.37
C LEU A 196 15.86 -6.90 -26.74
N HIS A 197 16.52 -6.89 -25.59
CA HIS A 197 16.81 -5.65 -24.88
C HIS A 197 17.67 -4.69 -25.71
N ALA A 198 18.60 -5.25 -26.48
CA ALA A 198 19.49 -4.47 -27.34
C ALA A 198 18.75 -3.61 -28.39
N LEU A 199 17.51 -3.98 -28.73
CA LEU A 199 16.75 -3.20 -29.68
C LEU A 199 16.43 -1.81 -29.17
N ALA A 200 16.48 -1.64 -27.86
CA ALA A 200 16.11 -0.36 -27.25
C ALA A 200 17.31 0.57 -27.15
N MET A 201 18.49 0.07 -27.45
CA MET A 201 19.70 0.87 -27.35
C MET A 201 19.61 2.13 -28.20
N LEU A 202 19.73 3.28 -27.54
CA LEU A 202 19.67 4.59 -28.21
C LEU A 202 18.37 4.79 -28.97
N LYS A 203 17.27 4.33 -28.41
CA LYS A 203 15.98 4.45 -29.08
C LYS A 203 15.46 5.89 -29.06
N ASN A 204 16.08 6.74 -28.24
CA ASN A 204 15.69 8.14 -28.21
C ASN A 204 16.60 8.95 -29.12
N ALA A 205 16.00 9.78 -29.96
CA ALA A 205 16.75 10.56 -30.95
C ALA A 205 17.68 11.59 -30.33
N ARG A 206 18.85 11.70 -30.95
CA ARG A 206 19.86 12.66 -30.55
C ARG A 206 20.74 12.90 -31.77
N GLU A 207 21.50 13.98 -31.72
CA GLU A 207 22.34 14.39 -32.85
C GLU A 207 23.09 13.25 -33.54
N GLY A 208 22.85 13.12 -34.85
CA GLY A 208 23.61 12.20 -35.67
C GLY A 208 23.25 10.74 -35.58
N ILE A 209 22.21 10.43 -34.84
CA ILE A 209 21.79 9.05 -34.67
C ILE A 209 20.34 8.90 -35.13
N GLU A 210 20.10 7.87 -35.94
CA GLU A 210 18.77 7.62 -36.52
C GLU A 210 18.10 6.35 -35.99
N PRO A 211 17.24 6.52 -34.99
CA PRO A 211 16.50 5.39 -34.41
C PRO A 211 15.56 4.81 -35.44
N ASP A 212 15.55 3.50 -35.63
CA ASP A 212 14.64 2.92 -36.63
C ASP A 212 13.19 3.27 -36.32
N GLN A 213 12.88 3.38 -35.03
CA GLN A 213 11.53 3.76 -34.59
C GLN A 213 11.65 4.55 -33.30
N PRO A 214 11.72 5.87 -33.42
CA PRO A 214 11.93 6.78 -32.29
C PRO A 214 11.10 6.41 -31.06
N GLY A 215 11.78 6.24 -29.93
CA GLY A 215 11.11 5.91 -28.68
C GLY A 215 10.85 4.43 -28.48
N VAL A 216 11.27 3.61 -29.44
CA VAL A 216 11.00 2.17 -29.38
C VAL A 216 12.17 1.32 -29.85
N VAL A 217 12.69 1.63 -31.03
CA VAL A 217 13.82 0.88 -31.60
C VAL A 217 14.99 1.79 -32.01
N GLY A 218 16.20 1.40 -31.66
CA GLY A 218 17.38 2.19 -31.97
C GLY A 218 17.82 2.16 -33.42
N PRO A 219 19.04 2.62 -33.67
CA PRO A 219 19.56 2.76 -35.03
C PRO A 219 20.15 1.44 -35.53
N ILE A 220 19.36 0.37 -35.45
CA ILE A 220 19.87 -0.94 -35.81
C ILE A 220 20.31 -0.94 -37.25
N LYS A 221 19.47 -0.38 -38.12
CA LYS A 221 19.80 -0.33 -39.54
C LYS A 221 20.97 0.60 -39.85
N GLN A 222 21.14 1.67 -39.08
CA GLN A 222 22.29 2.54 -39.27
C GLN A 222 23.55 1.76 -38.88
N ILE A 223 23.45 0.98 -37.81
CA ILE A 223 24.58 0.17 -37.34
C ILE A 223 24.92 -0.90 -38.38
N GLU A 224 23.89 -1.61 -38.85
CA GLU A 224 24.08 -2.68 -39.84
C GLU A 224 24.72 -2.17 -41.12
N ALA A 225 24.30 -0.99 -41.57
CA ALA A 225 24.87 -0.39 -42.77
C ALA A 225 26.37 -0.15 -42.60
N LEU A 226 26.77 0.29 -41.41
CA LEU A 226 28.17 0.55 -41.15
C LEU A 226 28.96 -0.75 -41.08
N GLN A 227 28.30 -1.84 -40.74
CA GLN A 227 28.99 -3.12 -40.65
C GLN A 227 29.38 -3.63 -42.03
N GLN A 228 28.71 -3.11 -43.05
CA GLN A 228 28.97 -3.53 -44.43
C GLN A 228 30.29 -3.00 -44.99
N LYS A 229 30.92 -2.06 -44.29
CA LYS A 229 32.20 -1.54 -44.76
C LYS A 229 33.27 -2.61 -44.60
N GLY A 230 32.90 -3.71 -43.95
CA GLY A 230 33.80 -4.83 -43.79
C GLY A 230 34.58 -4.88 -42.50
N PHE A 231 34.52 -3.83 -41.70
CA PHE A 231 35.27 -3.81 -40.44
C PHE A 231 34.37 -3.84 -39.22
N PRO A 232 34.87 -4.40 -38.13
CA PRO A 232 34.14 -4.39 -36.86
C PRO A 232 33.94 -2.95 -36.40
N LEU A 233 32.90 -2.72 -35.61
CA LEU A 233 32.62 -1.37 -35.11
C LEU A 233 33.26 -1.10 -33.77
N ALA A 234 33.49 0.18 -33.49
CA ALA A 234 33.96 0.65 -32.20
C ALA A 234 33.00 1.72 -31.72
N TYR A 235 32.66 1.69 -30.44
CA TYR A 235 31.79 2.73 -29.90
C TYR A 235 32.66 3.92 -29.52
N VAL A 236 32.25 5.11 -29.94
CA VAL A 236 33.05 6.31 -29.71
C VAL A 236 32.24 7.52 -29.27
N GLY A 237 32.64 8.14 -28.16
CA GLY A 237 31.94 9.30 -27.66
C GLY A 237 32.82 10.20 -26.82
N ASP A 238 32.37 11.44 -26.59
CA ASP A 238 33.14 12.39 -25.78
C ASP A 238 33.15 11.98 -24.32
N VAL A 239 31.98 11.68 -23.78
CA VAL A 239 31.87 11.19 -22.42
C VAL A 239 31.04 9.93 -22.49
N VAL A 240 31.57 8.84 -21.97
CA VAL A 240 30.91 7.56 -22.13
C VAL A 240 30.71 6.75 -20.86
N GLY A 241 29.48 6.33 -20.64
CA GLY A 241 29.16 5.40 -19.57
C GLY A 241 28.90 5.97 -18.20
N THR A 242 28.48 7.23 -18.15
CA THR A 242 28.16 7.82 -16.86
C THR A 242 26.82 7.30 -16.37
N GLY A 243 26.55 7.50 -15.09
CA GLY A 243 25.27 7.13 -14.52
C GLY A 243 25.18 5.71 -14.01
N SER A 244 23.99 5.13 -14.18
CA SER A 244 23.67 3.79 -13.70
C SER A 244 24.68 2.72 -14.05
N SER A 245 24.80 1.71 -13.19
CA SER A 245 25.76 0.63 -13.37
C SER A 245 25.25 -0.50 -14.28
N ARG A 246 23.97 -0.46 -14.65
CA ARG A 246 23.35 -1.54 -15.41
C ARG A 246 24.23 -2.10 -16.51
N LYS A 247 24.59 -3.37 -16.34
CA LYS A 247 25.45 -4.06 -17.29
C LYS A 247 24.77 -4.17 -18.65
N SER A 248 23.45 -4.04 -18.64
CA SER A 248 22.66 -4.14 -19.86
C SER A 248 23.13 -3.17 -20.93
N ALA A 249 23.62 -2.01 -20.48
CA ALA A 249 24.18 -1.02 -21.40
C ALA A 249 25.36 -1.62 -22.14
N THR A 250 26.20 -2.33 -21.40
CA THR A 250 27.36 -2.97 -22.01
C THR A 250 26.95 -4.17 -22.85
N ASN A 251 26.06 -5.01 -22.30
CA ASN A 251 25.57 -6.17 -23.04
C ASN A 251 25.11 -5.77 -24.43
N SER A 252 24.35 -4.68 -24.50
CA SER A 252 23.80 -4.20 -25.75
C SER A 252 24.86 -3.76 -26.76
N VAL A 253 25.79 -2.92 -26.32
CA VAL A 253 26.86 -2.45 -27.20
C VAL A 253 27.60 -3.66 -27.78
N LEU A 254 28.01 -4.56 -26.91
CA LEU A 254 28.74 -5.74 -27.32
C LEU A 254 27.91 -6.67 -28.19
N TRP A 255 26.60 -6.70 -27.99
CA TRP A 255 25.75 -7.54 -28.82
C TRP A 255 25.92 -7.12 -30.27
N PHE A 256 26.05 -5.82 -30.49
CA PHE A 256 26.19 -5.26 -31.82
C PHE A 256 27.65 -5.20 -32.31
N MET A 257 28.57 -4.96 -31.39
CA MET A 257 29.97 -4.75 -31.77
C MET A 257 30.96 -5.76 -31.20
N GLY A 258 30.46 -6.83 -30.61
CA GLY A 258 31.34 -7.83 -30.03
C GLY A 258 31.38 -9.11 -30.84
N ASP A 259 32.02 -10.12 -30.27
CA ASP A 259 32.18 -11.42 -30.89
C ASP A 259 31.39 -12.48 -30.13
N ASP A 260 30.87 -13.47 -30.85
CA ASP A 260 30.17 -14.58 -30.23
C ASP A 260 31.09 -15.36 -29.31
N ILE A 261 30.50 -16.02 -28.32
CA ILE A 261 31.26 -16.88 -27.42
C ILE A 261 30.86 -18.31 -27.75
N PRO A 262 31.82 -19.11 -28.16
CA PRO A 262 31.54 -20.48 -28.59
C PRO A 262 30.65 -21.23 -27.61
N HIS A 263 29.52 -21.72 -28.12
CA HIS A 263 28.61 -22.59 -27.36
C HIS A 263 27.87 -21.92 -26.21
N VAL A 264 27.90 -20.59 -26.19
CA VAL A 264 27.19 -19.82 -25.19
C VAL A 264 26.23 -18.90 -25.95
N PRO A 265 24.94 -19.24 -25.92
CA PRO A 265 23.93 -18.50 -26.69
C PRO A 265 23.58 -17.11 -26.16
N ASN A 266 23.35 -16.19 -27.09
CA ASN A 266 22.83 -14.86 -26.81
C ASN A 266 23.65 -13.98 -25.91
N LYS A 267 24.96 -14.12 -25.97
CA LYS A 267 25.84 -13.31 -25.15
C LYS A 267 27.12 -13.11 -25.93
N ARG A 268 27.56 -11.86 -26.04
CA ARG A 268 28.73 -11.58 -26.83
C ARG A 268 29.83 -10.94 -25.96
N GLY A 269 31.08 -11.05 -26.38
CA GLY A 269 32.18 -10.47 -25.64
C GLY A 269 33.07 -9.65 -26.57
N GLY A 270 34.22 -9.22 -26.07
CA GLY A 270 35.16 -8.46 -26.88
C GLY A 270 34.70 -7.05 -27.16
N GLY A 271 35.19 -6.48 -28.25
CA GLY A 271 34.81 -5.13 -28.62
C GLY A 271 35.85 -4.09 -28.24
N LEU A 272 35.58 -2.86 -28.64
CA LEU A 272 36.49 -1.74 -28.43
C LEU A 272 35.64 -0.51 -28.17
N CYS A 273 36.05 0.28 -27.19
CA CYS A 273 35.29 1.46 -26.82
C CYS A 273 36.24 2.63 -26.58
N LEU A 274 35.92 3.78 -27.17
CA LEU A 274 36.79 4.94 -27.03
C LEU A 274 35.99 6.16 -26.60
N GLY A 275 36.47 6.82 -25.56
CA GLY A 275 35.80 8.02 -25.09
C GLY A 275 36.77 9.07 -24.59
N GLY A 276 36.39 10.33 -24.69
CA GLY A 276 37.22 11.40 -24.18
C GLY A 276 37.41 11.12 -22.71
N LYS A 277 36.32 10.74 -22.07
CA LYS A 277 36.31 10.35 -20.67
C LYS A 277 35.40 9.13 -20.54
N ILE A 278 35.82 8.14 -19.77
CA ILE A 278 35.00 6.95 -19.53
C ILE A 278 34.75 6.76 -18.05
N ALA A 279 33.49 6.85 -17.63
CA ALA A 279 33.13 6.66 -16.23
C ALA A 279 33.71 5.35 -15.66
N PRO A 280 34.20 5.42 -14.44
CA PRO A 280 34.90 4.29 -13.82
C PRO A 280 34.10 2.98 -13.78
N ILE A 281 32.84 3.01 -13.37
CA ILE A 281 32.07 1.77 -13.32
C ILE A 281 31.92 1.16 -14.71
N PHE A 282 31.66 2.00 -15.70
CA PHE A 282 31.47 1.53 -17.06
C PHE A 282 32.75 0.91 -17.56
N PHE A 283 33.86 1.60 -17.29
CA PHE A 283 35.17 1.11 -17.66
C PHE A 283 35.38 -0.32 -17.16
N ASN A 284 35.08 -0.54 -15.88
CA ASN A 284 35.25 -1.86 -15.26
C ASN A 284 34.39 -2.93 -15.90
N THR A 285 33.13 -2.58 -16.14
CA THR A 285 32.21 -3.52 -16.73
C THR A 285 32.68 -3.96 -18.11
N MET A 286 33.20 -3.00 -18.86
CA MET A 286 33.68 -3.27 -20.20
C MET A 286 34.90 -4.21 -20.15
N GLU A 287 35.85 -3.93 -19.25
CA GLU A 287 37.04 -4.78 -19.18
C GLU A 287 36.73 -6.18 -18.63
N ASP A 288 35.73 -6.27 -17.77
CA ASP A 288 35.35 -7.56 -17.20
C ASP A 288 34.68 -8.41 -18.27
N ALA A 289 34.09 -7.72 -19.25
CA ALA A 289 33.37 -8.40 -20.32
C ALA A 289 34.26 -8.71 -21.52
N GLY A 290 35.54 -8.34 -21.43
CA GLY A 290 36.47 -8.64 -22.50
C GLY A 290 36.67 -7.57 -23.55
N ALA A 291 36.07 -6.40 -23.35
CA ALA A 291 36.23 -5.31 -24.29
C ALA A 291 37.48 -4.53 -23.94
N LEU A 292 37.88 -3.63 -24.83
CA LEU A 292 39.05 -2.78 -24.60
C LEU A 292 38.61 -1.33 -24.57
N PRO A 293 38.57 -0.77 -23.37
CA PRO A 293 38.16 0.64 -23.19
C PRO A 293 39.40 1.51 -23.16
N ILE A 294 39.36 2.61 -23.89
CA ILE A 294 40.50 3.51 -24.00
C ILE A 294 40.04 4.97 -23.91
N GLU A 295 40.66 5.72 -23.01
CA GLU A 295 40.39 7.14 -22.91
C GLU A 295 41.35 7.87 -23.84
N VAL A 296 40.78 8.58 -24.81
CA VAL A 296 41.56 9.31 -25.81
C VAL A 296 40.77 10.47 -26.34
N ASP A 297 41.47 11.44 -26.92
CA ASP A 297 40.81 12.56 -27.57
C ASP A 297 40.06 11.99 -28.78
N VAL A 298 38.78 12.32 -28.90
CA VAL A 298 37.96 11.77 -29.96
C VAL A 298 37.47 12.82 -30.95
N SER A 299 37.90 14.06 -30.77
CA SER A 299 37.40 15.15 -31.62
C SER A 299 37.72 14.95 -33.10
N ASN A 300 38.76 14.18 -33.40
CA ASN A 300 39.13 13.93 -34.80
C ASN A 300 38.51 12.67 -35.37
N LEU A 301 37.69 11.98 -34.58
CA LEU A 301 37.05 10.76 -35.04
C LEU A 301 35.58 11.03 -35.39
N ASN A 302 35.19 10.68 -36.61
CA ASN A 302 33.86 10.98 -37.11
C ASN A 302 33.05 9.75 -37.46
N MET A 303 31.73 9.90 -37.40
CA MET A 303 30.81 8.82 -37.69
C MET A 303 31.15 8.23 -39.05
N GLY A 304 31.62 6.98 -39.04
CA GLY A 304 31.92 6.29 -40.27
C GLY A 304 33.39 6.27 -40.65
N ASP A 305 34.22 7.01 -39.94
CA ASP A 305 35.64 7.01 -40.23
C ASP A 305 36.20 5.62 -40.03
N VAL A 306 37.04 5.15 -40.95
CA VAL A 306 37.71 3.88 -40.74
C VAL A 306 39.01 4.24 -40.05
N ILE A 307 39.42 3.43 -39.09
CA ILE A 307 40.54 3.82 -38.26
C ILE A 307 41.44 2.65 -37.87
N ASP A 308 42.71 2.96 -37.62
CA ASP A 308 43.68 1.96 -37.21
C ASP A 308 44.09 2.25 -35.78
N VAL A 309 43.86 1.28 -34.89
CA VAL A 309 44.20 1.44 -33.49
C VAL A 309 45.38 0.53 -33.16
N TYR A 310 46.42 1.10 -32.58
CA TYR A 310 47.64 0.34 -32.24
C TYR A 310 47.77 0.34 -30.74
N PRO A 311 47.34 -0.74 -30.11
CA PRO A 311 47.32 -0.82 -28.65
C PRO A 311 48.71 -0.71 -28.05
N TYR A 312 49.65 -1.50 -28.53
CA TYR A 312 50.99 -1.50 -27.96
C TYR A 312 51.72 -0.17 -28.16
N LYS A 313 51.45 0.51 -29.27
CA LYS A 313 52.11 1.79 -29.55
C LYS A 313 51.38 3.00 -28.97
N GLY A 314 50.08 2.87 -28.76
CA GLY A 314 49.29 3.95 -28.20
C GLY A 314 48.96 5.04 -29.21
N GLU A 315 48.64 4.62 -30.43
CA GLU A 315 48.36 5.57 -31.51
C GLU A 315 47.10 5.21 -32.28
N VAL A 316 46.38 6.25 -32.72
CA VAL A 316 45.21 6.08 -33.57
C VAL A 316 45.45 6.83 -34.89
N ARG A 317 45.35 6.12 -36.01
CA ARG A 317 45.62 6.71 -37.32
C ARG A 317 44.52 6.47 -38.32
N ASN A 318 44.38 7.40 -39.26
CA ASN A 318 43.45 7.22 -40.35
C ASN A 318 43.92 6.03 -41.16
N HIS A 319 43.00 5.17 -41.58
CA HIS A 319 43.36 3.97 -42.31
C HIS A 319 43.82 4.24 -43.74
N GLU A 320 43.18 5.20 -44.40
CA GLU A 320 43.53 5.53 -45.79
C GLU A 320 44.79 6.38 -45.88
N THR A 321 44.93 7.33 -44.98
CA THR A 321 46.03 8.27 -45.03
C THR A 321 47.26 7.90 -44.20
N GLY A 322 47.04 7.25 -43.06
CA GLY A 322 48.15 6.92 -42.19
C GLY A 322 48.42 8.08 -41.25
N GLU A 323 47.63 9.12 -41.39
CA GLU A 323 47.73 10.31 -40.56
C GLU A 323 47.54 9.99 -39.08
N LEU A 324 48.30 10.64 -38.22
CA LEU A 324 48.13 10.47 -36.78
C LEU A 324 46.90 11.26 -36.36
N LEU A 325 45.96 10.60 -35.68
CA LEU A 325 44.73 11.26 -35.25
C LEU A 325 44.78 11.56 -33.75
N ALA A 326 45.41 10.66 -33.01
CA ALA A 326 45.56 10.82 -31.56
C ALA A 326 46.49 9.79 -30.98
N THR A 327 46.92 10.05 -29.75
CA THR A 327 47.80 9.18 -29.01
C THR A 327 47.15 8.84 -27.66
N PHE A 328 47.58 7.76 -27.03
CA PHE A 328 46.98 7.37 -25.76
C PHE A 328 47.82 6.35 -25.01
N GLU A 329 47.42 6.11 -23.76
CA GLU A 329 48.04 5.09 -22.93
C GLU A 329 46.95 4.25 -22.26
N LEU A 330 47.10 2.94 -22.32
CA LEU A 330 46.17 2.07 -21.62
C LEU A 330 46.31 2.36 -20.12
N LYS A 331 45.22 2.26 -19.37
CA LYS A 331 45.29 2.56 -17.93
C LYS A 331 46.30 1.67 -17.21
N THR A 332 46.39 0.41 -17.64
CA THR A 332 47.36 -0.54 -17.12
C THR A 332 47.81 -1.42 -18.27
N ASP A 333 48.96 -2.06 -18.12
CA ASP A 333 49.44 -2.99 -19.15
C ASP A 333 48.70 -4.32 -19.04
N VAL A 334 48.19 -4.62 -17.85
CA VAL A 334 47.44 -5.84 -17.62
C VAL A 334 46.18 -5.95 -18.50
N LEU A 335 45.70 -4.82 -19.00
CA LEU A 335 44.53 -4.82 -19.89
C LEU A 335 44.76 -5.74 -21.08
N ILE A 336 45.98 -5.74 -21.60
CA ILE A 336 46.34 -6.61 -22.71
C ILE A 336 46.05 -8.07 -22.39
N ASP A 337 46.44 -8.51 -21.19
CA ASP A 337 46.10 -9.87 -20.77
C ASP A 337 44.59 -10.05 -20.61
N GLU A 338 43.93 -9.03 -20.09
CA GLU A 338 42.50 -9.14 -19.84
C GLU A 338 41.75 -9.43 -21.13
N VAL A 339 42.09 -8.69 -22.18
CA VAL A 339 41.42 -8.90 -23.46
C VAL A 339 41.68 -10.29 -24.03
N ARG A 340 42.91 -10.77 -23.87
CA ARG A 340 43.30 -12.07 -24.40
C ARG A 340 42.50 -13.19 -23.72
N ALA A 341 42.39 -13.08 -22.39
CA ALA A 341 41.66 -14.06 -21.59
C ALA A 341 40.16 -14.06 -21.83
N GLY A 342 39.65 -13.03 -22.50
CA GLY A 342 38.22 -12.90 -22.73
C GLY A 342 37.58 -12.09 -21.62
N GLY A 343 38.40 -11.31 -20.93
CA GLY A 343 37.92 -10.50 -19.84
C GLY A 343 38.79 -10.62 -18.60
N ARG A 344 38.76 -9.55 -17.79
CA ARG A 344 39.49 -9.49 -16.54
C ARG A 344 39.12 -10.63 -15.57
N ILE A 345 37.83 -10.88 -15.42
CA ILE A 345 37.38 -11.95 -14.53
C ILE A 345 37.97 -13.33 -14.88
N PRO A 346 37.75 -13.81 -16.11
CA PRO A 346 38.38 -15.07 -16.54
C PRO A 346 39.89 -15.01 -16.35
N LEU A 347 40.50 -13.86 -16.59
CA LEU A 347 41.93 -13.73 -16.39
C LEU A 347 42.29 -14.04 -14.94
N ILE A 348 41.68 -13.34 -14.00
CA ILE A 348 41.97 -13.57 -12.58
C ILE A 348 41.81 -15.05 -12.21
N ILE A 349 40.68 -15.63 -12.58
CA ILE A 349 40.40 -17.02 -12.25
C ILE A 349 41.40 -18.00 -12.86
N GLY A 350 41.67 -17.84 -14.16
CA GLY A 350 42.60 -18.71 -14.86
C GLY A 350 44.02 -18.58 -14.36
N ARG A 351 44.46 -17.34 -14.18
CA ARG A 351 45.79 -17.04 -13.67
C ARG A 351 46.00 -17.69 -12.30
N GLY A 352 44.93 -17.76 -11.51
CA GLY A 352 45.01 -18.39 -10.20
C GLY A 352 45.09 -19.90 -10.30
N LEU A 353 44.54 -20.45 -11.37
CA LEU A 353 44.54 -21.89 -11.57
C LEU A 353 45.97 -22.30 -11.92
N THR A 354 46.57 -21.56 -12.82
CA THR A 354 47.93 -21.79 -13.25
C THR A 354 48.87 -21.70 -12.05
N THR A 355 48.76 -20.61 -11.32
CA THR A 355 49.56 -20.39 -10.12
C THR A 355 49.44 -21.58 -9.16
N LYS A 356 48.20 -22.03 -8.96
CA LYS A 356 47.93 -23.12 -8.04
C LYS A 356 48.59 -24.41 -8.52
N ALA A 357 48.59 -24.61 -9.83
CA ALA A 357 49.19 -25.81 -10.42
C ALA A 357 50.71 -25.73 -10.39
N ARG A 358 51.23 -24.51 -10.50
CA ARG A 358 52.66 -24.28 -10.52
C ARG A 358 53.26 -24.57 -9.15
N GLU A 359 52.45 -24.41 -8.11
CA GLU A 359 52.92 -24.62 -6.75
C GLU A 359 52.76 -26.08 -6.34
N ALA A 360 51.83 -26.77 -6.99
CA ALA A 360 51.59 -28.18 -6.67
C ALA A 360 52.71 -29.02 -7.28
N LEU A 361 53.08 -28.68 -8.50
CA LEU A 361 54.14 -29.40 -9.22
C LEU A 361 55.53 -28.93 -8.83
N GLY A 362 55.61 -28.01 -7.88
CA GLY A 362 56.89 -27.51 -7.39
C GLY A 362 57.68 -26.64 -8.35
N LEU A 363 56.99 -25.99 -9.27
CA LEU A 363 57.65 -25.09 -10.23
C LEU A 363 57.88 -23.70 -9.64
N PRO A 364 58.72 -22.90 -10.30
CA PRO A 364 59.07 -21.56 -9.81
C PRO A 364 57.88 -20.61 -9.68
N HIS A 365 57.69 -19.78 -10.71
CA HIS A 365 56.62 -18.80 -10.75
C HIS A 365 56.45 -18.40 -12.20
N SER A 366 55.23 -18.34 -12.69
CA SER A 366 55.00 -18.05 -14.09
C SER A 366 55.54 -16.71 -14.54
N ASP A 367 56.09 -16.69 -15.75
CA ASP A 367 56.57 -15.47 -16.39
C ASP A 367 55.68 -15.13 -17.58
N VAL A 368 54.66 -15.96 -17.80
CA VAL A 368 53.74 -15.78 -18.92
C VAL A 368 52.82 -14.55 -18.78
N PHE A 369 52.42 -14.23 -17.57
CA PHE A 369 51.50 -13.12 -17.35
C PHE A 369 52.19 -11.81 -16.98
N ARG A 370 51.63 -10.71 -17.44
CA ARG A 370 52.16 -9.39 -17.12
C ARG A 370 51.75 -9.05 -15.69
N GLN A 371 52.67 -8.50 -14.92
CA GLN A 371 52.37 -8.12 -13.54
C GLN A 371 52.00 -6.67 -13.48
N ALA A 372 51.22 -6.30 -12.47
CA ALA A 372 50.83 -4.90 -12.29
C ALA A 372 52.07 -4.12 -11.88
N LYS A 373 52.14 -2.86 -12.33
CA LYS A 373 53.29 -2.00 -12.04
C LYS A 373 53.56 -1.89 -10.53
N ASP A 374 54.81 -1.60 -10.19
CA ASP A 374 55.19 -1.45 -8.80
C ASP A 374 55.05 0.00 -8.37
N VAL A 375 54.70 0.21 -7.11
CA VAL A 375 54.58 1.55 -6.55
C VAL A 375 55.89 1.91 -5.86
N ALA A 376 56.35 3.14 -6.06
CA ALA A 376 57.62 3.62 -5.51
C ALA A 376 57.69 3.67 -3.99
N GLU A 377 58.86 4.09 -3.49
CA GLU A 377 59.15 4.22 -2.06
C GLU A 377 57.94 4.48 -1.16
N SER A 378 57.64 3.52 -0.29
CA SER A 378 56.52 3.65 0.64
C SER A 378 56.89 4.52 1.85
N ASP A 379 57.21 5.79 1.60
CA ASP A 379 57.58 6.72 2.67
C ASP A 379 56.38 7.36 3.38
N ARG A 380 55.52 8.02 2.61
CA ARG A 380 54.41 8.79 3.15
C ARG A 380 53.24 8.00 3.72
N GLY A 381 52.36 8.70 4.44
CA GLY A 381 51.20 8.09 5.08
C GLY A 381 50.07 7.82 4.12
N PHE A 382 48.93 7.43 4.67
CA PHE A 382 47.81 7.04 3.81
C PHE A 382 46.56 7.82 4.13
N SER A 383 45.70 7.96 3.12
CA SER A 383 44.41 8.60 3.32
C SER A 383 43.46 7.59 3.94
N LEU A 384 42.35 8.08 4.45
CA LEU A 384 41.35 7.22 5.09
C LEU A 384 41.02 6.00 4.22
N ALA A 385 40.63 6.26 2.98
CA ALA A 385 40.25 5.18 2.05
C ALA A 385 41.37 4.20 1.78
N GLN A 386 42.59 4.70 1.72
CA GLN A 386 43.75 3.86 1.45
C GLN A 386 43.99 2.91 2.61
N LYS A 387 43.68 3.38 3.81
CA LYS A 387 43.77 2.57 5.02
C LYS A 387 42.64 1.54 5.05
N MET A 388 41.46 1.95 4.60
CA MET A 388 40.33 1.02 4.60
C MET A 388 40.61 -0.13 3.66
N VAL A 389 41.03 0.20 2.44
CA VAL A 389 41.30 -0.83 1.47
C VAL A 389 42.49 -1.67 1.93
N GLY A 390 43.50 -1.02 2.50
CA GLY A 390 44.68 -1.73 2.98
C GLY A 390 44.32 -2.80 3.99
N ARG A 391 43.51 -2.41 4.97
CA ARG A 391 43.07 -3.33 6.01
C ARG A 391 42.31 -4.50 5.40
N ALA A 392 41.53 -4.25 4.35
CA ALA A 392 40.81 -5.35 3.70
C ALA A 392 41.77 -6.27 2.94
N CYS A 393 43.03 -5.86 2.84
CA CYS A 393 44.02 -6.65 2.12
C CYS A 393 45.12 -7.20 3.04
N GLY A 394 44.94 -7.01 4.34
CA GLY A 394 45.91 -7.50 5.30
C GLY A 394 47.16 -6.63 5.41
N VAL A 395 47.04 -5.38 4.98
CA VAL A 395 48.16 -4.45 5.02
C VAL A 395 47.74 -3.11 5.65
N LYS A 396 48.70 -2.26 5.97
CA LYS A 396 48.43 -0.96 6.58
C LYS A 396 47.75 0.01 5.63
N GLY A 397 48.02 -0.13 4.34
CA GLY A 397 47.47 0.77 3.35
C GLY A 397 47.85 0.42 1.93
N ILE A 398 47.02 0.83 0.99
CA ILE A 398 47.29 0.56 -0.41
C ILE A 398 47.45 1.85 -1.19
N ARG A 399 48.49 1.93 -2.01
CA ARG A 399 48.74 3.17 -2.75
C ARG A 399 48.06 3.22 -4.12
N PRO A 400 47.69 4.42 -4.54
CA PRO A 400 47.06 4.63 -5.84
C PRO A 400 47.89 4.01 -6.95
N GLY A 401 47.24 3.31 -7.87
CA GLY A 401 47.95 2.69 -8.97
C GLY A 401 48.23 1.24 -8.68
N ALA A 402 48.17 0.85 -7.41
CA ALA A 402 48.44 -0.54 -7.08
C ALA A 402 47.24 -1.40 -7.38
N TYR A 403 47.50 -2.64 -7.76
CA TYR A 403 46.45 -3.60 -7.97
C TYR A 403 46.28 -4.36 -6.68
N CYS A 404 45.04 -4.54 -6.24
CA CYS A 404 44.80 -5.29 -5.03
C CYS A 404 43.45 -6.02 -5.09
N GLU A 405 43.20 -6.84 -4.08
CA GLU A 405 42.00 -7.65 -4.03
C GLU A 405 41.37 -7.66 -2.65
N PRO A 406 40.68 -6.58 -2.30
CA PRO A 406 40.07 -6.44 -0.97
C PRO A 406 38.99 -7.47 -0.69
N LYS A 407 38.96 -7.91 0.55
CA LYS A 407 37.95 -8.82 1.05
C LYS A 407 36.60 -8.10 1.05
N MET A 408 35.55 -8.78 0.63
CA MET A 408 34.24 -8.18 0.57
C MET A 408 33.42 -8.50 1.83
N THR A 409 33.14 -7.48 2.63
CA THR A 409 32.35 -7.66 3.85
C THR A 409 30.85 -7.59 3.58
N SER A 410 30.44 -6.67 2.71
CA SER A 410 29.02 -6.52 2.38
C SER A 410 28.81 -6.36 0.89
N VAL A 411 27.83 -7.07 0.36
CA VAL A 411 27.49 -6.97 -1.05
C VAL A 411 25.99 -6.73 -1.20
N GLY A 412 25.61 -5.66 -1.90
CA GLY A 412 24.20 -5.38 -2.12
C GLY A 412 23.73 -5.73 -3.52
N SER A 413 22.46 -6.07 -3.64
CA SER A 413 21.86 -6.36 -4.94
C SER A 413 20.40 -5.91 -4.94
N GLN A 414 19.97 -5.27 -6.02
CA GLN A 414 18.58 -4.83 -6.11
C GLN A 414 17.87 -5.55 -7.25
N ASP A 415 16.61 -5.20 -7.51
CA ASP A 415 15.82 -6.02 -8.44
C ASP A 415 15.85 -5.71 -9.93
N THR A 416 16.53 -4.64 -10.33
CA THR A 416 16.67 -4.39 -11.77
C THR A 416 18.05 -4.85 -12.29
N THR A 417 19.05 -4.97 -11.42
CA THR A 417 20.29 -5.65 -11.82
C THR A 417 20.29 -7.11 -11.36
N GLY A 418 19.39 -7.43 -10.42
CA GLY A 418 19.30 -8.76 -9.83
C GLY A 418 19.27 -9.93 -10.81
N PRO A 419 18.30 -9.89 -11.72
CA PRO A 419 18.18 -10.93 -12.74
C PRO A 419 19.47 -11.11 -13.53
N MET A 420 20.17 -10.02 -13.86
CA MET A 420 21.43 -10.14 -14.59
C MET A 420 22.51 -10.73 -13.70
N THR A 421 22.55 -10.25 -12.45
CA THR A 421 23.53 -10.75 -11.51
C THR A 421 23.31 -12.23 -11.26
N ARG A 422 22.05 -12.64 -11.21
CA ARG A 422 21.73 -14.04 -11.02
C ARG A 422 22.28 -14.84 -12.20
N ASP A 423 22.11 -14.33 -13.40
CA ASP A 423 22.61 -15.02 -14.59
C ASP A 423 24.13 -15.12 -14.59
N GLU A 424 24.79 -14.03 -14.20
CA GLU A 424 26.24 -14.01 -14.16
C GLU A 424 26.73 -15.01 -13.12
N LEU A 425 25.98 -15.13 -12.03
CA LEU A 425 26.34 -16.09 -10.99
C LEU A 425 26.24 -17.52 -11.51
N LYS A 426 25.25 -17.76 -12.38
CA LYS A 426 25.09 -19.08 -12.97
C LYS A 426 26.27 -19.38 -13.88
N ASP A 427 26.69 -18.37 -14.64
CA ASP A 427 27.80 -18.52 -15.57
C ASP A 427 29.10 -18.82 -14.83
N LEU A 428 29.18 -18.37 -13.59
CA LEU A 428 30.37 -18.57 -12.79
C LEU A 428 30.25 -19.83 -11.96
N ALA A 429 29.17 -20.56 -12.21
CA ALA A 429 28.92 -21.82 -11.54
C ALA A 429 28.88 -21.65 -10.02
N CYS A 430 28.34 -20.52 -9.57
CA CYS A 430 28.26 -20.27 -8.13
C CYS A 430 27.10 -20.99 -7.45
N LEU A 431 27.43 -21.78 -6.43
CA LEU A 431 26.43 -22.52 -5.67
C LEU A 431 26.34 -22.01 -4.23
N GLY A 432 27.24 -21.13 -3.83
CA GLY A 432 27.24 -20.56 -2.49
C GLY A 432 28.05 -19.28 -2.45
N PHE A 433 27.69 -18.35 -1.56
CA PHE A 433 28.38 -17.08 -1.44
C PHE A 433 29.53 -17.17 -0.44
N SER A 434 30.64 -16.48 -0.75
CA SER A 434 31.77 -16.41 0.18
C SER A 434 31.87 -15.04 0.82
N ALA A 435 31.19 -14.06 0.25
CA ALA A 435 31.21 -12.74 0.87
C ALA A 435 30.48 -12.88 2.19
N ASP A 436 30.90 -12.11 3.19
CA ASP A 436 30.33 -12.21 4.52
C ASP A 436 28.83 -11.95 4.56
N LEU A 437 28.36 -11.04 3.72
CA LEU A 437 26.94 -10.70 3.67
C LEU A 437 26.55 -10.27 2.27
N VAL A 438 25.50 -10.89 1.74
CA VAL A 438 24.95 -10.51 0.46
C VAL A 438 23.47 -10.26 0.71
N MET A 439 23.01 -9.07 0.39
CA MET A 439 21.63 -8.70 0.61
C MET A 439 20.96 -8.37 -0.72
N GLN A 440 19.70 -8.78 -0.87
CA GLN A 440 18.95 -8.55 -2.10
C GLN A 440 17.64 -7.84 -1.79
N SER A 441 17.35 -6.75 -2.49
CA SER A 441 16.14 -5.99 -2.24
C SER A 441 15.16 -6.05 -3.42
N PHE A 442 13.96 -5.52 -3.19
CA PHE A 442 12.93 -5.44 -4.21
C PHE A 442 12.29 -4.07 -4.19
N CYS A 443 13.10 -3.07 -4.51
CA CYS A 443 12.71 -1.65 -4.46
C CYS A 443 12.40 -1.00 -5.80
N HIS A 444 12.92 -1.55 -6.90
CA HIS A 444 12.69 -0.90 -8.19
C HIS A 444 11.46 -1.39 -8.97
N THR A 445 10.93 -2.57 -8.64
CA THR A 445 9.79 -3.10 -9.40
C THR A 445 8.55 -3.39 -8.57
N ALA A 446 8.55 -3.02 -7.31
CA ALA A 446 7.46 -3.43 -6.41
C ALA A 446 6.15 -2.69 -6.60
N ALA A 447 6.23 -1.41 -6.95
CA ALA A 447 5.01 -0.62 -7.07
C ALA A 447 4.09 -1.08 -8.17
N TYR A 448 4.60 -1.19 -9.40
CA TYR A 448 3.73 -1.56 -10.52
C TYR A 448 4.33 -2.67 -11.36
N PRO A 449 4.38 -3.87 -10.79
CA PRO A 449 5.05 -5.01 -11.42
C PRO A 449 4.40 -5.49 -12.70
N LYS A 450 5.24 -5.83 -13.67
CA LYS A 450 4.80 -6.54 -14.86
C LYS A 450 4.84 -8.02 -14.49
N PRO A 451 4.18 -8.86 -15.27
CA PRO A 451 4.20 -10.30 -15.03
C PRO A 451 5.62 -10.83 -14.85
N VAL A 452 6.56 -10.39 -15.70
CA VAL A 452 7.93 -10.87 -15.54
C VAL A 452 8.56 -10.44 -14.20
N ASP A 453 8.19 -9.24 -13.72
CA ASP A 453 8.67 -8.78 -12.42
C ASP A 453 8.12 -9.67 -11.29
N VAL A 454 6.85 -10.05 -11.40
CA VAL A 454 6.22 -10.96 -10.45
C VAL A 454 6.99 -12.27 -10.35
N ASN A 455 7.41 -12.80 -11.50
CA ASN A 455 8.22 -14.02 -11.50
C ASN A 455 9.52 -13.74 -10.77
N THR A 456 10.07 -12.55 -11.01
CA THR A 456 11.29 -12.17 -10.32
C THR A 456 11.03 -12.20 -8.81
N HIS A 457 9.89 -11.65 -8.38
CA HIS A 457 9.55 -11.62 -6.96
C HIS A 457 9.47 -13.01 -6.35
N HIS A 458 8.92 -13.97 -7.10
CA HIS A 458 8.72 -15.31 -6.56
C HIS A 458 9.93 -16.21 -6.69
N THR A 459 10.95 -15.75 -7.39
CA THR A 459 12.03 -16.66 -7.70
C THR A 459 13.41 -16.19 -7.22
N LEU A 460 13.67 -14.88 -7.29
CA LEU A 460 14.98 -14.38 -6.89
C LEU A 460 15.31 -14.56 -5.39
N PRO A 461 14.35 -14.37 -4.49
CA PRO A 461 14.60 -14.55 -3.05
C PRO A 461 15.24 -15.90 -2.72
N ASP A 462 14.64 -17.00 -3.19
CA ASP A 462 15.19 -18.32 -2.95
C ASP A 462 16.58 -18.47 -3.54
N PHE A 463 16.74 -18.07 -4.79
CA PHE A 463 18.05 -18.14 -5.42
C PHE A 463 19.10 -17.50 -4.52
N ILE A 464 18.72 -16.39 -3.87
CA ILE A 464 19.64 -15.68 -2.99
C ILE A 464 19.81 -16.34 -1.62
N MET A 465 18.70 -16.71 -1.00
CA MET A 465 18.78 -17.29 0.34
C MET A 465 19.46 -18.66 0.34
N ASN A 466 19.22 -19.44 -0.71
CA ASN A 466 19.85 -20.76 -0.83
C ASN A 466 21.36 -20.68 -0.88
N ARG A 467 21.88 -19.53 -1.31
CA ARG A 467 23.31 -19.34 -1.40
C ARG A 467 23.85 -18.68 -0.14
N GLY A 468 22.98 -18.47 0.84
CA GLY A 468 23.39 -17.89 2.10
C GLY A 468 23.17 -16.39 2.21
N GLY A 469 22.58 -15.80 1.19
CA GLY A 469 22.31 -14.37 1.18
C GLY A 469 21.03 -13.98 1.92
N VAL A 470 20.90 -12.70 2.20
CA VAL A 470 19.71 -12.18 2.86
C VAL A 470 18.79 -11.53 1.86
N SER A 471 17.50 -11.83 1.95
CA SER A 471 16.54 -11.30 1.01
C SER A 471 15.43 -10.51 1.67
N LEU A 472 15.15 -9.34 1.13
CA LEU A 472 14.06 -8.52 1.60
C LEU A 472 12.79 -8.91 0.83
N ARG A 473 11.72 -8.13 1.00
CA ARG A 473 10.45 -8.40 0.32
C ARG A 473 9.95 -7.19 -0.45
N PRO A 474 9.19 -7.44 -1.52
CA PRO A 474 8.58 -6.34 -2.27
C PRO A 474 7.74 -5.53 -1.29
N GLY A 475 7.92 -4.23 -1.24
CA GLY A 475 7.21 -3.40 -0.30
C GLY A 475 8.07 -2.98 0.89
N ASP A 476 9.24 -3.60 1.07
CA ASP A 476 10.08 -3.26 2.22
C ASP A 476 10.76 -1.91 2.01
N GLY A 477 11.00 -1.58 0.76
CA GLY A 477 11.61 -0.30 0.45
C GLY A 477 12.99 -0.38 -0.16
N VAL A 478 13.62 0.79 -0.24
CA VAL A 478 14.88 1.00 -0.95
C VAL A 478 16.13 0.29 -0.44
N ILE A 479 16.87 -0.31 -1.38
CA ILE A 479 18.07 -1.06 -1.03
C ILE A 479 19.01 -0.40 -0.02
N HIS A 480 19.45 0.82 -0.28
CA HIS A 480 20.46 1.44 0.58
C HIS A 480 19.99 1.77 1.98
N SER A 481 18.70 2.08 2.13
CA SER A 481 18.17 2.39 3.44
C SER A 481 18.27 1.18 4.35
N TRP A 482 18.21 0.00 3.75
CA TRP A 482 18.31 -1.22 4.53
C TRP A 482 19.75 -1.67 4.61
N LEU A 483 20.40 -1.71 3.45
CA LEU A 483 21.78 -2.16 3.36
C LEU A 483 22.69 -1.36 4.29
N ASN A 484 22.50 -0.04 4.35
CA ASN A 484 23.34 0.77 5.24
C ASN A 484 23.21 0.36 6.71
N ARG A 485 22.04 -0.15 7.08
CA ARG A 485 21.83 -0.58 8.46
C ARG A 485 22.40 -1.99 8.70
N MET A 486 23.14 -2.52 7.73
CA MET A 486 23.75 -3.84 7.91
C MET A 486 25.27 -3.79 7.85
N LEU A 487 25.82 -2.60 7.67
CA LEU A 487 27.25 -2.42 7.49
C LEU A 487 28.10 -2.41 8.75
N LEU A 488 29.34 -2.82 8.61
CA LEU A 488 30.32 -2.74 9.68
C LEU A 488 31.27 -1.59 9.36
N PRO A 489 31.58 -0.78 10.35
CA PRO A 489 32.50 0.35 10.17
C PRO A 489 33.86 -0.04 9.60
N ASP A 490 34.44 0.83 8.79
CA ASP A 490 35.80 0.64 8.26
C ASP A 490 36.00 -0.65 7.49
N THR A 491 34.96 -1.12 6.83
CA THR A 491 35.12 -2.33 6.04
C THR A 491 34.83 -2.04 4.58
N VAL A 492 35.10 -2.99 3.71
CA VAL A 492 34.97 -2.76 2.28
C VAL A 492 33.89 -3.62 1.63
N GLY A 493 33.23 -3.08 0.62
CA GLY A 493 32.16 -3.81 -0.04
C GLY A 493 31.90 -3.36 -1.46
N THR A 494 30.79 -3.83 -2.01
CA THR A 494 30.37 -3.44 -3.35
C THR A 494 28.88 -3.70 -3.49
N GLY A 495 28.32 -3.50 -4.67
CA GLY A 495 26.90 -3.73 -4.88
C GLY A 495 26.45 -3.52 -6.30
N GLY A 496 25.41 -4.23 -6.70
CA GLY A 496 24.90 -4.11 -8.06
C GLY A 496 24.04 -2.88 -8.21
N ASP A 497 24.59 -1.72 -7.85
CA ASP A 497 23.87 -0.45 -7.96
C ASP A 497 24.85 0.71 -7.78
N SER A 498 24.80 1.67 -8.69
CA SER A 498 25.80 2.72 -8.67
C SER A 498 25.77 3.55 -7.40
N HIS A 499 24.63 3.54 -6.72
CA HIS A 499 24.48 4.30 -5.47
C HIS A 499 24.84 3.49 -4.22
N THR A 500 25.56 2.40 -4.40
CA THR A 500 26.06 1.69 -3.24
C THR A 500 27.25 2.50 -2.76
N ARG A 501 26.97 3.45 -1.88
CA ARG A 501 28.02 4.33 -1.38
C ARG A 501 28.01 4.33 0.12
N PHE A 502 28.59 3.28 0.71
CA PHE A 502 28.60 3.11 2.16
C PHE A 502 28.92 4.40 2.92
N PRO A 503 28.03 4.81 3.82
CA PRO A 503 28.26 6.01 4.66
C PRO A 503 29.29 5.70 5.75
N ILE A 504 29.49 4.41 6.06
CA ILE A 504 30.58 3.99 6.93
C ILE A 504 31.35 2.91 6.17
N GLY A 505 32.67 2.91 6.26
CA GLY A 505 33.46 2.00 5.44
C GLY A 505 33.46 2.53 4.02
N ILE A 506 33.83 1.70 3.05
CA ILE A 506 33.84 2.13 1.67
C ILE A 506 33.37 1.03 0.70
N SER A 507 32.62 1.42 -0.31
CA SER A 507 32.15 0.48 -1.33
C SER A 507 32.54 0.95 -2.73
N PHE A 508 32.79 -0.01 -3.62
CA PHE A 508 33.11 0.27 -5.03
C PHE A 508 32.07 -0.41 -5.90
N PRO A 509 31.03 0.33 -6.23
CA PRO A 509 29.89 -0.18 -7.01
C PRO A 509 30.38 -0.83 -8.30
N ALA A 510 29.63 -1.78 -8.83
CA ALA A 510 30.05 -2.49 -10.02
C ALA A 510 28.92 -3.10 -10.84
N GLY A 511 29.24 -3.52 -12.06
CA GLY A 511 28.28 -4.19 -12.92
C GLY A 511 28.05 -5.60 -12.41
N SER A 512 27.04 -6.25 -12.96
CA SER A 512 26.62 -7.59 -12.49
C SER A 512 27.70 -8.67 -12.52
N GLY A 513 28.59 -8.59 -13.50
CA GLY A 513 29.65 -9.56 -13.62
C GLY A 513 30.56 -9.55 -12.41
N LEU A 514 31.04 -8.38 -12.05
CA LEU A 514 31.95 -8.24 -10.92
C LEU A 514 31.21 -8.44 -9.59
N VAL A 515 29.95 -8.01 -9.51
CA VAL A 515 29.18 -8.24 -8.29
C VAL A 515 29.03 -9.75 -8.05
N ALA A 516 28.79 -10.49 -9.13
CA ALA A 516 28.69 -11.95 -9.04
C ALA A 516 30.00 -12.54 -8.52
N PHE A 517 31.10 -12.11 -9.11
CA PHE A 517 32.42 -12.62 -8.74
C PHE A 517 32.72 -12.31 -7.27
N ALA A 518 32.41 -11.08 -6.86
CA ALA A 518 32.65 -10.65 -5.50
C ALA A 518 31.79 -11.42 -4.51
N ALA A 519 30.54 -11.66 -4.88
CA ALA A 519 29.66 -12.46 -4.04
C ALA A 519 30.18 -13.88 -3.87
N ALA A 520 30.58 -14.49 -4.99
CA ALA A 520 31.02 -15.88 -4.98
C ALA A 520 32.36 -16.12 -4.27
N THR A 521 33.36 -15.32 -4.59
CA THR A 521 34.70 -15.52 -4.03
C THR A 521 34.99 -14.72 -2.77
N GLY A 522 34.15 -13.73 -2.47
CA GLY A 522 34.38 -12.89 -1.31
C GLY A 522 35.52 -11.90 -1.50
N VAL A 523 35.94 -11.72 -2.74
CA VAL A 523 37.05 -10.80 -3.02
C VAL A 523 36.74 -9.98 -4.27
N MET A 524 37.37 -8.82 -4.42
CA MET A 524 37.17 -8.01 -5.62
C MET A 524 38.48 -7.41 -6.16
N PRO A 525 38.78 -7.64 -7.43
CA PRO A 525 39.95 -7.02 -8.07
C PRO A 525 39.79 -5.51 -8.07
N LEU A 526 40.87 -4.78 -7.86
CA LEU A 526 40.79 -3.34 -7.83
C LEU A 526 42.11 -2.69 -8.17
N ASP A 527 42.10 -1.82 -9.18
CA ASP A 527 43.25 -0.96 -9.46
C ASP A 527 42.98 0.25 -8.61
N MET A 528 43.74 0.40 -7.52
CA MET A 528 43.52 1.50 -6.58
C MET A 528 43.55 2.88 -7.21
N PRO A 529 42.42 3.56 -7.16
CA PRO A 529 42.29 4.91 -7.72
C PRO A 529 42.90 5.97 -6.82
N GLU A 530 43.04 7.17 -7.36
CA GLU A 530 43.53 8.30 -6.59
C GLU A 530 42.36 8.88 -5.85
N SER A 531 42.63 9.79 -4.92
CA SER A 531 41.57 10.41 -4.15
C SER A 531 41.56 11.89 -4.32
N VAL A 532 40.38 12.49 -4.14
CA VAL A 532 40.22 13.92 -4.15
C VAL A 532 39.65 14.27 -2.79
N LEU A 533 40.24 15.23 -2.10
CA LEU A 533 39.79 15.61 -0.78
C LEU A 533 38.88 16.81 -0.82
N VAL A 534 37.71 16.69 -0.21
CA VAL A 534 36.80 17.80 -0.12
C VAL A 534 36.67 18.08 1.37
N ARG A 535 36.91 19.34 1.74
CA ARG A 535 36.91 19.73 3.13
C ARG A 535 35.90 20.85 3.33
N PHE A 536 34.92 20.63 4.21
CA PHE A 536 33.93 21.64 4.52
C PHE A 536 34.43 22.44 5.72
N LYS A 537 34.18 23.75 5.72
CA LYS A 537 34.60 24.60 6.83
C LYS A 537 33.52 25.59 7.22
N GLY A 538 33.44 25.88 8.52
CA GLY A 538 32.51 26.86 9.02
C GLY A 538 31.19 26.30 9.51
N LYS A 539 30.18 27.17 9.55
CA LYS A 539 28.86 26.79 10.03
C LYS A 539 27.79 27.05 8.96
N MET A 540 26.81 26.16 8.89
CA MET A 540 25.74 26.34 7.91
C MET A 540 24.95 27.60 8.19
N GLN A 541 24.63 28.33 7.14
CA GLN A 541 23.83 29.53 7.26
C GLN A 541 22.34 29.18 7.39
N PRO A 542 21.52 30.13 7.82
CA PRO A 542 20.09 29.88 8.03
C PRO A 542 19.40 29.31 6.80
N GLY A 543 18.55 28.30 7.00
CA GLY A 543 17.77 27.73 5.91
C GLY A 543 18.53 26.87 4.92
N ILE A 544 19.81 26.65 5.19
CA ILE A 544 20.61 25.80 4.30
C ILE A 544 20.50 24.37 4.79
N THR A 545 20.47 23.41 3.87
CA THR A 545 20.35 22.01 4.27
C THR A 545 21.60 21.25 3.85
N LEU A 546 21.64 19.98 4.20
CA LEU A 546 22.73 19.11 3.84
C LEU A 546 22.74 18.95 2.33
N ARG A 547 21.55 18.86 1.74
CA ARG A 547 21.42 18.65 0.31
C ARG A 547 22.06 19.80 -0.47
N ASP A 548 21.91 21.03 0.03
CA ASP A 548 22.55 22.18 -0.63
C ASP A 548 24.06 22.04 -0.65
N LEU A 549 24.61 21.41 0.39
CA LEU A 549 26.05 21.20 0.48
C LEU A 549 26.47 20.17 -0.55
N VAL A 550 25.66 19.13 -0.72
CA VAL A 550 25.94 18.12 -1.71
C VAL A 550 26.11 18.78 -3.07
N HIS A 551 25.19 19.69 -3.40
CA HIS A 551 25.24 20.41 -4.66
C HIS A 551 26.36 21.46 -4.73
N ALA A 552 26.84 21.91 -3.58
CA ALA A 552 27.90 22.91 -3.57
C ALA A 552 29.23 22.33 -4.07
N ILE A 553 29.39 21.02 -3.92
CA ILE A 553 30.62 20.37 -4.36
C ILE A 553 30.91 20.64 -5.86
N PRO A 554 29.99 20.29 -6.75
CA PRO A 554 30.17 20.59 -8.17
C PRO A 554 30.27 22.10 -8.41
N LEU A 555 29.45 22.86 -7.68
CA LEU A 555 29.47 24.30 -7.82
C LEU A 555 30.89 24.87 -7.61
N TYR A 556 31.50 24.57 -6.46
CA TYR A 556 32.82 25.12 -6.15
C TYR A 556 33.93 24.54 -7.01
N ALA A 557 33.72 23.32 -7.48
CA ALA A 557 34.69 22.69 -8.36
C ALA A 557 34.70 23.41 -9.71
N ILE A 558 33.56 23.95 -10.10
CA ILE A 558 33.44 24.68 -11.35
C ILE A 558 34.10 26.03 -11.19
N LYS A 559 33.89 26.66 -10.04
CA LYS A 559 34.50 27.96 -9.78
C LYS A 559 36.02 27.87 -9.77
N GLN A 560 36.55 26.81 -9.17
CA GLN A 560 37.99 26.65 -9.09
C GLN A 560 38.58 26.12 -10.39
N GLY A 561 37.72 25.71 -11.32
CA GLY A 561 38.20 25.25 -12.61
C GLY A 561 38.52 23.77 -12.71
N LEU A 562 38.05 22.98 -11.75
CA LEU A 562 38.33 21.55 -11.76
C LEU A 562 37.21 20.75 -12.42
N LEU A 563 36.13 21.44 -12.79
CA LEU A 563 35.00 20.79 -13.42
C LEU A 563 34.39 21.73 -14.44
N THR A 564 33.96 21.18 -15.57
CA THR A 564 33.30 21.98 -16.60
C THR A 564 32.00 21.32 -16.96
N VAL A 565 31.02 22.09 -17.42
CA VAL A 565 29.73 21.53 -17.76
C VAL A 565 29.63 21.01 -19.19
N GLU A 566 30.32 21.66 -20.11
CA GLU A 566 30.26 21.29 -21.52
C GLU A 566 30.82 19.88 -21.75
N LYS A 567 30.08 19.08 -22.50
CA LYS A 567 30.44 17.68 -22.69
C LYS A 567 31.69 17.47 -23.55
N LYS A 568 31.81 18.24 -24.62
CA LYS A 568 32.99 18.13 -25.48
C LYS A 568 34.22 18.59 -24.72
N GLY A 569 35.20 17.71 -24.58
CA GLY A 569 36.40 18.02 -23.84
C GLY A 569 36.14 18.26 -22.36
N LYS A 570 35.11 17.62 -21.81
CA LYS A 570 34.79 17.82 -20.41
C LYS A 570 35.95 17.60 -19.44
N LYS A 571 36.01 18.45 -18.43
CA LYS A 571 37.02 18.32 -17.38
C LYS A 571 36.28 17.89 -16.14
N ASN A 572 36.86 17.01 -15.36
CA ASN A 572 36.20 16.48 -14.17
C ASN A 572 37.20 15.79 -13.26
N ILE A 573 37.70 16.54 -12.28
CA ILE A 573 38.73 16.04 -11.37
C ILE A 573 38.28 14.79 -10.59
N PHE A 574 36.98 14.63 -10.43
CA PHE A 574 36.41 13.54 -9.65
C PHE A 574 36.33 12.23 -10.41
N SER A 575 36.25 12.31 -11.74
CA SER A 575 36.02 11.12 -12.54
C SER A 575 37.08 10.07 -12.33
N GLY A 576 36.65 8.88 -11.95
CA GLY A 576 37.55 7.77 -11.75
C GLY A 576 38.32 7.82 -10.45
N ARG A 577 37.99 8.76 -9.58
CA ARG A 577 38.73 8.86 -8.33
C ARG A 577 37.84 8.62 -7.13
N ILE A 578 38.47 8.44 -5.97
CA ILE A 578 37.73 8.31 -4.73
C ILE A 578 37.52 9.69 -4.15
N LEU A 579 36.28 10.00 -3.83
CA LEU A 579 35.97 11.26 -3.19
C LEU A 579 36.02 11.12 -1.67
N GLU A 580 36.92 11.85 -1.02
CA GLU A 580 37.01 11.79 0.44
C GLU A 580 36.58 13.12 1.06
N ILE A 581 35.58 13.07 1.95
CA ILE A 581 35.03 14.27 2.59
C ILE A 581 35.38 14.39 4.06
N GLU A 582 35.56 15.62 4.53
CA GLU A 582 35.81 15.90 5.94
C GLU A 582 35.15 17.24 6.30
N GLY A 583 35.02 17.51 7.59
CA GLY A 583 34.52 18.80 8.07
C GLY A 583 33.19 18.72 8.79
N LEU A 584 32.51 17.59 8.68
CA LEU A 584 31.21 17.41 9.30
C LEU A 584 31.14 16.07 10.01
N PRO A 585 31.91 15.91 11.08
CA PRO A 585 32.08 14.60 11.73
C PRO A 585 30.94 14.20 12.66
N ASP A 586 30.02 15.10 12.95
CA ASP A 586 28.92 14.80 13.87
C ASP A 586 27.61 14.54 13.15
N LEU A 587 27.64 14.43 11.83
CA LEU A 587 26.43 14.13 11.07
C LEU A 587 25.87 12.77 11.49
N LYS A 588 24.55 12.63 11.48
CA LYS A 588 23.96 11.32 11.72
C LYS A 588 24.35 10.47 10.53
N VAL A 589 24.47 9.16 10.72
CA VAL A 589 24.88 8.33 9.61
C VAL A 589 24.02 8.48 8.35
N GLU A 590 22.71 8.55 8.49
CA GLU A 590 21.87 8.70 7.29
C GLU A 590 22.06 10.06 6.65
N GLN A 591 22.50 11.05 7.43
CA GLN A 591 22.81 12.35 6.85
C GLN A 591 24.08 12.18 6.04
N ALA A 592 25.06 11.52 6.63
CA ALA A 592 26.29 11.25 5.93
C ALA A 592 26.00 10.61 4.57
N PHE A 593 24.96 9.78 4.50
CA PHE A 593 24.66 9.10 3.25
C PHE A 593 24.31 10.03 2.10
N GLU A 594 23.63 11.14 2.39
CA GLU A 594 23.32 12.13 1.36
C GLU A 594 24.57 12.56 0.60
N LEU A 595 25.65 12.80 1.33
CA LEU A 595 26.90 13.21 0.72
C LEU A 595 27.60 12.07 -0.02
N THR A 596 27.66 10.91 0.62
CA THR A 596 28.36 9.79 0.01
C THR A 596 27.60 9.27 -1.21
N ASP A 597 26.28 9.27 -1.12
CA ASP A 597 25.47 8.82 -2.24
C ASP A 597 25.74 9.64 -3.49
N ALA A 598 25.79 10.96 -3.34
CA ALA A 598 25.95 11.85 -4.48
C ALA A 598 27.31 11.76 -5.16
N SER A 599 28.26 11.06 -4.56
CA SER A 599 29.55 10.89 -5.22
C SER A 599 29.37 10.18 -6.55
N ALA A 600 28.25 9.45 -6.71
CA ALA A 600 27.99 8.74 -7.96
C ALA A 600 27.87 9.70 -9.14
N GLU A 601 27.15 10.80 -8.93
CA GLU A 601 26.97 11.79 -9.98
C GLU A 601 28.25 12.57 -10.28
N ARG A 602 29.22 12.50 -9.38
CA ARG A 602 30.53 13.09 -9.62
C ARG A 602 31.33 12.17 -10.53
N SER A 603 30.84 10.94 -10.72
CA SER A 603 31.56 9.92 -11.49
C SER A 603 32.75 9.39 -10.69
N ALA A 604 32.67 9.48 -9.37
CA ALA A 604 33.72 8.96 -8.51
C ALA A 604 33.59 7.46 -8.41
N ALA A 605 34.71 6.77 -8.24
CA ALA A 605 34.73 5.33 -8.14
C ALA A 605 34.21 4.88 -6.78
N GLY A 606 34.30 5.75 -5.79
CA GLY A 606 33.91 5.44 -4.44
C GLY A 606 34.02 6.66 -3.56
N CYS A 607 33.69 6.52 -2.27
CA CYS A 607 33.64 7.66 -1.39
C CYS A 607 33.96 7.30 0.06
N THR A 608 34.51 8.26 0.80
CA THR A 608 34.61 8.13 2.24
C THR A 608 34.19 9.44 2.84
N ILE A 609 33.83 9.38 4.11
CA ILE A 609 33.53 10.60 4.84
C ILE A 609 33.99 10.37 6.27
N LYS A 610 34.70 11.33 6.83
CA LYS A 610 35.17 11.18 8.19
C LYS A 610 34.12 11.55 9.25
N LEU A 611 33.79 10.57 10.09
CA LEU A 611 32.79 10.76 11.12
C LEU A 611 33.35 10.39 12.49
N ASN A 612 32.80 10.96 13.56
CA ASN A 612 33.17 10.55 14.91
C ASN A 612 32.41 9.29 15.30
N LYS A 613 32.83 8.69 16.41
CA LYS A 613 32.27 7.45 16.89
C LYS A 613 30.82 7.55 17.35
N GLU A 614 30.44 8.65 17.99
CA GLU A 614 29.10 8.74 18.57
C GLU A 614 27.91 8.45 17.64
N PRO A 615 27.80 9.18 16.53
CA PRO A 615 26.72 8.95 15.56
C PRO A 615 26.71 7.52 15.01
N ILE A 616 27.87 6.88 14.93
CA ILE A 616 27.94 5.49 14.46
C ILE A 616 27.45 4.55 15.56
N ILE A 617 27.79 4.86 16.80
CA ILE A 617 27.35 4.08 17.95
C ILE A 617 25.83 4.11 18.03
N GLU A 618 25.26 5.31 17.85
CA GLU A 618 23.82 5.46 17.89
C GLU A 618 23.19 4.60 16.79
N TYR A 619 23.70 4.72 15.58
CA TYR A 619 23.22 3.98 14.41
C TYR A 619 23.28 2.47 14.63
N LEU A 620 24.43 1.96 15.04
CA LEU A 620 24.56 0.52 15.26
C LEU A 620 23.64 0.01 16.37
N ASN A 621 23.49 0.77 17.46
CA ASN A 621 22.60 0.33 18.52
C ASN A 621 21.18 0.19 17.99
N SER A 622 20.81 1.09 17.08
CA SER A 622 19.50 0.99 16.48
C SER A 622 19.42 -0.22 15.52
N ASN A 623 20.46 -0.44 14.73
CA ASN A 623 20.47 -1.51 13.73
C ASN A 623 20.41 -2.92 14.33
N ILE A 624 21.09 -3.13 15.45
CA ILE A 624 21.07 -4.42 16.10
C ILE A 624 19.63 -4.84 16.36
N VAL A 625 18.83 -3.91 16.89
CA VAL A 625 17.44 -4.20 17.17
C VAL A 625 16.67 -4.48 15.88
N LEU A 626 16.94 -3.72 14.82
CA LEU A 626 16.23 -3.94 13.57
C LEU A 626 16.52 -5.33 13.02
N LEU A 627 17.77 -5.76 13.10
CA LEU A 627 18.14 -7.08 12.58
C LEU A 627 17.53 -8.22 13.40
N LYS A 628 17.51 -8.07 14.73
CA LYS A 628 16.87 -9.09 15.56
C LYS A 628 15.38 -9.14 15.20
N TRP A 629 14.80 -7.97 15.02
CA TRP A 629 13.40 -7.85 14.65
C TRP A 629 13.15 -8.56 13.32
N MET A 630 14.07 -8.40 12.37
CA MET A 630 13.94 -9.08 11.08
C MET A 630 13.89 -10.60 11.28
N ILE A 631 14.74 -11.12 12.16
CA ILE A 631 14.75 -12.55 12.42
C ILE A 631 13.37 -12.98 12.91
N ALA A 632 12.86 -12.28 13.92
CA ALA A 632 11.52 -12.55 14.45
C ALA A 632 10.45 -12.48 13.38
N GLU A 633 10.68 -11.65 12.36
CA GLU A 633 9.72 -11.49 11.27
C GLU A 633 9.88 -12.57 10.20
N GLY A 634 10.92 -13.38 10.33
CA GLY A 634 11.17 -14.48 9.40
C GLY A 634 12.06 -14.23 8.19
N TYR A 635 12.89 -13.18 8.22
CA TYR A 635 13.74 -12.83 7.07
C TYR A 635 14.88 -13.76 6.66
N GLY A 636 15.22 -13.64 5.37
CA GLY A 636 16.19 -14.42 4.60
C GLY A 636 17.59 -14.75 5.05
N ASP A 637 17.77 -16.02 5.39
CA ASP A 637 18.99 -16.59 5.98
C ASP A 637 19.37 -16.00 7.32
N ARG A 638 18.86 -16.65 8.36
CA ARG A 638 19.03 -16.20 9.74
C ARG A 638 20.49 -16.19 10.19
N ARG A 639 21.24 -17.22 9.80
CA ARG A 639 22.64 -17.32 10.21
C ARG A 639 23.43 -16.08 9.78
N THR A 640 23.18 -15.61 8.56
CA THR A 640 23.88 -14.46 8.04
C THR A 640 23.52 -13.23 8.87
N LEU A 641 22.25 -13.09 9.19
CA LEU A 641 21.77 -12.01 10.04
C LEU A 641 22.39 -12.08 11.44
N GLU A 642 22.42 -13.27 12.01
CA GLU A 642 22.96 -13.44 13.37
C GLU A 642 24.45 -13.11 13.43
N ARG A 643 25.20 -13.57 12.44
CA ARG A 643 26.63 -13.32 12.42
C ARG A 643 26.89 -11.82 12.28
N ARG A 644 26.09 -11.15 11.48
CA ARG A 644 26.27 -9.72 11.34
C ARG A 644 25.99 -8.98 12.65
N ILE A 645 24.96 -9.42 13.38
CA ILE A 645 24.63 -8.79 14.66
C ILE A 645 25.81 -8.87 15.61
N GLN A 646 26.41 -10.06 15.70
CA GLN A 646 27.61 -10.27 16.51
C GLN A 646 28.76 -9.37 16.09
N GLY A 647 28.90 -9.17 14.78
CA GLY A 647 29.93 -8.28 14.29
C GLY A 647 29.71 -6.87 14.81
N MET A 648 28.46 -6.44 14.86
CA MET A 648 28.17 -5.11 15.36
C MET A 648 28.43 -5.01 16.85
N GLU A 649 28.04 -6.06 17.57
CA GLU A 649 28.23 -6.07 19.01
C GLU A 649 29.71 -6.02 19.37
N LYS A 650 30.52 -6.74 18.60
CA LYS A 650 31.95 -6.78 18.83
C LYS A 650 32.57 -5.40 18.66
N TRP A 651 32.12 -4.66 17.66
CA TRP A 651 32.63 -3.32 17.41
C TRP A 651 32.19 -2.34 18.50
N LEU A 652 30.93 -2.41 18.90
CA LEU A 652 30.43 -1.51 19.95
C LEU A 652 31.23 -1.66 21.23
N ALA A 653 31.70 -2.87 21.48
CA ALA A 653 32.48 -3.17 22.67
C ALA A 653 33.88 -2.56 22.62
N ASN A 654 34.38 -2.29 21.41
CA ASN A 654 35.70 -1.67 21.21
C ASN A 654 35.66 -0.76 19.98
N PRO A 655 35.01 0.39 20.11
CA PRO A 655 34.74 1.29 18.99
C PRO A 655 35.96 2.03 18.45
N GLU A 656 36.66 1.42 17.49
CA GLU A 656 37.84 2.02 16.91
C GLU A 656 37.58 2.46 15.46
N LEU A 657 38.08 3.63 15.09
CA LEU A 657 37.94 4.15 13.74
C LEU A 657 39.29 4.53 13.13
N LEU A 658 39.49 4.17 11.87
CA LEU A 658 40.71 4.55 11.15
C LEU A 658 40.69 6.04 10.86
N GLU A 659 41.85 6.60 10.56
CA GLU A 659 41.97 8.04 10.32
C GLU A 659 43.08 8.31 9.34
N ALA A 660 42.89 9.33 8.50
CA ALA A 660 43.91 9.69 7.53
C ALA A 660 45.17 10.22 8.21
N ASP A 661 46.33 10.02 7.58
CA ASP A 661 47.56 10.60 8.06
C ASP A 661 47.64 12.03 7.56
N ALA A 662 48.32 12.89 8.30
CA ALA A 662 48.39 14.30 7.92
C ALA A 662 49.12 14.51 6.59
N ASP A 663 50.00 13.58 6.24
CA ASP A 663 50.79 13.71 5.01
C ASP A 663 50.28 12.84 3.85
N ALA A 664 49.00 12.49 3.86
CA ALA A 664 48.44 11.69 2.78
C ALA A 664 48.49 12.46 1.47
N GLU A 665 48.56 11.72 0.36
CA GLU A 665 48.60 12.30 -0.96
C GLU A 665 47.23 12.28 -1.63
N TYR A 666 46.82 13.44 -2.13
CA TYR A 666 45.56 13.56 -2.81
C TYR A 666 45.81 14.18 -4.18
N ALA A 667 45.01 13.81 -5.17
CA ALA A 667 45.11 14.37 -6.50
C ALA A 667 44.74 15.85 -6.51
N ALA A 668 43.90 16.25 -5.55
CA ALA A 668 43.46 17.63 -5.43
C ALA A 668 42.78 17.82 -4.09
N VAL A 669 42.80 19.04 -3.58
CA VAL A 669 42.11 19.34 -2.33
C VAL A 669 41.15 20.49 -2.58
N ILE A 670 39.89 20.32 -2.22
CA ILE A 670 38.92 21.37 -2.41
C ILE A 670 38.31 21.85 -1.09
N ASP A 671 38.55 23.11 -0.77
CA ASP A 671 38.00 23.72 0.44
C ASP A 671 36.69 24.40 0.14
N ILE A 672 35.69 24.18 0.98
CA ILE A 672 34.41 24.83 0.81
C ILE A 672 34.00 25.47 2.10
N ASP A 673 33.76 26.79 2.04
CA ASP A 673 33.43 27.57 3.22
C ASP A 673 31.92 27.73 3.34
N LEU A 674 31.35 27.11 4.36
CA LEU A 674 29.89 27.14 4.56
C LEU A 674 29.29 28.54 4.66
N ALA A 675 30.09 29.50 5.10
CA ALA A 675 29.63 30.88 5.24
C ALA A 675 29.27 31.51 3.89
N ASP A 676 29.89 30.99 2.82
CA ASP A 676 29.63 31.49 1.47
C ASP A 676 28.37 30.90 0.84
N ILE A 677 27.73 29.95 1.52
CA ILE A 677 26.50 29.38 0.98
C ILE A 677 25.31 29.97 1.71
N LYS A 678 24.74 31.02 1.13
CA LYS A 678 23.64 31.74 1.78
C LYS A 678 22.28 31.39 1.19
N GLU A 679 22.28 30.80 0.02
CA GLU A 679 21.03 30.41 -0.60
C GLU A 679 21.10 28.98 -1.10
N PRO A 680 19.93 28.33 -1.20
CA PRO A 680 19.87 26.95 -1.66
C PRO A 680 20.49 26.77 -3.04
N ILE A 681 21.00 25.57 -3.29
CA ILE A 681 21.64 25.29 -4.58
C ILE A 681 20.92 24.14 -5.26
N LEU A 682 20.52 24.34 -6.51
CA LEU A 682 19.83 23.29 -7.26
C LEU A 682 20.69 22.75 -8.39
N CYS A 683 20.29 21.63 -8.96
CA CYS A 683 20.95 21.11 -10.14
C CYS A 683 19.95 21.38 -11.25
N ALA A 684 20.38 22.12 -12.27
CA ALA A 684 19.48 22.55 -13.33
C ALA A 684 19.14 21.45 -14.32
N PRO A 685 17.96 21.55 -14.90
CA PRO A 685 17.44 20.55 -15.82
C PRO A 685 18.43 19.84 -16.70
N ASN A 686 18.46 18.55 -16.41
CA ASN A 686 19.11 17.50 -17.17
C ASN A 686 20.60 17.25 -17.06
N ASP A 687 21.22 17.83 -16.05
CA ASP A 687 22.63 17.61 -15.81
C ASP A 687 22.92 17.74 -14.31
N PRO A 688 23.29 16.63 -13.67
CA PRO A 688 23.60 16.64 -12.24
C PRO A 688 24.76 17.58 -11.87
N ASP A 689 25.60 17.92 -12.85
CA ASP A 689 26.75 18.80 -12.61
C ASP A 689 26.42 20.28 -12.74
N ASP A 690 25.28 20.59 -13.33
CA ASP A 690 24.94 21.98 -13.61
C ASP A 690 24.36 22.64 -12.38
N ALA A 691 25.19 22.85 -11.36
CA ALA A 691 24.74 23.42 -10.11
C ALA A 691 24.55 24.93 -10.17
N ARG A 692 23.40 25.39 -9.68
CA ARG A 692 23.09 26.81 -9.69
C ARG A 692 22.41 27.25 -8.40
N PRO A 693 22.65 28.50 -8.00
CA PRO A 693 22.01 29.07 -6.82
C PRO A 693 20.55 29.35 -7.12
N LEU A 694 19.71 29.34 -6.11
CA LEU A 694 18.29 29.57 -6.28
C LEU A 694 17.97 30.87 -7.05
N SER A 695 18.69 31.93 -6.72
CA SER A 695 18.46 33.24 -7.32
C SER A 695 18.62 33.23 -8.83
N ALA A 696 19.40 32.28 -9.33
CA ALA A 696 19.62 32.16 -10.76
C ALA A 696 18.48 31.48 -11.52
N VAL A 697 17.60 30.78 -10.81
CA VAL A 697 16.50 30.08 -11.48
C VAL A 697 15.13 30.37 -10.87
N GLN A 698 15.11 31.27 -9.89
CA GLN A 698 13.87 31.67 -9.23
C GLN A 698 12.76 31.96 -10.24
N GLY A 699 11.52 31.64 -9.88
CA GLY A 699 10.39 31.95 -10.74
C GLY A 699 10.00 30.93 -11.78
N GLU A 700 10.86 29.97 -12.07
CA GLU A 700 10.50 28.93 -13.04
C GLU A 700 9.25 28.19 -12.59
N LYS A 701 8.32 28.00 -13.52
CA LYS A 701 7.07 27.32 -13.23
C LYS A 701 7.29 25.82 -13.09
N ILE A 702 6.64 25.25 -12.08
CA ILE A 702 6.79 23.84 -11.74
C ILE A 702 5.47 23.09 -11.91
N ASP A 703 5.51 21.93 -12.58
CA ASP A 703 4.30 21.10 -12.75
C ASP A 703 4.17 20.01 -11.71
N GLU A 704 5.27 19.28 -11.50
CA GLU A 704 5.26 18.14 -10.60
C GLU A 704 6.43 18.17 -9.63
N VAL A 705 6.20 17.65 -8.44
CA VAL A 705 7.24 17.57 -7.44
C VAL A 705 7.36 16.14 -6.93
N PHE A 706 8.58 15.69 -6.69
CA PHE A 706 8.83 14.36 -6.14
C PHE A 706 9.69 14.42 -4.89
N ILE A 707 9.21 13.80 -3.83
CA ILE A 707 9.97 13.74 -2.60
C ILE A 707 10.13 12.29 -2.12
N GLY A 708 11.35 11.78 -2.12
CA GLY A 708 11.58 10.45 -1.57
C GLY A 708 12.54 9.52 -2.29
N SER A 709 13.82 9.79 -2.19
CA SER A 709 14.75 8.88 -2.81
C SER A 709 15.46 8.15 -1.68
N CYS A 710 16.49 7.36 -1.99
CA CYS A 710 17.31 6.88 -0.88
C CYS A 710 18.03 8.09 -0.27
N MET A 711 17.93 9.25 -0.92
CA MET A 711 18.53 10.48 -0.40
C MET A 711 17.71 11.07 0.75
N THR A 712 16.54 10.52 1.02
CA THR A 712 15.70 11.07 2.08
C THR A 712 15.61 10.23 3.33
N ASN A 713 15.29 10.88 4.44
CA ASN A 713 15.07 10.20 5.69
C ASN A 713 13.75 10.72 6.24
N ILE A 714 13.26 10.10 7.31
CA ILE A 714 11.96 10.48 7.84
C ILE A 714 11.84 11.97 8.15
N GLY A 715 12.94 12.61 8.55
CA GLY A 715 12.91 14.04 8.84
C GLY A 715 12.44 14.90 7.68
N HIS A 716 12.88 14.55 6.47
CA HIS A 716 12.48 15.30 5.28
C HIS A 716 10.97 15.28 5.10
N PHE A 717 10.35 14.14 5.39
CA PHE A 717 8.90 14.00 5.23
C PHE A 717 8.15 14.80 6.29
N ARG A 718 8.67 14.84 7.51
CA ARG A 718 8.05 15.64 8.56
C ARG A 718 8.12 17.09 8.16
N ALA A 719 9.28 17.50 7.63
CA ALA A 719 9.44 18.88 7.19
C ALA A 719 8.42 19.24 6.12
N ALA A 720 8.31 18.41 5.09
CA ALA A 720 7.36 18.70 4.02
C ALA A 720 5.94 18.73 4.57
N GLY A 721 5.66 17.83 5.51
CA GLY A 721 4.35 17.77 6.13
C GLY A 721 4.00 19.04 6.88
N LYS A 722 4.94 19.56 7.66
CA LYS A 722 4.68 20.77 8.40
C LYS A 722 4.45 21.96 7.47
N LEU A 723 5.16 21.97 6.36
CA LEU A 723 4.99 23.03 5.37
C LEU A 723 3.62 22.94 4.70
N LEU A 724 3.19 21.73 4.36
CA LEU A 724 1.92 21.55 3.70
C LEU A 724 0.76 21.80 4.65
N ASP A 725 0.94 21.40 5.90
CA ASP A 725 -0.10 21.58 6.91
C ASP A 725 -0.38 23.05 7.14
N ALA A 726 0.66 23.87 7.01
CA ALA A 726 0.53 25.30 7.25
C ALA A 726 -0.27 26.00 6.16
N HIS A 727 -0.23 25.49 4.93
CA HIS A 727 -0.92 26.15 3.84
C HIS A 727 -1.98 25.27 3.20
N LYS A 728 -3.05 25.08 3.97
CA LYS A 728 -4.19 24.22 3.62
C LYS A 728 -4.88 24.51 2.28
N GLY A 729 -5.48 23.46 1.74
CA GLY A 729 -6.12 23.50 0.44
C GLY A 729 -5.38 22.52 -0.45
N GLN A 730 -5.82 22.33 -1.67
CA GLN A 730 -5.13 21.42 -2.58
C GLN A 730 -4.00 22.16 -3.29
N LEU A 731 -2.92 21.45 -3.57
CA LEU A 731 -1.75 22.03 -4.22
C LEU A 731 -1.98 22.32 -5.70
N PRO A 732 -1.24 23.28 -6.23
CA PRO A 732 -1.32 23.63 -7.65
C PRO A 732 -0.45 22.70 -8.48
N THR A 733 0.29 21.82 -7.81
CA THR A 733 1.16 20.90 -8.50
C THR A 733 0.77 19.48 -8.15
N ARG A 734 1.32 18.54 -8.88
CA ARG A 734 1.11 17.13 -8.63
C ARG A 734 2.29 16.72 -7.76
N LEU A 735 2.02 16.39 -6.50
CA LEU A 735 3.08 16.01 -5.57
C LEU A 735 3.14 14.51 -5.35
N TRP A 736 4.32 13.94 -5.58
CA TRP A 736 4.55 12.52 -5.32
C TRP A 736 5.39 12.36 -4.06
N VAL A 737 4.96 11.49 -3.16
CA VAL A 737 5.65 11.24 -1.92
C VAL A 737 5.92 9.74 -1.81
N ALA A 738 7.16 9.38 -1.53
CA ALA A 738 7.55 7.98 -1.48
C ALA A 738 8.57 7.72 -0.39
N PRO A 739 8.09 7.36 0.79
CA PRO A 739 8.96 7.03 1.92
C PRO A 739 9.88 5.87 1.54
N PRO A 740 11.15 5.95 1.89
CA PRO A 740 12.12 4.93 1.49
C PRO A 740 11.93 3.54 2.10
N THR A 741 11.33 3.43 3.28
CA THR A 741 11.11 2.10 3.87
C THR A 741 9.74 2.01 4.49
N ARG A 742 9.29 0.78 4.73
CA ARG A 742 8.01 0.60 5.36
C ARG A 742 8.07 1.01 6.82
N MET A 743 9.25 0.97 7.42
CA MET A 743 9.39 1.48 8.78
C MET A 743 9.11 2.98 8.75
N ASP A 744 9.62 3.67 7.73
CA ASP A 744 9.38 5.11 7.60
C ASP A 744 7.89 5.38 7.40
N ALA A 745 7.27 4.62 6.50
CA ALA A 745 5.86 4.79 6.20
C ALA A 745 4.97 4.60 7.42
N ALA A 746 5.27 3.57 8.21
CA ALA A 746 4.49 3.23 9.40
C ALA A 746 4.59 4.31 10.48
N GLN A 747 5.79 4.86 10.67
CA GLN A 747 5.99 5.89 11.67
C GLN A 747 5.30 7.20 11.27
N LEU A 748 5.39 7.54 9.99
CA LEU A 748 4.73 8.73 9.49
C LEU A 748 3.21 8.58 9.62
N THR A 749 2.73 7.36 9.38
CA THR A 749 1.29 7.09 9.48
C THR A 749 0.85 7.26 10.93
N GLU A 750 1.60 6.65 11.82
CA GLU A 750 1.30 6.72 13.24
C GLU A 750 1.29 8.16 13.75
N GLU A 751 2.17 9.00 13.21
CA GLU A 751 2.25 10.38 13.68
C GLU A 751 1.20 11.29 13.06
N GLY A 752 0.45 10.77 12.10
CA GLY A 752 -0.63 11.52 11.49
C GLY A 752 -0.29 12.25 10.20
N TYR A 753 0.90 12.05 9.68
CA TYR A 753 1.30 12.76 8.47
C TYR A 753 0.62 12.32 7.15
N TYR A 754 0.06 11.12 7.09
CA TYR A 754 -0.63 10.69 5.87
C TYR A 754 -1.89 11.51 5.64
N SER A 755 -2.50 11.95 6.73
CA SER A 755 -3.69 12.80 6.64
C SER A 755 -3.28 14.13 6.01
N VAL A 756 -2.11 14.62 6.39
CA VAL A 756 -1.60 15.86 5.87
C VAL A 756 -1.30 15.74 4.37
N PHE A 757 -0.62 14.67 3.96
CA PHE A 757 -0.38 14.50 2.54
C PHE A 757 -1.68 14.25 1.78
N GLY A 758 -2.58 13.49 2.39
CA GLY A 758 -3.87 13.18 1.80
C GLY A 758 -4.70 14.43 1.53
N LYS A 759 -4.82 15.32 2.52
CA LYS A 759 -5.58 16.55 2.33
C LYS A 759 -4.99 17.43 1.24
N SER A 760 -3.66 17.46 1.17
CA SER A 760 -2.97 18.29 0.19
C SER A 760 -3.19 17.83 -1.25
N GLY A 761 -3.64 16.59 -1.43
CA GLY A 761 -3.89 16.08 -2.76
C GLY A 761 -2.72 15.28 -3.31
N ALA A 762 -1.75 14.99 -2.46
CA ALA A 762 -0.58 14.25 -2.88
C ALA A 762 -0.84 12.76 -3.11
N ARG A 763 0.01 12.18 -3.95
CA ARG A 763 0.04 10.76 -4.19
C ARG A 763 1.06 10.16 -3.23
N ILE A 764 0.67 9.17 -2.44
CA ILE A 764 1.66 8.49 -1.61
C ILE A 764 1.96 7.16 -2.27
N GLU A 765 3.22 6.95 -2.68
CA GLU A 765 3.62 5.70 -3.33
C GLU A 765 4.14 4.68 -2.30
N ILE A 766 4.12 3.40 -2.63
CA ILE A 766 4.64 2.42 -1.69
C ILE A 766 6.16 2.55 -1.58
N PRO A 767 6.71 2.10 -0.47
CA PRO A 767 8.15 2.21 -0.23
C PRO A 767 8.96 1.61 -1.36
N GLY A 768 9.88 2.39 -1.93
CA GLY A 768 10.69 1.92 -3.04
C GLY A 768 11.24 3.10 -3.80
N CYS A 769 11.95 2.83 -4.90
CA CYS A 769 12.56 3.87 -5.71
C CYS A 769 11.58 4.78 -6.44
N SER A 770 10.39 4.27 -6.76
CA SER A 770 9.40 5.13 -7.41
C SER A 770 10.00 5.91 -8.59
N LEU A 771 9.60 7.17 -8.74
CA LEU A 771 10.03 8.04 -9.85
C LEU A 771 11.53 8.15 -10.06
N CYS A 772 12.29 7.92 -9.00
CA CYS A 772 13.73 8.09 -9.08
C CYS A 772 14.37 7.37 -10.27
N MET A 773 13.87 6.18 -10.57
CA MET A 773 14.42 5.39 -11.68
C MET A 773 13.68 5.59 -12.99
N GLY A 774 12.39 5.86 -12.93
CA GLY A 774 11.62 6.09 -14.14
C GLY A 774 11.22 4.83 -14.92
N ASN A 775 11.42 3.66 -14.33
CA ASN A 775 11.08 2.40 -15.01
C ASN A 775 9.62 1.96 -14.89
N GLN A 776 8.88 2.54 -13.96
CA GLN A 776 7.47 2.18 -13.85
C GLN A 776 6.62 3.44 -13.97
N ALA A 777 6.31 4.09 -12.87
CA ALA A 777 5.54 5.31 -12.99
C ALA A 777 6.45 6.41 -13.54
N ARG A 778 5.85 7.30 -14.31
CA ARG A 778 6.61 8.36 -14.91
C ARG A 778 5.80 9.63 -14.80
N VAL A 779 6.50 10.74 -14.85
CA VAL A 779 5.90 12.04 -14.78
C VAL A 779 5.27 12.34 -16.15
N ALA A 780 4.40 13.32 -16.23
CA ALA A 780 3.77 13.64 -17.51
C ALA A 780 4.79 14.17 -18.53
N ASP A 781 4.58 13.84 -19.80
CA ASP A 781 5.47 14.28 -20.88
C ASP A 781 5.74 15.77 -20.81
N GLY A 782 7.02 16.14 -20.96
CA GLY A 782 7.43 17.54 -20.98
C GLY A 782 7.17 18.36 -19.73
N ALA A 783 6.90 17.70 -18.62
CA ALA A 783 6.62 18.41 -17.40
C ALA A 783 7.89 19.01 -16.83
N THR A 784 7.75 20.06 -16.04
CA THR A 784 8.89 20.62 -15.35
C THR A 784 8.76 20.15 -13.92
N VAL A 785 9.79 19.48 -13.42
CA VAL A 785 9.70 18.97 -12.06
C VAL A 785 10.85 19.36 -11.16
N VAL A 786 10.57 19.36 -9.86
CA VAL A 786 11.61 19.50 -8.85
C VAL A 786 11.62 18.17 -8.09
N SER A 787 12.80 17.60 -7.92
CA SER A 787 12.90 16.27 -7.34
C SER A 787 14.04 16.14 -6.35
N THR A 788 13.82 15.32 -5.32
CA THR A 788 14.86 15.06 -4.34
C THR A 788 15.61 13.81 -4.74
N SER A 789 15.27 13.22 -5.88
CA SER A 789 15.97 12.05 -6.38
C SER A 789 17.40 12.42 -6.80
N THR A 790 18.16 11.44 -7.29
CA THR A 790 19.59 11.65 -7.59
C THR A 790 19.92 12.07 -9.01
N ARG A 791 19.06 11.78 -9.97
CA ARG A 791 19.46 11.98 -11.35
C ARG A 791 18.43 12.68 -12.19
N ASN A 792 18.87 13.71 -12.90
CA ASN A 792 17.98 14.46 -13.76
C ASN A 792 18.39 14.33 -15.23
N PHE A 793 18.90 13.16 -15.59
CA PHE A 793 19.24 12.86 -16.98
C PHE A 793 18.02 13.00 -17.87
N PRO A 794 18.23 13.32 -19.15
CA PRO A 794 17.11 13.46 -20.08
C PRO A 794 16.31 12.18 -20.19
N ASN A 795 14.98 12.28 -20.16
CA ASN A 795 14.11 11.12 -20.35
C ASN A 795 14.03 10.14 -19.20
N ARG A 796 14.56 10.52 -18.04
CA ARG A 796 14.56 9.59 -16.91
C ARG A 796 13.26 9.58 -16.11
N LEU A 797 12.85 10.72 -15.54
CA LEU A 797 11.60 10.74 -14.77
C LEU A 797 10.40 10.78 -15.71
N GLY A 798 10.63 11.24 -16.93
CA GLY A 798 9.57 11.36 -17.92
C GLY A 798 10.13 11.70 -19.29
N THR A 799 9.32 11.51 -20.32
CA THR A 799 9.78 11.80 -21.67
C THR A 799 9.76 13.30 -21.95
N GLY A 800 10.92 13.85 -22.27
CA GLY A 800 11.05 15.28 -22.50
C GLY A 800 10.84 16.12 -21.26
N ALA A 801 10.93 15.52 -20.07
CA ALA A 801 10.75 16.31 -18.86
C ALA A 801 12.02 17.08 -18.47
N ASN A 802 11.82 18.22 -17.81
CA ASN A 802 12.94 19.01 -17.34
C ASN A 802 12.98 18.93 -15.82
N VAL A 803 14.08 18.42 -15.28
CA VAL A 803 14.13 18.15 -13.85
C VAL A 803 15.19 18.91 -13.06
N PHE A 804 14.73 19.64 -12.06
CA PHE A 804 15.59 20.36 -11.14
C PHE A 804 15.76 19.44 -9.94
N LEU A 805 17.00 19.29 -9.48
CA LEU A 805 17.25 18.54 -8.26
C LEU A 805 17.38 19.55 -7.12
N ALA A 806 16.72 19.28 -5.99
CA ALA A 806 16.78 20.20 -4.86
C ALA A 806 16.56 19.45 -3.56
N SER A 807 16.59 20.20 -2.46
CA SER A 807 16.36 19.64 -1.15
C SER A 807 14.88 19.40 -0.95
N ALA A 808 14.54 18.57 0.01
CA ALA A 808 13.15 18.27 0.30
C ALA A 808 12.42 19.52 0.75
N GLU A 809 13.05 20.31 1.60
CA GLU A 809 12.37 21.50 2.10
C GLU A 809 12.10 22.51 0.97
N LEU A 810 13.05 22.67 0.04
CA LEU A 810 12.82 23.57 -1.09
C LEU A 810 11.75 23.00 -2.02
N ALA A 811 11.77 21.68 -2.19
CA ALA A 811 10.79 21.00 -3.05
C ALA A 811 9.37 21.19 -2.53
N ALA A 812 9.20 21.17 -1.22
CA ALA A 812 7.87 21.32 -0.63
C ALA A 812 7.35 22.74 -0.87
N VAL A 813 8.23 23.73 -0.76
CA VAL A 813 7.84 25.10 -1.02
C VAL A 813 7.38 25.22 -2.46
N ALA A 814 8.18 24.68 -3.37
CA ALA A 814 7.84 24.72 -4.80
C ALA A 814 6.48 24.07 -5.07
N ALA A 815 6.19 22.98 -4.38
CA ALA A 815 4.92 22.28 -4.61
C ALA A 815 3.76 23.15 -4.19
N LEU A 816 3.97 23.91 -3.12
CA LEU A 816 2.95 24.82 -2.60
C LEU A 816 2.63 25.99 -3.53
N ILE A 817 3.65 26.59 -4.14
CA ILE A 817 3.40 27.79 -4.94
C ILE A 817 3.41 27.60 -6.45
N GLY A 818 3.84 26.42 -6.90
CA GLY A 818 3.81 26.14 -8.33
C GLY A 818 4.97 26.69 -9.11
N LYS A 819 5.97 27.21 -8.42
CA LYS A 819 7.14 27.72 -9.09
C LYS A 819 8.34 27.72 -8.16
N LEU A 820 9.53 27.85 -8.71
CA LEU A 820 10.70 27.94 -7.86
C LEU A 820 10.59 29.26 -7.14
N PRO A 821 10.76 29.24 -5.82
CA PRO A 821 10.60 30.45 -5.02
C PRO A 821 11.83 31.32 -5.04
N THR A 822 11.65 32.57 -4.60
CA THR A 822 12.78 33.47 -4.49
C THR A 822 13.44 33.14 -3.16
N PRO A 823 14.73 33.47 -3.02
CA PRO A 823 15.46 33.21 -1.78
C PRO A 823 14.69 33.73 -0.57
N GLU A 824 14.17 34.94 -0.68
CA GLU A 824 13.38 35.55 0.39
C GLU A 824 12.14 34.73 0.76
N GLU A 825 11.36 34.34 -0.25
CA GLU A 825 10.18 33.50 -0.01
C GLU A 825 10.61 32.21 0.67
N TYR A 826 11.61 31.55 0.09
CA TYR A 826 12.08 30.29 0.64
C TYR A 826 12.34 30.40 2.13
N GLN A 827 13.07 31.44 2.52
CA GLN A 827 13.41 31.67 3.94
C GLN A 827 12.18 31.87 4.82
N THR A 828 11.16 32.51 4.27
CA THR A 828 9.94 32.79 5.04
C THR A 828 9.23 31.50 5.40
N TYR A 829 9.06 30.62 4.42
CA TYR A 829 8.41 29.34 4.65
C TYR A 829 9.19 28.46 5.62
N VAL A 830 10.51 28.37 5.42
CA VAL A 830 11.32 27.48 6.24
C VAL A 830 11.48 27.97 7.68
N ALA A 831 11.55 29.28 7.87
CA ALA A 831 11.64 29.85 9.20
C ALA A 831 10.56 29.24 10.08
N GLN A 832 9.39 29.03 9.48
CA GLN A 832 8.25 28.46 10.17
C GLN A 832 8.52 27.06 10.74
N VAL A 833 9.18 26.20 9.97
CA VAL A 833 9.44 24.83 10.44
C VAL A 833 10.66 24.72 11.34
N ASP A 834 11.53 25.72 11.33
CA ASP A 834 12.72 25.68 12.18
C ASP A 834 12.39 25.82 13.66
N LYS A 835 11.25 26.44 13.95
CA LYS A 835 10.80 26.61 15.32
C LYS A 835 10.60 25.26 16.00
N THR A 836 10.29 24.24 15.21
CA THR A 836 10.05 22.90 15.72
C THR A 836 11.02 21.90 15.12
N ALA A 837 12.20 22.39 14.74
CA ALA A 837 13.22 21.57 14.12
C ALA A 837 13.62 20.36 14.95
N VAL A 838 13.54 20.48 16.28
CA VAL A 838 13.93 19.38 17.15
C VAL A 838 13.00 18.18 16.99
N ASP A 839 11.70 18.46 16.86
CA ASP A 839 10.68 17.43 16.67
C ASP A 839 10.70 16.88 15.25
N THR A 840 10.99 17.77 14.31
CA THR A 840 10.96 17.45 12.89
C THR A 840 12.04 16.48 12.48
N TYR A 841 13.27 16.76 12.91
CA TYR A 841 14.41 15.97 12.50
C TYR A 841 14.83 14.88 13.49
N ARG A 842 13.84 14.15 14.00
CA ARG A 842 14.10 13.00 14.86
C ARG A 842 14.30 11.80 13.95
N TYR A 843 15.43 11.13 14.08
CA TYR A 843 15.71 9.95 13.26
C TYR A 843 15.10 8.69 13.87
N LEU A 844 14.91 7.66 13.06
CA LEU A 844 14.40 6.41 13.55
C LEU A 844 15.46 5.70 14.36
N ASN A 845 15.14 5.39 15.61
CA ASN A 845 16.02 4.60 16.46
C ASN A 845 15.21 3.43 16.96
N PHE A 846 15.42 2.29 16.33
CA PHE A 846 14.59 1.13 16.60
C PHE A 846 14.70 0.62 18.02
N ASN A 847 15.81 0.91 18.68
CA ASN A 847 15.99 0.49 20.05
C ASN A 847 15.14 1.32 21.01
N GLN A 848 14.42 2.30 20.47
CA GLN A 848 13.56 3.17 21.27
C GLN A 848 12.10 3.01 20.87
N LEU A 849 11.83 2.05 20.00
CA LEU A 849 10.46 1.78 19.55
C LEU A 849 10.00 0.40 20.03
N SER A 850 8.99 0.39 20.89
CA SER A 850 8.56 -0.83 21.58
C SER A 850 8.17 -1.98 20.65
N GLN A 851 7.43 -1.67 19.60
CA GLN A 851 7.02 -2.67 18.63
C GLN A 851 8.23 -3.40 18.05
N TYR A 852 9.37 -2.74 18.01
CA TYR A 852 10.58 -3.38 17.50
C TYR A 852 11.33 -4.12 18.59
N THR A 853 11.49 -3.49 19.74
CA THR A 853 12.26 -4.15 20.80
C THR A 853 11.54 -5.38 21.34
N GLU A 854 10.20 -5.31 21.38
CA GLU A 854 9.40 -6.42 21.87
C GLU A 854 9.64 -7.67 21.04
N LYS A 855 9.73 -7.51 19.73
CA LYS A 855 9.97 -8.68 18.90
C LYS A 855 11.42 -9.14 18.98
N ALA A 856 12.33 -8.20 19.21
CA ALA A 856 13.74 -8.52 19.33
C ALA A 856 14.00 -9.27 20.63
N ASP A 857 13.27 -8.93 21.67
CA ASP A 857 13.42 -9.60 22.96
C ASP A 857 12.98 -11.07 22.89
N GLY A 858 12.14 -11.39 21.91
CA GLY A 858 11.66 -12.74 21.75
C GLY A 858 12.53 -13.66 20.91
N VAL A 859 13.71 -13.19 20.52
CA VAL A 859 14.59 -13.96 19.64
C VAL A 859 15.69 -14.71 20.38
N ILE A 860 15.86 -16.00 20.06
CA ILE A 860 16.95 -16.79 20.64
C ILE A 860 18.00 -17.06 19.59
N PHE A 861 19.24 -16.67 19.87
CA PHE A 861 20.33 -16.90 18.94
C PHE A 861 20.61 -18.37 18.74
N GLN A 862 20.44 -18.83 17.51
CA GLN A 862 20.72 -20.21 17.14
C GLN A 862 22.22 -20.46 17.10
N MET B 1 -6.63 17.80 39.01
CA MET B 1 -7.84 17.64 38.18
C MET B 1 -8.38 19.02 37.86
N LEU B 2 -8.77 19.68 38.95
CA LEU B 2 -9.56 20.90 38.98
C LEU B 2 -9.00 22.01 38.13
N GLU B 3 -7.73 22.30 38.32
CA GLU B 3 -7.09 23.35 37.55
C GLU B 3 -7.23 23.05 36.07
N GLU B 4 -6.75 21.88 35.66
CA GLU B 4 -6.82 21.49 34.26
C GLU B 4 -8.25 21.43 33.77
N TYR B 5 -9.15 20.93 34.62
CA TYR B 5 -10.54 20.84 34.21
C TYR B 5 -11.11 22.22 33.94
N ARG B 6 -10.82 23.14 34.85
CA ARG B 6 -11.30 24.53 34.74
C ARG B 6 -10.79 25.16 33.46
N LYS B 7 -9.57 24.82 33.05
CA LYS B 7 -9.03 25.35 31.80
C LYS B 7 -9.76 24.74 30.61
N HIS B 8 -10.08 23.44 30.71
CA HIS B 8 -10.82 22.78 29.65
C HIS B 8 -12.19 23.44 29.46
N VAL B 9 -12.89 23.71 30.57
CA VAL B 9 -14.20 24.37 30.53
C VAL B 9 -14.17 25.70 29.80
N ALA B 10 -13.19 26.53 30.12
CA ALA B 10 -13.06 27.84 29.49
C ALA B 10 -12.84 27.68 28.00
N GLU B 11 -11.89 26.81 27.66
CA GLU B 11 -11.56 26.52 26.27
C GLU B 11 -12.82 26.20 25.48
N ARG B 12 -13.68 25.37 26.06
CA ARG B 12 -14.91 24.98 25.41
C ARG B 12 -15.95 26.09 25.41
N ALA B 13 -16.02 26.82 26.52
CA ALA B 13 -17.00 27.89 26.65
C ALA B 13 -16.75 28.94 25.58
N ALA B 14 -15.49 29.11 25.21
CA ALA B 14 -15.11 30.07 24.17
C ALA B 14 -15.80 29.76 22.85
N GLU B 15 -16.27 28.53 22.68
CA GLU B 15 -16.93 28.13 21.44
C GLU B 15 -18.39 27.85 21.67
N GLY B 16 -18.84 28.12 22.90
CA GLY B 16 -20.23 27.94 23.27
C GLY B 16 -20.64 26.52 23.56
N ILE B 17 -19.67 25.64 23.84
CA ILE B 17 -20.05 24.25 24.09
C ILE B 17 -19.69 23.70 25.47
N ALA B 18 -20.48 22.72 25.88
CA ALA B 18 -20.27 22.02 27.15
C ALA B 18 -18.90 21.36 27.19
N PRO B 19 -18.33 21.24 28.38
CA PRO B 19 -17.09 20.50 28.57
C PRO B 19 -17.30 19.01 28.30
N LYS B 20 -16.23 18.29 27.98
CA LYS B 20 -16.31 16.83 27.78
C LYS B 20 -16.53 16.13 29.12
N PRO B 21 -17.22 14.99 29.12
CA PRO B 21 -17.42 14.23 30.36
C PRO B 21 -16.09 13.80 30.94
N LEU B 22 -16.08 13.49 32.23
CA LEU B 22 -14.86 13.05 32.89
C LEU B 22 -14.33 11.71 32.39
N ASP B 23 -13.00 11.64 32.28
CA ASP B 23 -12.21 10.47 31.98
C ASP B 23 -12.10 9.57 33.21
N ALA B 24 -11.54 8.38 33.03
CA ALA B 24 -11.23 7.50 34.16
C ALA B 24 -10.15 8.16 35.05
N ASN B 25 -9.13 8.76 34.43
CA ASN B 25 -8.07 9.43 35.17
C ASN B 25 -8.60 10.57 36.04
N GLN B 26 -9.45 11.40 35.44
CA GLN B 26 -10.04 12.51 36.15
C GLN B 26 -10.95 11.98 37.26
N MET B 27 -11.70 10.93 36.96
CA MET B 27 -12.60 10.36 37.95
C MET B 27 -11.81 9.87 39.15
N ALA B 28 -10.68 9.22 38.91
CA ALA B 28 -9.84 8.75 40.01
C ALA B 28 -9.42 9.93 40.89
N ALA B 29 -8.89 10.97 40.25
CA ALA B 29 -8.46 12.16 40.97
C ALA B 29 -9.62 12.79 41.74
N LEU B 30 -10.81 12.78 41.14
CA LEU B 30 -12.01 13.32 41.78
C LEU B 30 -12.30 12.59 43.09
N VAL B 31 -12.08 11.28 43.10
CA VAL B 31 -12.30 10.47 44.29
C VAL B 31 -11.50 11.01 45.47
N GLU B 32 -10.21 11.23 45.24
CA GLU B 32 -9.33 11.77 46.27
C GLU B 32 -9.86 13.10 46.78
N LEU B 33 -10.30 13.95 45.85
CA LEU B 33 -10.87 15.23 46.20
C LEU B 33 -12.12 15.06 47.04
N LEU B 34 -12.95 14.06 46.73
CA LEU B 34 -14.18 13.86 47.48
C LEU B 34 -13.89 13.36 48.89
N LYS B 35 -12.75 12.70 49.05
CA LYS B 35 -12.33 12.22 50.35
C LYS B 35 -11.84 13.41 51.18
N ASN B 36 -11.10 14.30 50.56
CA ASN B 36 -10.54 15.47 51.24
C ASN B 36 -10.76 16.75 50.40
N PRO B 37 -11.97 17.31 50.50
CA PRO B 37 -12.42 18.40 49.64
C PRO B 37 -11.88 19.77 50.02
N PRO B 38 -11.34 20.49 49.05
CA PRO B 38 -10.88 21.86 49.28
C PRO B 38 -12.07 22.73 49.68
N ALA B 39 -11.81 23.76 50.48
CA ALA B 39 -12.88 24.63 50.95
C ALA B 39 -13.54 25.38 49.80
N GLY B 40 -14.87 25.48 49.85
CA GLY B 40 -15.63 26.16 48.82
C GLY B 40 -15.93 25.40 47.53
N GLU B 41 -15.28 24.26 47.32
CA GLU B 41 -15.50 23.48 46.09
C GLU B 41 -16.56 22.38 46.24
N GLU B 42 -17.19 22.34 47.41
CA GLU B 42 -18.13 21.28 47.77
C GLU B 42 -19.24 21.00 46.76
N GLU B 43 -19.98 22.03 46.37
CA GLU B 43 -21.07 21.87 45.41
C GLU B 43 -20.60 21.55 43.99
N PHE B 44 -19.42 22.07 43.63
CA PHE B 44 -18.87 21.87 42.31
C PHE B 44 -18.50 20.40 42.13
N LEU B 45 -17.84 19.85 43.13
CA LEU B 45 -17.43 18.46 43.13
C LEU B 45 -18.63 17.53 43.07
N LEU B 46 -19.64 17.79 43.90
CA LEU B 46 -20.82 16.96 43.90
C LEU B 46 -21.43 16.97 42.50
N ASP B 47 -21.43 18.13 41.87
CA ASP B 47 -21.97 18.27 40.53
C ASP B 47 -21.21 17.43 39.51
N LEU B 48 -19.88 17.46 39.58
CA LEU B 48 -19.05 16.67 38.68
C LEU B 48 -19.39 15.20 38.79
N LEU B 49 -19.50 14.74 40.03
CA LEU B 49 -19.75 13.35 40.35
C LEU B 49 -21.13 12.91 39.90
N THR B 50 -22.11 13.78 40.15
CA THR B 50 -23.49 13.45 39.90
C THR B 50 -23.87 13.55 38.43
N ASN B 51 -23.36 14.56 37.74
CA ASN B 51 -23.82 14.84 36.38
C ASN B 51 -22.81 14.75 35.23
N ARG B 52 -21.52 14.60 35.52
CA ARG B 52 -20.53 14.72 34.44
C ARG B 52 -19.79 13.43 34.10
N VAL B 53 -20.29 12.32 34.60
CA VAL B 53 -19.67 11.04 34.35
C VAL B 53 -20.62 10.19 33.52
N PRO B 54 -20.10 9.56 32.48
CA PRO B 54 -20.88 8.64 31.66
C PRO B 54 -21.41 7.48 32.51
N PRO B 55 -22.53 6.92 32.12
CA PRO B 55 -23.12 5.79 32.85
C PRO B 55 -22.66 4.46 32.27
N GLY B 56 -23.27 3.37 32.69
CA GLY B 56 -22.99 2.07 32.10
C GLY B 56 -21.60 1.52 32.37
N VAL B 57 -20.99 0.93 31.35
CA VAL B 57 -19.68 0.33 31.55
C VAL B 57 -18.54 1.12 30.93
N ASP B 58 -18.68 2.44 30.97
CA ASP B 58 -17.59 3.33 30.60
C ASP B 58 -16.55 3.20 31.70
N GLU B 59 -15.28 3.42 31.38
CA GLU B 59 -14.21 3.24 32.35
C GLU B 59 -14.35 4.17 33.55
N ALA B 60 -14.81 5.39 33.30
CA ALA B 60 -14.99 6.34 34.39
C ALA B 60 -16.11 5.88 35.31
N ALA B 61 -17.15 5.29 34.71
CA ALA B 61 -18.28 4.77 35.49
C ALA B 61 -17.79 3.65 36.40
N TYR B 62 -16.81 2.90 35.92
CA TYR B 62 -16.26 1.82 36.72
C TYR B 62 -15.65 2.38 38.00
N VAL B 63 -14.85 3.45 37.85
CA VAL B 63 -14.25 4.09 39.00
C VAL B 63 -15.32 4.71 39.89
N LYS B 64 -16.30 5.35 39.28
CA LYS B 64 -17.36 5.98 40.07
C LYS B 64 -18.15 4.94 40.88
N ALA B 65 -18.56 3.86 40.23
CA ALA B 65 -19.33 2.84 40.93
C ALA B 65 -18.56 2.20 42.10
N GLY B 66 -17.29 1.87 41.88
CA GLY B 66 -16.49 1.26 42.93
C GLY B 66 -16.34 2.16 44.14
N PHE B 67 -16.26 3.46 43.90
CA PHE B 67 -16.11 4.41 44.97
C PHE B 67 -17.42 4.55 45.75
N LEU B 68 -18.52 4.67 45.04
CA LEU B 68 -19.82 4.78 45.68
C LEU B 68 -20.15 3.51 46.45
N ALA B 69 -19.75 2.37 45.90
CA ALA B 69 -19.98 1.10 46.58
C ALA B 69 -19.23 1.08 47.89
N ALA B 70 -17.96 1.50 47.86
CA ALA B 70 -17.15 1.53 49.07
C ALA B 70 -17.74 2.47 50.12
N ILE B 71 -18.31 3.58 49.67
CA ILE B 71 -18.91 4.51 50.61
C ILE B 71 -20.16 3.92 51.24
N ALA B 72 -20.87 3.10 50.47
CA ALA B 72 -22.09 2.50 50.94
C ALA B 72 -21.86 1.45 52.02
N LYS B 73 -20.72 0.78 51.93
CA LYS B 73 -20.37 -0.29 52.88
C LYS B 73 -19.49 0.19 54.03
N GLY B 74 -19.19 1.48 54.03
CA GLY B 74 -18.38 2.06 55.09
C GLY B 74 -16.90 1.79 55.08
N GLU B 75 -16.34 1.38 53.94
CA GLU B 75 -14.90 1.15 53.85
C GLU B 75 -14.19 2.35 53.24
N ALA B 76 -14.95 3.41 53.04
CA ALA B 76 -14.41 4.65 52.50
C ALA B 76 -15.33 5.73 53.05
N LYS B 77 -14.78 6.90 53.32
CA LYS B 77 -15.59 7.95 53.92
C LYS B 77 -15.46 9.25 53.16
N SER B 78 -16.51 10.07 53.20
CA SER B 78 -16.47 11.38 52.58
C SER B 78 -17.39 12.30 53.35
N PRO B 79 -16.92 13.50 53.63
CA PRO B 79 -17.72 14.50 54.35
C PRO B 79 -18.91 14.92 53.51
N LEU B 80 -18.87 14.62 52.22
CA LEU B 80 -19.91 15.08 51.31
C LEU B 80 -20.94 14.03 50.93
N LEU B 81 -20.69 12.78 51.32
CA LEU B 81 -21.58 11.69 50.94
C LEU B 81 -21.91 10.72 52.07
N THR B 82 -23.20 10.52 52.32
CA THR B 82 -23.63 9.53 53.30
C THR B 82 -23.84 8.23 52.52
N PRO B 83 -23.78 7.08 53.21
CA PRO B 83 -24.04 5.80 52.57
C PRO B 83 -25.36 5.83 51.81
N GLU B 84 -26.33 6.53 52.38
CA GLU B 84 -27.65 6.69 51.78
C GLU B 84 -27.56 7.40 50.42
N LYS B 85 -26.78 8.48 50.37
CA LYS B 85 -26.64 9.25 49.15
C LYS B 85 -25.93 8.45 48.07
N ALA B 86 -24.93 7.67 48.48
CA ALA B 86 -24.18 6.84 47.57
C ALA B 86 -25.10 5.84 46.88
N ILE B 87 -26.04 5.28 47.63
CA ILE B 87 -26.97 4.32 47.05
C ILE B 87 -27.86 5.03 46.04
N GLU B 88 -28.30 6.23 46.41
CA GLU B 88 -29.15 7.02 45.53
C GLU B 88 -28.40 7.32 44.22
N LEU B 89 -27.14 7.74 44.33
CA LEU B 89 -26.32 8.05 43.17
C LEU B 89 -26.05 6.83 42.31
N LEU B 90 -25.83 5.68 42.95
CA LEU B 90 -25.62 4.45 42.21
C LEU B 90 -26.84 4.19 41.34
N GLY B 91 -28.00 4.59 41.87
CA GLY B 91 -29.27 4.43 41.18
C GLY B 91 -29.43 5.26 39.92
N THR B 92 -28.49 6.16 39.64
CA THR B 92 -28.60 6.98 38.44
C THR B 92 -27.67 6.52 37.34
N MET B 93 -26.90 5.48 37.61
CA MET B 93 -25.86 5.07 36.66
C MET B 93 -26.37 4.25 35.49
N GLN B 94 -27.69 4.22 35.36
CA GLN B 94 -28.32 3.69 34.15
C GLN B 94 -28.12 2.17 34.03
N GLY B 95 -27.04 1.62 34.58
CA GLY B 95 -26.79 0.19 34.51
C GLY B 95 -25.30 -0.23 34.46
N GLY B 96 -25.01 -1.51 34.60
CA GLY B 96 -23.63 -1.99 34.52
C GLY B 96 -22.90 -2.30 35.83
N TYR B 97 -21.95 -1.46 36.22
CA TYR B 97 -21.20 -1.71 37.45
C TYR B 97 -21.96 -1.34 38.71
N ASN B 98 -23.06 -0.60 38.57
CA ASN B 98 -23.84 -0.14 39.72
C ASN B 98 -24.79 -1.17 40.30
N ILE B 99 -25.01 -2.27 39.57
CA ILE B 99 -26.05 -3.23 39.93
C ILE B 99 -25.78 -4.14 41.13
N HIS B 100 -24.64 -4.80 41.15
CA HIS B 100 -24.33 -5.66 42.29
C HIS B 100 -24.31 -4.92 43.63
N PRO B 101 -23.68 -3.74 43.69
CA PRO B 101 -23.73 -2.94 44.92
C PRO B 101 -25.17 -2.64 45.35
N LEU B 102 -26.06 -2.38 44.42
CA LEU B 102 -27.46 -2.09 44.76
C LEU B 102 -28.17 -3.33 45.30
N ILE B 103 -27.88 -4.48 44.69
CA ILE B 103 -28.48 -5.72 45.13
C ILE B 103 -27.96 -6.07 46.53
N ASP B 104 -26.67 -5.94 46.72
CA ASP B 104 -26.10 -6.22 48.03
C ASP B 104 -26.81 -5.39 49.09
N ALA B 105 -27.09 -4.14 48.75
CA ALA B 105 -27.66 -3.18 49.71
C ALA B 105 -29.05 -3.57 50.19
N LEU B 106 -29.64 -4.56 49.54
CA LEU B 106 -30.95 -5.05 49.91
C LEU B 106 -30.91 -5.79 51.24
N ASP B 107 -29.73 -6.24 51.63
CA ASP B 107 -29.55 -6.95 52.89
C ASP B 107 -29.14 -6.00 54.02
N ASP B 108 -29.27 -4.71 53.78
CA ASP B 108 -28.94 -3.71 54.79
C ASP B 108 -30.19 -2.93 55.17
N ALA B 109 -30.65 -3.11 56.40
CA ALA B 109 -31.87 -2.48 56.88
C ALA B 109 -31.96 -0.97 56.62
N LYS B 110 -30.86 -0.25 56.82
CA LYS B 110 -30.86 1.20 56.59
C LYS B 110 -30.89 1.59 55.12
N LEU B 111 -30.13 0.87 54.30
CA LEU B 111 -29.99 1.17 52.87
C LEU B 111 -31.09 0.56 52.00
N ALA B 112 -31.58 -0.62 52.41
CA ALA B 112 -32.59 -1.36 51.66
C ALA B 112 -33.70 -0.54 51.01
N PRO B 113 -34.40 0.28 51.78
CA PRO B 113 -35.49 1.08 51.23
C PRO B 113 -34.99 1.93 50.06
N ILE B 114 -33.79 2.48 50.19
CA ILE B 114 -33.24 3.31 49.13
C ILE B 114 -32.84 2.51 47.90
N ALA B 115 -32.16 1.39 48.11
CA ALA B 115 -31.78 0.52 47.00
C ALA B 115 -33.00 -0.04 46.27
N ALA B 116 -34.09 -0.24 47.00
CA ALA B 116 -35.27 -0.80 46.38
C ALA B 116 -35.88 0.19 45.40
N LYS B 117 -35.83 1.47 45.77
CA LYS B 117 -36.34 2.52 44.91
C LYS B 117 -35.50 2.57 43.64
N ALA B 118 -34.18 2.57 43.83
CA ALA B 118 -33.22 2.60 42.73
C ALA B 118 -33.44 1.45 41.73
N LEU B 119 -33.48 0.23 42.24
CA LEU B 119 -33.67 -0.92 41.38
C LEU B 119 -35.03 -0.91 40.68
N SER B 120 -36.02 -0.27 41.29
CA SER B 120 -37.35 -0.24 40.69
C SER B 120 -37.36 0.53 39.39
N HIS B 121 -36.41 1.44 39.23
CA HIS B 121 -36.37 2.25 38.03
C HIS B 121 -35.16 1.93 37.18
N THR B 122 -34.55 0.78 37.43
CA THR B 122 -33.40 0.32 36.68
C THR B 122 -33.86 -0.70 35.65
N LEU B 123 -33.65 -0.39 34.38
CA LEU B 123 -34.14 -1.25 33.31
C LEU B 123 -33.12 -2.26 32.84
N LEU B 124 -31.84 -1.91 32.90
CA LEU B 124 -30.80 -2.79 32.41
C LEU B 124 -30.42 -3.90 33.38
N MET B 125 -31.43 -4.56 33.94
CA MET B 125 -31.21 -5.67 34.87
C MET B 125 -30.64 -6.90 34.20
N PHE B 126 -31.21 -7.24 33.04
CA PHE B 126 -30.83 -8.46 32.33
C PHE B 126 -30.85 -9.66 33.27
N ASP B 127 -29.79 -10.45 33.24
CA ASP B 127 -29.71 -11.65 34.07
C ASP B 127 -29.73 -11.36 35.56
N ASN B 128 -29.30 -10.17 35.96
CA ASN B 128 -29.31 -9.82 37.37
C ASN B 128 -30.74 -9.86 37.93
N PHE B 129 -31.72 -9.89 37.03
CA PHE B 129 -33.11 -10.01 37.44
C PHE B 129 -33.28 -11.19 38.38
N TYR B 130 -32.62 -12.29 38.09
CA TYR B 130 -32.75 -13.51 38.89
C TYR B 130 -32.06 -13.39 40.24
N ASP B 131 -31.11 -12.47 40.35
CA ASP B 131 -30.47 -12.27 41.63
C ASP B 131 -31.49 -11.66 42.59
N VAL B 132 -32.40 -10.85 42.05
CA VAL B 132 -33.40 -10.18 42.88
C VAL B 132 -34.57 -11.09 43.19
N GLU B 133 -35.03 -11.83 42.19
CA GLU B 133 -36.14 -12.73 42.43
C GLU B 133 -35.75 -13.73 43.51
N GLU B 134 -34.48 -14.12 43.51
CA GLU B 134 -33.99 -15.08 44.48
C GLU B 134 -34.04 -14.56 45.92
N LYS B 135 -33.74 -13.27 46.12
CA LYS B 135 -33.79 -12.73 47.47
C LYS B 135 -35.24 -12.63 47.92
N ALA B 136 -36.11 -12.29 46.98
CA ALA B 136 -37.54 -12.18 47.28
C ALA B 136 -38.10 -13.53 47.72
N LYS B 137 -37.68 -14.59 47.03
CA LYS B 137 -38.14 -15.93 47.32
C LYS B 137 -37.56 -16.44 48.65
N ALA B 138 -36.51 -15.79 49.12
CA ALA B 138 -35.89 -16.18 50.38
C ALA B 138 -36.47 -15.39 51.55
N GLY B 139 -37.44 -14.52 51.28
CA GLY B 139 -38.08 -13.78 52.35
C GLY B 139 -37.77 -12.31 52.47
N ASN B 140 -36.86 -11.81 51.64
CA ASN B 140 -36.51 -10.39 51.68
C ASN B 140 -37.62 -9.53 51.06
N GLU B 141 -38.28 -8.72 51.88
CA GLU B 141 -39.44 -7.95 51.40
C GLU B 141 -39.08 -6.71 50.57
N TYR B 142 -37.88 -6.18 50.76
CA TYR B 142 -37.44 -5.09 49.92
C TYR B 142 -37.29 -5.61 48.49
N ALA B 143 -36.81 -6.85 48.36
CA ALA B 143 -36.68 -7.47 47.05
C ALA B 143 -38.07 -7.76 46.48
N LYS B 144 -39.03 -8.03 47.36
CA LYS B 144 -40.39 -8.31 46.89
C LYS B 144 -41.01 -7.04 46.35
N GLN B 145 -40.68 -5.93 47.00
CA GLN B 145 -41.16 -4.62 46.57
C GLN B 145 -40.67 -4.29 45.16
N VAL B 146 -39.39 -4.60 44.90
CA VAL B 146 -38.81 -4.35 43.59
C VAL B 146 -39.55 -5.19 42.54
N MET B 147 -39.75 -6.47 42.83
CA MET B 147 -40.48 -7.36 41.94
C MET B 147 -41.86 -6.81 41.60
N GLN B 148 -42.61 -6.42 42.63
CA GLN B 148 -43.95 -5.88 42.45
C GLN B 148 -43.90 -4.61 41.63
N SER B 149 -42.93 -3.76 41.92
CA SER B 149 -42.81 -2.49 41.20
C SER B 149 -42.59 -2.73 39.71
N TRP B 150 -41.73 -3.68 39.37
CA TRP B 150 -41.49 -3.99 37.96
C TRP B 150 -42.77 -4.53 37.36
N ALA B 151 -43.43 -5.44 38.08
CA ALA B 151 -44.66 -6.05 37.60
C ALA B 151 -45.76 -5.00 37.38
N ASP B 152 -45.76 -3.96 38.20
CA ASP B 152 -46.74 -2.88 38.06
C ASP B 152 -46.32 -1.86 37.00
N ALA B 153 -45.11 -2.01 36.48
CA ALA B 153 -44.59 -1.11 35.46
C ALA B 153 -44.47 0.33 35.93
N GLU B 154 -44.03 0.51 37.18
CA GLU B 154 -43.89 1.85 37.73
C GLU B 154 -42.84 2.66 37.00
N TRP B 155 -41.78 2.00 36.54
CA TRP B 155 -40.71 2.67 35.81
C TRP B 155 -41.31 3.43 34.64
N PHE B 156 -42.30 2.82 34.03
CA PHE B 156 -42.96 3.39 32.86
C PHE B 156 -44.05 4.39 33.27
N LEU B 157 -44.90 3.99 34.22
CA LEU B 157 -46.02 4.82 34.66
C LEU B 157 -45.59 6.13 35.31
N ASN B 158 -44.42 6.13 35.94
CA ASN B 158 -43.94 7.35 36.60
C ASN B 158 -43.39 8.39 35.64
N ARG B 159 -43.35 8.06 34.36
CA ARG B 159 -42.87 9.00 33.35
C ARG B 159 -44.08 9.69 32.73
N PRO B 160 -43.95 10.98 32.46
CA PRO B 160 -45.05 11.76 31.89
C PRO B 160 -45.49 11.18 30.56
N ALA B 161 -46.79 10.99 30.37
CA ALA B 161 -47.29 10.53 29.09
C ALA B 161 -47.15 11.66 28.09
N LEU B 162 -47.17 11.30 26.81
CA LEU B 162 -47.11 12.28 25.74
C LEU B 162 -48.36 13.15 25.83
N ALA B 163 -48.18 14.47 25.85
CA ALA B 163 -49.30 15.39 25.92
C ALA B 163 -50.24 15.26 24.72
N GLU B 164 -51.51 15.59 24.90
CA GLU B 164 -52.48 15.51 23.82
C GLU B 164 -52.30 16.60 22.78
N LYS B 165 -51.68 17.71 23.18
CA LYS B 165 -51.43 18.82 22.29
C LYS B 165 -50.01 19.33 22.48
N LEU B 166 -49.21 19.30 21.42
CA LEU B 166 -47.84 19.80 21.48
C LEU B 166 -47.72 21.09 20.69
N THR B 167 -47.15 22.12 21.30
CA THR B 167 -46.96 23.37 20.59
C THR B 167 -45.49 23.57 20.24
N VAL B 168 -45.19 23.66 18.97
CA VAL B 168 -43.81 23.78 18.53
C VAL B 168 -43.60 24.88 17.50
N THR B 169 -42.37 25.36 17.41
CA THR B 169 -42.00 26.33 16.40
C THR B 169 -41.35 25.56 15.26
N VAL B 170 -41.79 25.80 14.03
CA VAL B 170 -41.26 25.10 12.87
C VAL B 170 -39.90 25.61 12.41
N PHE B 171 -38.92 24.71 12.37
CA PHE B 171 -37.61 25.02 11.78
C PHE B 171 -37.65 24.24 10.48
N LYS B 172 -38.00 24.93 9.40
CA LYS B 172 -38.21 24.29 8.10
C LYS B 172 -36.96 24.29 7.21
N VAL B 173 -36.62 23.12 6.69
CA VAL B 173 -35.52 23.02 5.74
C VAL B 173 -36.15 22.53 4.46
N THR B 174 -36.35 23.43 3.50
CA THR B 174 -37.02 23.04 2.26
C THR B 174 -36.16 22.07 1.45
N GLY B 175 -36.82 21.18 0.74
CA GLY B 175 -36.10 20.21 -0.05
C GLY B 175 -35.71 18.98 0.75
N GLU B 176 -34.64 18.33 0.31
CA GLU B 176 -34.19 17.09 0.93
C GLU B 176 -33.11 17.38 1.95
N THR B 177 -33.31 16.87 3.15
CA THR B 177 -32.26 16.88 4.15
C THR B 177 -31.61 15.51 4.12
N ASN B 178 -30.37 15.51 3.65
CA ASN B 178 -29.51 14.35 3.59
C ASN B 178 -28.77 14.29 4.93
N THR B 179 -28.40 13.10 5.42
CA THR B 179 -27.65 13.07 6.70
C THR B 179 -26.27 13.75 6.63
N ASP B 180 -25.70 13.85 5.44
CA ASP B 180 -24.44 14.55 5.26
C ASP B 180 -24.65 16.04 5.54
N ASP B 181 -25.83 16.54 5.21
CA ASP B 181 -26.17 17.94 5.48
C ASP B 181 -26.15 18.20 6.98
N LEU B 182 -26.58 17.20 7.75
CA LEU B 182 -26.67 17.33 9.20
C LEU B 182 -25.37 16.98 9.89
N SER B 183 -24.62 16.07 9.28
CA SER B 183 -23.36 15.61 9.86
C SER B 183 -22.37 15.36 8.71
N PRO B 184 -21.72 16.43 8.28
CA PRO B 184 -20.79 16.40 7.15
C PRO B 184 -19.62 15.42 7.30
N ALA B 185 -19.22 14.84 6.17
CA ALA B 185 -18.19 13.80 6.15
C ALA B 185 -16.84 14.23 6.73
N PRO B 186 -16.38 15.43 6.40
CA PRO B 186 -15.09 15.90 6.90
C PRO B 186 -15.08 16.06 8.43
N ASP B 187 -16.24 16.06 9.07
CA ASP B 187 -16.30 16.19 10.52
C ASP B 187 -16.57 14.86 11.21
N ALA B 188 -16.38 13.77 10.48
CA ALA B 188 -16.65 12.44 11.03
C ALA B 188 -15.84 12.11 12.28
N TRP B 189 -14.63 12.67 12.34
CA TRP B 189 -13.72 12.39 13.45
C TRP B 189 -14.25 12.86 14.81
N SER B 190 -15.13 13.86 14.81
CA SER B 190 -15.63 14.42 16.07
C SER B 190 -16.99 13.88 16.49
N ARG B 191 -17.52 12.93 15.73
CA ARG B 191 -18.84 12.36 15.99
C ARG B 191 -19.16 11.94 17.43
N PRO B 192 -18.23 11.30 18.14
CA PRO B 192 -18.49 10.84 19.51
C PRO B 192 -18.61 11.99 20.54
N ASP B 193 -18.10 13.16 20.19
CA ASP B 193 -18.18 14.32 21.06
C ASP B 193 -19.39 15.14 20.59
N ILE B 194 -20.56 14.79 21.13
CA ILE B 194 -21.82 15.33 20.64
C ILE B 194 -21.93 16.86 20.53
N PRO B 195 -21.69 17.59 21.59
CA PRO B 195 -21.77 19.06 21.51
C PRO B 195 -20.78 19.65 20.50
N LEU B 196 -19.58 19.07 20.39
CA LEU B 196 -18.59 19.58 19.43
C LEU B 196 -19.04 19.32 18.00
N HIS B 197 -19.40 18.09 17.70
CA HIS B 197 -19.85 17.70 16.37
C HIS B 197 -21.09 18.47 15.92
N ALA B 198 -21.95 18.86 16.87
CA ALA B 198 -23.20 19.58 16.56
C ALA B 198 -23.00 20.92 15.87
N LEU B 199 -21.84 21.55 16.09
CA LEU B 199 -21.58 22.86 15.48
C LEU B 199 -21.50 22.78 13.97
N ALA B 200 -21.25 21.59 13.44
CA ALA B 200 -21.09 21.43 12.00
C ALA B 200 -22.40 21.15 11.28
N MET B 201 -23.49 21.05 12.04
CA MET B 201 -24.81 20.78 11.46
C MET B 201 -25.24 21.90 10.50
N LEU B 202 -25.53 21.53 9.26
CA LEU B 202 -25.92 22.50 8.23
C LEU B 202 -24.95 23.66 8.20
N LYS B 203 -23.65 23.38 8.18
CA LYS B 203 -22.66 24.45 8.15
C LYS B 203 -22.55 25.04 6.74
N ASN B 204 -23.09 24.33 5.76
CA ASN B 204 -23.09 24.80 4.39
C ASN B 204 -24.42 25.48 4.10
N ALA B 205 -24.34 26.68 3.52
CA ALA B 205 -25.54 27.48 3.25
C ALA B 205 -26.55 26.77 2.35
N ARG B 206 -27.83 26.99 2.64
CA ARG B 206 -28.94 26.41 1.89
C ARG B 206 -30.02 27.46 1.90
N GLU B 207 -30.98 27.31 0.97
CA GLU B 207 -32.12 28.21 0.96
C GLU B 207 -32.73 28.25 2.34
N GLY B 208 -32.91 29.46 2.86
CA GLY B 208 -33.58 29.66 4.14
C GLY B 208 -32.70 29.44 5.35
N ILE B 209 -31.50 28.93 5.14
CA ILE B 209 -30.62 28.61 6.26
C ILE B 209 -29.35 29.47 6.27
N GLU B 210 -29.12 30.15 7.38
CA GLU B 210 -27.97 31.05 7.51
C GLU B 210 -26.98 30.60 8.58
N PRO B 211 -25.93 29.90 8.15
CA PRO B 211 -24.88 29.43 9.06
C PRO B 211 -24.16 30.60 9.71
N ASP B 212 -23.73 30.43 10.97
CA ASP B 212 -22.96 31.48 11.64
C ASP B 212 -21.64 31.70 10.94
N GLN B 213 -20.97 30.60 10.58
CA GLN B 213 -19.73 30.70 9.80
C GLN B 213 -19.80 29.63 8.73
N PRO B 214 -20.19 30.05 7.54
CA PRO B 214 -20.36 29.13 6.40
C PRO B 214 -19.17 28.20 6.24
N GLY B 215 -19.44 26.91 6.10
CA GLY B 215 -18.40 25.92 5.91
C GLY B 215 -17.74 25.45 7.20
N VAL B 216 -18.12 26.06 8.32
CA VAL B 216 -17.50 25.72 9.60
C VAL B 216 -18.53 25.55 10.71
N VAL B 217 -19.39 26.54 10.90
CA VAL B 217 -20.42 26.50 11.94
C VAL B 217 -21.82 26.76 11.37
N GLY B 218 -22.80 25.98 11.82
CA GLY B 218 -24.17 26.09 11.34
C GLY B 218 -24.98 27.25 11.89
N PRO B 219 -26.29 27.15 11.74
CA PRO B 219 -27.22 28.25 12.06
C PRO B 219 -27.58 28.30 13.53
N ILE B 220 -26.61 28.37 14.41
CA ILE B 220 -26.93 28.39 15.83
C ILE B 220 -27.76 29.62 16.17
N LYS B 221 -27.31 30.80 15.73
CA LYS B 221 -28.04 32.04 16.00
C LYS B 221 -29.48 31.95 15.50
N GLN B 222 -29.64 31.54 14.26
CA GLN B 222 -30.97 31.35 13.70
C GLN B 222 -31.80 30.44 14.61
N ILE B 223 -31.19 29.34 15.06
CA ILE B 223 -31.90 28.40 15.91
C ILE B 223 -32.29 28.99 17.25
N GLU B 224 -31.35 29.70 17.86
CA GLU B 224 -31.63 30.30 19.16
C GLU B 224 -32.73 31.36 19.08
N ALA B 225 -32.67 32.23 18.08
CA ALA B 225 -33.70 33.26 17.89
C ALA B 225 -35.10 32.66 17.85
N LEU B 226 -35.22 31.52 17.17
CA LEU B 226 -36.50 30.81 17.08
C LEU B 226 -36.93 30.25 18.43
N GLN B 227 -35.95 29.86 19.25
CA GLN B 227 -36.27 29.30 20.55
C GLN B 227 -36.79 30.37 21.50
N GLN B 228 -36.35 31.60 21.31
CA GLN B 228 -36.80 32.73 22.13
C GLN B 228 -38.32 32.84 22.09
N LYS B 229 -38.93 32.32 21.03
CA LYS B 229 -40.39 32.35 20.93
C LYS B 229 -41.06 31.61 22.08
N GLY B 230 -40.27 30.81 22.81
CA GLY B 230 -40.77 30.13 23.99
C GLY B 230 -41.39 28.75 23.84
N PHE B 231 -41.21 28.15 22.67
CA PHE B 231 -41.73 26.81 22.42
C PHE B 231 -40.60 25.93 21.88
N PRO B 232 -40.72 24.61 22.03
CA PRO B 232 -39.71 23.70 21.49
C PRO B 232 -39.73 23.75 19.97
N LEU B 233 -38.60 23.47 19.33
CA LEU B 233 -38.54 23.46 17.88
C LEU B 233 -38.84 22.08 17.36
N ALA B 234 -39.22 22.02 16.09
CA ALA B 234 -39.45 20.75 15.39
C ALA B 234 -38.68 20.78 14.09
N TYR B 235 -37.91 19.74 13.80
CA TYR B 235 -37.21 19.69 12.53
C TYR B 235 -38.24 19.35 11.45
N VAL B 236 -38.27 20.17 10.39
CA VAL B 236 -39.29 20.02 9.36
C VAL B 236 -38.68 20.11 7.96
N GLY B 237 -39.00 19.13 7.11
CA GLY B 237 -38.48 19.12 5.76
C GLY B 237 -39.32 18.31 4.80
N ASP B 238 -39.10 18.52 3.50
CA ASP B 238 -39.85 17.79 2.48
C ASP B 238 -39.43 16.33 2.44
N VAL B 239 -38.13 16.09 2.32
CA VAL B 239 -37.60 14.74 2.38
C VAL B 239 -36.50 14.76 3.43
N VAL B 240 -36.61 13.86 4.41
CA VAL B 240 -35.70 13.89 5.54
C VAL B 240 -35.02 12.58 5.85
N GLY B 241 -33.70 12.66 6.04
CA GLY B 241 -32.90 11.54 6.51
C GLY B 241 -32.37 10.54 5.51
N THR B 242 -32.31 10.94 4.24
CA THR B 242 -31.80 10.02 3.23
C THR B 242 -30.29 9.89 3.33
N GLY B 243 -29.78 8.81 2.75
CA GLY B 243 -28.35 8.61 2.68
C GLY B 243 -27.81 7.76 3.81
N SER B 244 -26.69 8.20 4.35
CA SER B 244 -25.96 7.51 5.40
C SER B 244 -26.77 7.27 6.65
N SER B 245 -26.44 6.18 7.33
CA SER B 245 -27.09 5.80 8.56
C SER B 245 -26.50 6.56 9.75
N ARG B 246 -25.38 7.26 9.54
CA ARG B 246 -24.68 7.93 10.65
C ARG B 246 -25.59 8.53 11.74
N LYS B 247 -25.55 7.95 12.94
CA LYS B 247 -26.39 8.40 14.06
C LYS B 247 -26.09 9.84 14.46
N SER B 248 -24.91 10.32 14.09
CA SER B 248 -24.50 11.67 14.44
C SER B 248 -25.47 12.72 13.90
N ALA B 249 -26.07 12.46 12.74
CA ALA B 249 -27.09 13.35 12.21
C ALA B 249 -28.22 13.53 13.22
N THR B 250 -28.70 12.43 13.79
CA THR B 250 -29.77 12.50 14.77
C THR B 250 -29.27 13.15 16.08
N ASN B 251 -28.07 12.76 16.51
CA ASN B 251 -27.47 13.34 17.71
C ASN B 251 -27.47 14.87 17.70
N SER B 252 -27.02 15.43 16.58
CA SER B 252 -26.94 16.88 16.44
C SER B 252 -28.28 17.61 16.48
N VAL B 253 -29.29 17.10 15.78
CA VAL B 253 -30.57 17.79 15.83
C VAL B 253 -31.18 17.69 17.22
N LEU B 254 -30.99 16.55 17.88
CA LEU B 254 -31.55 16.39 19.21
C LEU B 254 -30.76 17.24 20.19
N TRP B 255 -29.48 17.49 19.89
CA TRP B 255 -28.68 18.31 20.78
C TRP B 255 -29.28 19.70 20.85
N PHE B 256 -29.80 20.19 19.73
CA PHE B 256 -30.41 21.51 19.69
C PHE B 256 -31.91 21.50 19.98
N MET B 257 -32.60 20.44 19.61
CA MET B 257 -34.05 20.44 19.73
C MET B 257 -34.64 19.48 20.77
N GLY B 258 -33.80 18.67 21.40
CA GLY B 258 -34.29 17.70 22.36
C GLY B 258 -34.16 18.10 23.81
N ASP B 259 -34.30 17.12 24.70
CA ASP B 259 -34.23 17.37 26.13
C ASP B 259 -33.05 16.68 26.79
N ASP B 260 -32.56 17.27 27.87
CA ASP B 260 -31.50 16.67 28.67
C ASP B 260 -31.96 15.33 29.21
N ILE B 261 -31.01 14.44 29.45
CA ILE B 261 -31.30 13.18 30.09
C ILE B 261 -30.59 13.23 31.45
N PRO B 262 -31.38 13.12 32.52
CA PRO B 262 -30.84 13.30 33.88
C PRO B 262 -29.61 12.45 34.17
N HIS B 263 -28.53 13.10 34.61
CA HIS B 263 -27.31 12.41 35.04
C HIS B 263 -26.53 11.78 33.90
N VAL B 264 -26.90 12.11 32.68
CA VAL B 264 -26.19 11.61 31.51
C VAL B 264 -25.67 12.80 30.74
N PRO B 265 -24.36 13.00 30.78
CA PRO B 265 -23.73 14.20 30.19
C PRO B 265 -23.62 14.17 28.68
N ASN B 266 -23.88 15.32 28.06
CA ASN B 266 -23.66 15.51 26.62
C ASN B 266 -24.42 14.63 25.65
N LYS B 267 -25.61 14.19 26.04
CA LYS B 267 -26.48 13.44 25.14
C LYS B 267 -27.91 13.87 25.38
N ARG B 268 -28.65 14.13 24.33
CA ARG B 268 -30.00 14.63 24.49
C ARG B 268 -30.99 13.63 23.89
N GLY B 269 -32.24 13.67 24.34
CA GLY B 269 -33.27 12.80 23.80
C GLY B 269 -34.51 13.59 23.42
N GLY B 270 -35.58 12.89 23.06
CA GLY B 270 -36.84 13.55 22.73
C GLY B 270 -36.86 14.25 21.37
N GLY B 271 -37.64 15.31 21.27
CA GLY B 271 -37.80 16.09 20.05
C GLY B 271 -38.86 15.55 19.10
N LEU B 272 -39.19 16.35 18.09
CA LEU B 272 -40.08 15.83 17.07
C LEU B 272 -39.65 16.22 15.66
N CYS B 273 -39.94 15.34 14.73
CA CYS B 273 -39.45 15.51 13.37
C CYS B 273 -40.57 15.27 12.38
N LEU B 274 -40.84 16.25 11.53
CA LEU B 274 -41.90 16.13 10.53
C LEU B 274 -41.32 16.17 9.12
N GLY B 275 -41.74 15.23 8.28
CA GLY B 275 -41.26 15.15 6.92
C GLY B 275 -42.29 14.63 5.95
N GLY B 276 -42.29 15.16 4.73
CA GLY B 276 -43.23 14.72 3.73
C GLY B 276 -42.97 13.25 3.53
N LYS B 277 -41.68 12.92 3.55
CA LYS B 277 -41.23 11.55 3.44
C LYS B 277 -40.03 11.44 4.39
N ILE B 278 -39.95 10.36 5.17
CA ILE B 278 -38.79 10.15 6.06
C ILE B 278 -38.14 8.81 5.77
N ALA B 279 -36.86 8.83 5.43
CA ALA B 279 -36.14 7.61 5.10
C ALA B 279 -36.18 6.61 6.27
N PRO B 280 -36.30 5.34 5.95
CA PRO B 280 -36.54 4.30 6.97
C PRO B 280 -35.44 4.20 8.03
N ILE B 281 -34.17 4.29 7.64
CA ILE B 281 -33.11 4.19 8.63
C ILE B 281 -33.19 5.35 9.63
N PHE B 282 -33.38 6.56 9.11
CA PHE B 282 -33.49 7.76 9.93
C PHE B 282 -34.72 7.71 10.84
N PHE B 283 -35.81 7.17 10.33
CA PHE B 283 -37.03 7.07 11.12
C PHE B 283 -36.77 6.24 12.38
N ASN B 284 -36.16 5.08 12.19
CA ASN B 284 -35.83 4.20 13.31
C ASN B 284 -34.91 4.87 14.30
N THR B 285 -33.81 5.41 13.78
CA THR B 285 -32.83 6.07 14.62
C THR B 285 -33.51 7.10 15.52
N MET B 286 -34.41 7.87 14.93
CA MET B 286 -35.14 8.90 15.68
C MET B 286 -35.99 8.29 16.78
N GLU B 287 -36.72 7.23 16.45
CA GLU B 287 -37.59 6.61 17.43
C GLU B 287 -36.79 5.86 18.50
N ASP B 288 -35.64 5.35 18.12
CA ASP B 288 -34.79 4.66 19.09
C ASP B 288 -34.22 5.65 20.10
N ALA B 289 -34.21 6.92 19.73
CA ALA B 289 -33.63 7.96 20.56
C ALA B 289 -34.65 8.75 21.39
N GLY B 290 -35.93 8.43 21.24
CA GLY B 290 -36.97 9.08 22.04
C GLY B 290 -37.72 10.20 21.33
N ALA B 291 -37.37 10.43 20.07
CA ALA B 291 -38.03 11.46 19.30
C ALA B 291 -39.28 10.91 18.66
N LEU B 292 -40.16 11.81 18.24
CA LEU B 292 -41.40 11.44 17.56
C LEU B 292 -41.30 11.86 16.11
N PRO B 293 -41.07 10.90 15.21
CA PRO B 293 -40.95 11.18 13.78
C PRO B 293 -42.30 10.97 13.13
N ILE B 294 -42.74 11.92 12.32
CA ILE B 294 -44.06 11.81 11.69
C ILE B 294 -44.03 12.18 10.22
N GLU B 295 -44.42 11.25 9.36
CA GLU B 295 -44.58 11.53 7.95
C GLU B 295 -45.92 12.24 7.78
N VAL B 296 -45.87 13.46 7.26
CA VAL B 296 -47.07 14.27 7.09
C VAL B 296 -46.82 15.29 5.99
N ASP B 297 -47.88 15.83 5.41
CA ASP B 297 -47.72 16.86 4.39
C ASP B 297 -47.18 18.10 5.07
N VAL B 298 -46.11 18.67 4.53
CA VAL B 298 -45.47 19.82 5.17
C VAL B 298 -45.48 21.09 4.31
N SER B 299 -46.19 21.04 3.20
CA SER B 299 -46.22 22.17 2.28
C SER B 299 -46.78 23.45 2.90
N ASN B 300 -47.65 23.32 3.90
CA ASN B 300 -48.21 24.50 4.56
C ASN B 300 -47.50 24.86 5.86
N LEU B 301 -46.29 24.33 6.04
CA LEU B 301 -45.53 24.61 7.23
C LEU B 301 -44.29 25.42 6.84
N ASN B 302 -44.18 26.63 7.37
CA ASN B 302 -43.06 27.50 7.03
C ASN B 302 -42.22 27.84 8.24
N MET B 303 -40.98 28.25 7.97
CA MET B 303 -40.02 28.63 8.99
C MET B 303 -40.63 29.68 9.92
N GLY B 304 -40.65 29.37 11.22
CA GLY B 304 -41.15 30.32 12.20
C GLY B 304 -42.58 30.07 12.62
N ASP B 305 -43.31 29.26 11.87
CA ASP B 305 -44.70 28.99 12.20
C ASP B 305 -44.82 28.30 13.54
N VAL B 306 -45.78 28.74 14.34
CA VAL B 306 -46.06 28.08 15.60
C VAL B 306 -47.28 27.22 15.37
N ILE B 307 -47.12 25.91 15.54
CA ILE B 307 -48.21 25.00 15.30
C ILE B 307 -48.50 24.12 16.50
N ASP B 308 -49.70 23.52 16.49
CA ASP B 308 -50.10 22.58 17.52
C ASP B 308 -50.18 21.21 16.86
N VAL B 309 -49.58 20.22 17.51
CA VAL B 309 -49.60 18.86 17.02
C VAL B 309 -50.39 17.98 18.00
N TYR B 310 -51.40 17.30 17.48
CA TYR B 310 -52.24 16.42 18.27
C TYR B 310 -51.94 14.99 17.88
N PRO B 311 -51.05 14.36 18.62
CA PRO B 311 -50.57 13.01 18.29
C PRO B 311 -51.68 11.98 18.31
N TYR B 312 -52.61 12.09 19.25
CA TYR B 312 -53.68 11.11 19.39
C TYR B 312 -54.82 11.35 18.41
N LYS B 313 -54.98 12.58 17.95
CA LYS B 313 -56.02 12.91 17.00
C LYS B 313 -55.49 12.88 15.56
N GLY B 314 -54.19 13.10 15.41
CA GLY B 314 -53.55 13.05 14.11
C GLY B 314 -53.76 14.29 13.28
N GLU B 315 -53.68 15.46 13.92
CA GLU B 315 -53.91 16.71 13.22
C GLU B 315 -52.81 17.71 13.52
N VAL B 316 -52.56 18.58 12.55
CA VAL B 316 -51.65 19.70 12.75
C VAL B 316 -52.48 20.97 12.54
N ARG B 317 -52.39 21.90 13.47
CA ARG B 317 -53.18 23.12 13.41
C ARG B 317 -52.36 24.37 13.66
N ASN B 318 -52.79 25.48 13.07
CA ASN B 318 -52.16 26.77 13.32
C ASN B 318 -52.45 27.14 14.77
N HIS B 319 -51.42 27.53 15.51
CA HIS B 319 -51.59 27.87 16.91
C HIS B 319 -52.40 29.14 17.13
N GLU B 320 -52.07 30.18 16.35
CA GLU B 320 -52.76 31.47 16.47
C GLU B 320 -54.21 31.37 16.03
N THR B 321 -54.42 30.75 14.88
CA THR B 321 -55.75 30.59 14.33
C THR B 321 -56.45 29.38 14.92
N GLY B 322 -56.19 28.23 14.29
CA GLY B 322 -56.80 26.98 14.69
C GLY B 322 -57.10 26.19 13.44
N GLU B 323 -56.71 26.75 12.30
CA GLU B 323 -56.95 26.12 11.00
C GLU B 323 -56.22 24.79 10.89
N LEU B 324 -56.94 23.76 10.45
CA LEU B 324 -56.37 22.45 10.24
C LEU B 324 -55.41 22.53 9.05
N LEU B 325 -54.11 22.36 9.33
CA LEU B 325 -53.08 22.49 8.30
C LEU B 325 -52.78 21.19 7.59
N ALA B 326 -52.87 20.09 8.34
CA ALA B 326 -52.61 18.77 7.78
C ALA B 326 -53.07 17.70 8.75
N THR B 327 -53.21 16.49 8.23
CA THR B 327 -53.61 15.38 9.05
C THR B 327 -52.60 14.30 8.81
N PHE B 328 -52.41 13.42 9.80
CA PHE B 328 -51.44 12.35 9.66
C PHE B 328 -51.87 11.13 10.46
N GLU B 329 -51.15 10.04 10.22
CA GLU B 329 -51.36 8.80 10.92
C GLU B 329 -50.01 8.37 11.47
N LEU B 330 -49.94 8.00 12.74
CA LEU B 330 -48.70 7.50 13.30
C LEU B 330 -48.40 6.15 12.67
N LYS B 331 -47.14 5.93 12.30
CA LYS B 331 -46.76 4.65 11.72
C LYS B 331 -47.33 3.51 12.56
N THR B 332 -47.26 3.66 13.87
CA THR B 332 -47.81 2.66 14.80
C THR B 332 -48.28 3.35 16.08
N ASP B 333 -49.18 2.71 16.80
CA ASP B 333 -49.65 3.25 18.07
C ASP B 333 -48.55 3.11 19.13
N VAL B 334 -47.79 2.02 19.05
CA VAL B 334 -46.69 1.77 19.99
C VAL B 334 -45.75 2.96 20.11
N LEU B 335 -45.60 3.72 19.01
CA LEU B 335 -44.78 4.91 19.04
C LEU B 335 -45.06 5.75 20.28
N ILE B 336 -46.31 5.77 20.70
CA ILE B 336 -46.69 6.58 21.86
C ILE B 336 -45.97 6.12 23.13
N ASP B 337 -45.92 4.81 23.36
CA ASP B 337 -45.20 4.23 24.49
C ASP B 337 -43.69 4.40 24.35
N GLU B 338 -43.22 4.48 23.12
CA GLU B 338 -41.78 4.61 22.84
C GLU B 338 -41.29 5.96 23.32
N VAL B 339 -42.09 6.98 23.02
CA VAL B 339 -41.76 8.33 23.44
C VAL B 339 -41.78 8.48 24.94
N ARG B 340 -42.75 7.87 25.61
CA ARG B 340 -42.87 8.03 27.04
C ARG B 340 -41.70 7.35 27.75
N ALA B 341 -41.27 6.23 27.19
CA ALA B 341 -40.18 5.43 27.75
C ALA B 341 -38.80 6.05 27.57
N GLY B 342 -38.72 7.08 26.74
CA GLY B 342 -37.43 7.68 26.44
C GLY B 342 -36.79 7.05 25.21
N GLY B 343 -37.61 6.35 24.43
CA GLY B 343 -37.13 5.70 23.21
C GLY B 343 -37.60 4.27 23.05
N ARG B 344 -37.63 3.78 21.81
CA ARG B 344 -38.05 2.41 21.54
C ARG B 344 -37.13 1.40 22.23
N ILE B 345 -35.85 1.69 22.35
CA ILE B 345 -34.94 0.72 22.96
C ILE B 345 -35.19 0.52 24.45
N PRO B 346 -35.24 1.59 25.24
CA PRO B 346 -35.61 1.47 26.65
C PRO B 346 -36.98 0.80 26.81
N LEU B 347 -37.91 1.10 25.92
CA LEU B 347 -39.24 0.46 25.99
C LEU B 347 -39.14 -1.04 25.87
N ILE B 348 -38.39 -1.52 24.88
CA ILE B 348 -38.26 -2.98 24.69
C ILE B 348 -37.66 -3.62 25.92
N ILE B 349 -36.66 -2.99 26.50
CA ILE B 349 -36.00 -3.55 27.67
C ILE B 349 -36.92 -3.50 28.88
N GLY B 350 -37.49 -2.32 29.12
CA GLY B 350 -38.35 -2.13 30.27
C GLY B 350 -39.58 -3.02 30.24
N ARG B 351 -40.19 -3.10 29.07
CA ARG B 351 -41.38 -3.92 28.89
C ARG B 351 -41.04 -5.36 29.11
N GLY B 352 -39.83 -5.74 28.71
CA GLY B 352 -39.36 -7.09 28.86
C GLY B 352 -39.18 -7.40 30.32
N LEU B 353 -38.72 -6.42 31.07
CA LEU B 353 -38.46 -6.58 32.49
C LEU B 353 -39.76 -6.77 33.26
N THR B 354 -40.74 -5.93 32.93
CA THR B 354 -42.07 -6.01 33.52
C THR B 354 -42.70 -7.37 33.22
N THR B 355 -42.49 -7.87 32.03
CA THR B 355 -43.05 -9.16 31.63
C THR B 355 -42.46 -10.30 32.45
N LYS B 356 -41.13 -10.31 32.62
CA LYS B 356 -40.51 -11.36 33.42
C LYS B 356 -40.97 -11.33 34.87
N ALA B 357 -41.18 -10.14 35.40
CA ALA B 357 -41.63 -9.98 36.79
C ALA B 357 -43.01 -10.57 36.97
N ARG B 358 -43.89 -10.27 36.01
CA ARG B 358 -45.26 -10.75 36.06
C ARG B 358 -45.35 -12.27 35.93
N GLU B 359 -44.59 -12.84 35.01
CA GLU B 359 -44.57 -14.29 34.84
C GLU B 359 -44.13 -14.98 36.12
N ALA B 360 -43.08 -14.46 36.74
CA ALA B 360 -42.56 -15.08 37.95
C ALA B 360 -43.49 -14.87 39.15
N LEU B 361 -44.26 -13.80 39.11
CA LEU B 361 -45.17 -13.49 40.21
C LEU B 361 -46.53 -14.19 40.09
N GLY B 362 -46.71 -14.96 39.01
CA GLY B 362 -47.95 -15.67 38.77
C GLY B 362 -49.06 -14.79 38.22
N LEU B 363 -48.72 -13.57 37.84
CA LEU B 363 -49.70 -12.61 37.35
C LEU B 363 -50.03 -12.73 35.86
N PRO B 364 -51.22 -12.27 35.50
CA PRO B 364 -51.68 -12.28 34.11
C PRO B 364 -50.98 -11.20 33.30
N HIS B 365 -51.10 -11.30 31.98
CA HIS B 365 -50.52 -10.35 31.06
C HIS B 365 -50.87 -8.91 31.45
N SER B 366 -49.90 -8.01 31.32
CA SER B 366 -50.10 -6.60 31.60
C SER B 366 -51.00 -5.94 30.56
N ASP B 367 -51.75 -4.94 30.97
CA ASP B 367 -52.62 -4.20 30.06
C ASP B 367 -52.14 -2.76 29.98
N VAL B 368 -50.98 -2.51 30.58
CA VAL B 368 -50.40 -1.18 30.64
C VAL B 368 -49.83 -0.67 29.32
N PHE B 369 -49.27 -1.56 28.51
CA PHE B 369 -48.61 -1.18 27.27
C PHE B 369 -49.48 -1.42 26.05
N ARG B 370 -49.31 -0.58 25.02
CA ARG B 370 -50.03 -0.74 23.77
C ARG B 370 -49.46 -1.94 23.05
N GLN B 371 -50.34 -2.73 22.45
CA GLN B 371 -49.93 -3.94 21.76
C GLN B 371 -49.77 -3.67 20.28
N ALA B 372 -48.96 -4.50 19.62
CA ALA B 372 -48.76 -4.38 18.18
C ALA B 372 -50.07 -4.70 17.49
N LYS B 373 -50.45 -3.91 16.49
CA LYS B 373 -51.68 -4.15 15.74
C LYS B 373 -51.69 -5.57 15.17
N ASP B 374 -52.88 -6.14 15.02
CA ASP B 374 -52.98 -7.51 14.50
C ASP B 374 -53.11 -7.52 12.98
N VAL B 375 -52.54 -8.56 12.37
CA VAL B 375 -52.64 -8.74 10.93
C VAL B 375 -53.80 -9.68 10.61
N ALA B 376 -54.60 -9.31 9.63
CA ALA B 376 -55.79 -10.08 9.26
C ALA B 376 -55.53 -11.50 8.74
N GLU B 377 -56.62 -12.20 8.42
CA GLU B 377 -56.63 -13.58 7.94
C GLU B 377 -55.36 -14.02 7.20
N SER B 378 -54.63 -14.94 7.81
CA SER B 378 -53.40 -15.46 7.20
C SER B 378 -53.72 -16.46 6.09
N ASP B 379 -54.38 -16.01 5.03
CA ASP B 379 -54.73 -16.90 3.93
C ASP B 379 -53.61 -17.08 2.90
N ARG B 380 -53.14 -15.96 2.37
CA ARG B 380 -52.14 -15.99 1.30
C ARG B 380 -50.73 -16.42 1.74
N GLY B 381 -49.90 -16.76 0.76
CA GLY B 381 -48.53 -17.16 1.01
C GLY B 381 -47.62 -16.01 1.42
N PHE B 382 -46.33 -16.30 1.50
CA PHE B 382 -45.35 -15.31 1.94
C PHE B 382 -44.28 -15.10 0.89
N SER B 383 -43.69 -13.91 0.88
CA SER B 383 -42.58 -13.64 -0.03
C SER B 383 -41.29 -14.15 0.59
N LEU B 384 -40.20 -14.08 -0.17
CA LEU B 384 -38.93 -14.55 0.30
C LEU B 384 -38.53 -13.81 1.59
N ALA B 385 -38.55 -12.49 1.53
CA ALA B 385 -38.22 -11.67 2.70
C ALA B 385 -39.08 -12.08 3.88
N GLN B 386 -40.36 -12.26 3.63
CA GLN B 386 -41.30 -12.59 4.70
C GLN B 386 -40.94 -13.93 5.35
N LYS B 387 -40.55 -14.90 4.52
CA LYS B 387 -40.14 -16.19 5.05
C LYS B 387 -38.82 -16.08 5.80
N MET B 388 -37.91 -15.26 5.30
CA MET B 388 -36.62 -15.11 5.98
C MET B 388 -36.82 -14.55 7.38
N VAL B 389 -37.53 -13.43 7.48
CA VAL B 389 -37.79 -12.82 8.79
C VAL B 389 -38.58 -13.78 9.69
N GLY B 390 -39.55 -14.48 9.10
CA GLY B 390 -40.36 -15.43 9.84
C GLY B 390 -39.49 -16.48 10.50
N ARG B 391 -38.64 -17.10 9.69
CA ARG B 391 -37.73 -18.12 10.18
C ARG B 391 -36.87 -17.59 11.33
N ALA B 392 -36.46 -16.33 11.25
CA ALA B 392 -35.65 -15.77 12.32
C ALA B 392 -36.46 -15.53 13.59
N CYS B 393 -37.78 -15.63 13.47
CA CYS B 393 -38.65 -15.46 14.63
C CYS B 393 -39.32 -16.75 15.04
N GLY B 394 -38.92 -17.85 14.43
CA GLY B 394 -39.50 -19.15 14.77
C GLY B 394 -40.84 -19.48 14.13
N VAL B 395 -41.28 -18.69 13.15
CA VAL B 395 -42.54 -19.02 12.46
C VAL B 395 -42.34 -19.20 10.96
N LYS B 396 -43.43 -19.40 10.24
CA LYS B 396 -43.33 -19.62 8.80
C LYS B 396 -43.15 -18.31 8.04
N GLY B 397 -43.76 -17.24 8.53
CA GLY B 397 -43.65 -15.95 7.88
C GLY B 397 -44.17 -14.78 8.68
N ILE B 398 -43.72 -13.59 8.31
CA ILE B 398 -44.21 -12.38 8.96
C ILE B 398 -44.93 -11.52 7.93
N ARG B 399 -46.11 -11.04 8.29
CA ARG B 399 -46.88 -10.24 7.37
C ARG B 399 -46.51 -8.78 7.56
N PRO B 400 -46.58 -8.00 6.50
CA PRO B 400 -46.27 -6.57 6.58
C PRO B 400 -47.17 -5.89 7.62
N GLY B 401 -46.57 -5.06 8.48
CA GLY B 401 -47.32 -4.31 9.47
C GLY B 401 -47.26 -4.91 10.86
N ALA B 402 -46.77 -6.13 10.94
CA ALA B 402 -46.65 -6.82 12.21
C ALA B 402 -45.35 -6.47 12.91
N TYR B 403 -45.38 -6.45 14.23
CA TYR B 403 -44.17 -6.20 14.98
C TYR B 403 -43.50 -7.54 15.22
N CYS B 404 -42.18 -7.56 15.15
CA CYS B 404 -41.43 -8.79 15.44
C CYS B 404 -40.01 -8.49 15.88
N GLU B 405 -39.33 -9.52 16.37
CA GLU B 405 -37.98 -9.40 16.86
C GLU B 405 -37.12 -10.54 16.35
N PRO B 406 -36.70 -10.46 15.09
CA PRO B 406 -35.84 -11.48 14.50
C PRO B 406 -34.49 -11.59 15.19
N LYS B 407 -33.97 -12.81 15.18
CA LYS B 407 -32.68 -13.14 15.72
C LYS B 407 -31.59 -12.60 14.79
N MET B 408 -30.53 -12.06 15.36
CA MET B 408 -29.43 -11.50 14.58
C MET B 408 -28.30 -12.51 14.40
N THR B 409 -28.11 -12.95 13.16
CA THR B 409 -27.07 -13.91 12.84
C THR B 409 -25.74 -13.22 12.54
N SER B 410 -25.81 -12.11 11.81
CA SER B 410 -24.59 -11.38 11.47
C SER B 410 -24.79 -9.91 11.71
N VAL B 411 -23.77 -9.29 12.30
CA VAL B 411 -23.81 -7.85 12.56
C VAL B 411 -22.51 -7.19 12.14
N GLY B 412 -22.63 -6.17 11.31
CA GLY B 412 -21.47 -5.47 10.80
C GLY B 412 -21.24 -4.11 11.42
N SER B 413 -19.97 -3.77 11.59
CA SER B 413 -19.61 -2.44 12.08
C SER B 413 -18.41 -1.94 11.29
N GLN B 414 -18.39 -0.65 10.97
CA GLN B 414 -17.24 -0.07 10.28
C GLN B 414 -16.61 1.04 11.13
N ASP B 415 -15.60 1.73 10.62
CA ASP B 415 -14.81 2.62 11.47
C ASP B 415 -15.24 4.06 11.60
N THR B 416 -16.26 4.49 10.86
CA THR B 416 -16.75 5.86 11.05
C THR B 416 -18.03 5.87 11.89
N THR B 417 -18.75 4.75 11.95
CA THR B 417 -19.88 4.65 12.90
C THR B 417 -19.42 3.91 14.14
N GLY B 418 -18.34 3.14 14.00
CA GLY B 418 -17.77 2.34 15.07
C GLY B 418 -17.66 2.99 16.44
N PRO B 419 -16.95 4.11 16.54
CA PRO B 419 -16.82 4.83 17.81
C PRO B 419 -18.16 5.15 18.48
N MET B 420 -19.18 5.52 17.68
CA MET B 420 -20.49 5.79 18.27
C MET B 420 -21.12 4.50 18.77
N THR B 421 -20.97 3.43 17.99
CA THR B 421 -21.49 2.12 18.36
C THR B 421 -20.84 1.63 19.65
N ARG B 422 -19.55 1.90 19.79
CA ARG B 422 -18.82 1.56 20.99
C ARG B 422 -19.47 2.28 22.18
N ASP B 423 -19.73 3.57 22.00
CA ASP B 423 -20.33 4.35 23.07
C ASP B 423 -21.74 3.87 23.43
N GLU B 424 -22.54 3.58 22.41
CA GLU B 424 -23.88 3.10 22.67
C GLU B 424 -23.81 1.76 23.39
N LEU B 425 -22.79 0.96 23.09
CA LEU B 425 -22.65 -0.33 23.75
C LEU B 425 -22.31 -0.10 25.22
N LYS B 426 -21.53 0.93 25.48
CA LYS B 426 -21.18 1.24 26.86
C LYS B 426 -22.40 1.71 27.64
N ASP B 427 -23.27 2.47 26.97
CA ASP B 427 -24.49 2.95 27.61
C ASP B 427 -25.40 1.80 27.92
N LEU B 428 -25.39 0.78 27.06
CA LEU B 428 -26.23 -0.39 27.27
C LEU B 428 -25.58 -1.38 28.23
N ALA B 429 -24.43 -1.03 28.81
CA ALA B 429 -23.76 -1.92 29.76
C ALA B 429 -23.38 -3.26 29.15
N CYS B 430 -23.00 -3.26 27.88
CA CYS B 430 -22.68 -4.51 27.22
C CYS B 430 -21.24 -4.96 27.46
N LEU B 431 -21.09 -6.19 27.94
CA LEU B 431 -19.77 -6.76 28.23
C LEU B 431 -19.50 -7.98 27.36
N GLY B 432 -20.48 -8.36 26.53
CA GLY B 432 -20.35 -9.51 25.64
C GLY B 432 -21.44 -9.49 24.58
N PHE B 433 -21.14 -9.97 23.37
CA PHE B 433 -22.16 -9.96 22.33
C PHE B 433 -22.99 -11.24 22.36
N SER B 434 -24.29 -11.14 22.08
CA SER B 434 -25.15 -12.31 22.01
C SER B 434 -25.41 -12.68 20.56
N ALA B 435 -25.33 -11.71 19.66
CA ALA B 435 -25.46 -12.00 18.24
C ALA B 435 -24.41 -13.05 17.87
N ASP B 436 -24.73 -13.91 16.92
CA ASP B 436 -23.85 -15.01 16.54
C ASP B 436 -22.49 -14.54 15.98
N LEU B 437 -22.50 -13.43 15.27
CA LEU B 437 -21.25 -12.90 14.72
C LEU B 437 -21.31 -11.38 14.58
N VAL B 438 -20.38 -10.70 15.21
CA VAL B 438 -20.24 -9.25 15.11
C VAL B 438 -18.87 -9.02 14.50
N MET B 439 -18.82 -8.25 13.43
CA MET B 439 -17.56 -7.98 12.75
C MET B 439 -17.28 -6.48 12.69
N GLN B 440 -16.01 -6.11 12.70
CA GLN B 440 -15.58 -4.73 12.67
C GLN B 440 -14.50 -4.51 11.61
N SER B 441 -14.67 -3.49 10.79
CA SER B 441 -13.69 -3.18 9.75
C SER B 441 -13.01 -1.84 9.97
N PHE B 442 -12.01 -1.57 9.16
CA PHE B 442 -11.28 -0.31 9.22
C PHE B 442 -11.03 0.12 7.79
N CYS B 443 -12.12 0.45 7.11
CA CYS B 443 -12.10 0.77 5.70
C CYS B 443 -12.30 2.23 5.37
N HIS B 444 -13.04 2.96 6.20
CA HIS B 444 -13.31 4.37 5.88
C HIS B 444 -12.22 5.31 6.34
N THR B 445 -11.28 4.83 7.15
CA THR B 445 -10.29 5.75 7.72
C THR B 445 -8.84 5.31 7.61
N ALA B 446 -8.59 4.21 6.89
CA ALA B 446 -7.26 3.61 6.82
C ALA B 446 -6.21 4.30 5.93
N ALA B 447 -6.67 4.95 4.87
CA ALA B 447 -5.77 5.51 3.87
C ALA B 447 -4.96 6.73 4.30
N TYR B 448 -5.61 7.67 4.98
CA TYR B 448 -4.93 8.91 5.39
C TYR B 448 -5.37 9.29 6.78
N PRO B 449 -4.95 8.50 7.76
CA PRO B 449 -5.45 8.65 9.13
C PRO B 449 -4.97 9.91 9.86
N LYS B 450 -5.91 10.57 10.53
CA LYS B 450 -5.58 11.65 11.46
C LYS B 450 -5.17 10.96 12.77
N PRO B 451 -4.47 11.67 13.64
CA PRO B 451 -4.07 11.11 14.95
C PRO B 451 -5.24 10.48 15.73
N VAL B 452 -6.41 11.09 15.66
CA VAL B 452 -7.57 10.53 16.33
C VAL B 452 -7.96 9.18 15.71
N ASP B 453 -7.83 9.07 14.39
CA ASP B 453 -8.13 7.80 13.73
C ASP B 453 -7.14 6.72 14.16
N VAL B 454 -5.88 7.12 14.30
CA VAL B 454 -4.83 6.19 14.73
C VAL B 454 -5.19 5.63 16.10
N ASN B 455 -5.76 6.48 16.95
CA ASN B 455 -6.18 6.03 18.27
C ASN B 455 -7.30 5.01 18.14
N THR B 456 -8.26 5.31 17.26
CA THR B 456 -9.33 4.37 16.97
C THR B 456 -8.75 3.04 16.50
N HIS B 457 -7.76 3.08 15.61
CA HIS B 457 -7.14 1.85 15.11
C HIS B 457 -6.54 1.02 16.24
N HIS B 458 -6.07 1.70 17.28
CA HIS B 458 -5.43 1.03 18.40
C HIS B 458 -6.36 0.54 19.52
N THR B 459 -7.57 1.08 19.61
CA THR B 459 -8.44 0.70 20.73
C THR B 459 -9.68 -0.08 20.33
N LEU B 460 -10.28 0.29 19.19
CA LEU B 460 -11.50 -0.36 18.77
C LEU B 460 -11.41 -1.88 18.61
N PRO B 461 -10.33 -2.40 18.00
CA PRO B 461 -10.19 -3.86 17.80
C PRO B 461 -10.32 -4.65 19.10
N ASP B 462 -9.69 -4.17 20.17
CA ASP B 462 -9.75 -4.86 21.45
C ASP B 462 -11.14 -4.76 22.05
N PHE B 463 -11.73 -3.58 21.96
CA PHE B 463 -13.06 -3.39 22.48
C PHE B 463 -14.00 -4.41 21.88
N ILE B 464 -13.81 -4.69 20.59
CA ILE B 464 -14.68 -5.61 19.87
C ILE B 464 -14.30 -7.07 20.11
N MET B 465 -13.02 -7.39 20.05
CA MET B 465 -12.63 -8.78 20.26
C MET B 465 -12.89 -9.29 21.68
N ASN B 466 -12.80 -8.42 22.68
CA ASN B 466 -13.08 -8.82 24.06
C ASN B 466 -14.55 -9.17 24.27
N ARG B 467 -15.40 -8.80 23.33
CA ARG B 467 -16.82 -9.11 23.46
C ARG B 467 -17.23 -10.30 22.60
N GLY B 468 -16.26 -10.92 21.94
CA GLY B 468 -16.55 -12.07 21.09
C GLY B 468 -16.69 -11.73 19.62
N GLY B 469 -16.35 -10.50 19.25
CA GLY B 469 -16.46 -10.08 17.87
C GLY B 469 -15.21 -10.29 17.02
N VAL B 470 -15.38 -10.15 15.72
CA VAL B 470 -14.26 -10.30 14.82
C VAL B 470 -13.79 -8.93 14.35
N SER B 471 -12.48 -8.72 14.40
CA SER B 471 -11.92 -7.45 13.98
C SER B 471 -10.98 -7.61 12.82
N LEU B 472 -11.19 -6.81 11.77
CA LEU B 472 -10.28 -6.77 10.65
C LEU B 472 -9.15 -5.79 10.98
N ARG B 473 -8.30 -5.49 10.01
CA ARG B 473 -7.20 -4.55 10.20
C ARG B 473 -7.27 -3.44 9.17
N PRO B 474 -6.70 -2.28 9.50
CA PRO B 474 -6.59 -1.18 8.55
C PRO B 474 -5.77 -1.71 7.37
N GLY B 475 -6.24 -1.48 6.16
CA GLY B 475 -5.55 -1.99 4.99
C GLY B 475 -6.21 -3.25 4.45
N ASP B 476 -7.06 -3.88 5.25
CA ASP B 476 -7.75 -5.10 4.82
C ASP B 476 -8.80 -4.82 3.75
N GLY B 477 -9.42 -3.65 3.83
CA GLY B 477 -10.41 -3.29 2.84
C GLY B 477 -11.82 -3.07 3.34
N VAL B 478 -12.72 -2.88 2.39
CA VAL B 478 -14.12 -2.53 2.61
C VAL B 478 -14.97 -3.51 3.43
N ILE B 479 -15.71 -2.98 4.39
CA ILE B 479 -16.53 -3.80 5.26
C ILE B 479 -17.33 -4.90 4.55
N HIS B 480 -18.12 -4.52 3.56
CA HIS B 480 -19.04 -5.49 2.94
C HIS B 480 -18.38 -6.60 2.15
N SER B 481 -17.23 -6.31 1.55
CA SER B 481 -16.53 -7.33 0.78
C SER B 481 -16.07 -8.45 1.69
N TRP B 482 -15.81 -8.12 2.95
CA TRP B 482 -15.43 -9.12 3.93
C TRP B 482 -16.65 -9.69 4.64
N LEU B 483 -17.55 -8.81 5.08
CA LEU B 483 -18.72 -9.24 5.82
C LEU B 483 -19.57 -10.24 5.02
N ASN B 484 -19.74 -9.98 3.73
CA ASN B 484 -20.54 -10.86 2.88
C ASN B 484 -20.00 -12.28 2.80
N ARG B 485 -18.70 -12.44 2.99
CA ARG B 485 -18.06 -13.75 2.92
C ARG B 485 -18.20 -14.48 4.26
N MET B 486 -18.93 -13.89 5.20
CA MET B 486 -19.12 -14.49 6.52
C MET B 486 -20.58 -14.83 6.80
N LEU B 487 -21.45 -14.61 5.81
CA LEU B 487 -22.88 -14.80 5.97
C LEU B 487 -23.37 -16.23 5.80
N LEU B 488 -24.47 -16.54 6.48
CA LEU B 488 -25.16 -17.81 6.28
C LEU B 488 -26.41 -17.51 5.45
N PRO B 489 -26.67 -18.33 4.44
CA PRO B 489 -27.83 -18.11 3.57
C PRO B 489 -29.12 -18.10 4.37
N ASP B 490 -30.09 -17.29 3.95
CA ASP B 490 -31.40 -17.32 4.59
C ASP B 490 -31.47 -16.85 6.03
N THR B 491 -30.45 -16.14 6.50
CA THR B 491 -30.54 -15.60 7.87
C THR B 491 -30.70 -14.09 7.87
N VAL B 492 -30.91 -13.54 9.05
CA VAL B 492 -31.18 -12.11 9.15
C VAL B 492 -30.10 -11.39 9.95
N GLY B 493 -29.83 -10.15 9.58
CA GLY B 493 -28.80 -9.38 10.28
C GLY B 493 -28.97 -7.88 10.16
N THR B 494 -27.94 -7.15 10.57
CA THR B 494 -27.95 -5.71 10.50
C THR B 494 -26.51 -5.20 10.52
N GLY B 495 -26.34 -3.89 10.45
CA GLY B 495 -25.00 -3.33 10.46
C GLY B 495 -25.04 -1.83 10.56
N GLY B 496 -23.99 -1.26 11.12
CA GLY B 496 -23.90 0.18 11.29
C GLY B 496 -23.42 0.83 10.01
N ASP B 497 -24.12 0.55 8.92
CA ASP B 497 -23.79 1.10 7.63
C ASP B 497 -24.96 0.88 6.70
N SER B 498 -25.37 1.94 6.02
CA SER B 498 -26.56 1.87 5.17
C SER B 498 -26.41 0.92 4.00
N HIS B 499 -25.18 0.55 3.67
CA HIS B 499 -24.96 -0.37 2.57
C HIS B 499 -24.77 -1.81 3.05
N THR B 500 -25.23 -2.07 4.26
CA THR B 500 -25.23 -3.44 4.74
C THR B 500 -26.46 -4.03 4.11
N ARG B 501 -26.31 -4.65 2.96
CA ARG B 501 -27.43 -5.24 2.25
C ARG B 501 -27.00 -6.64 1.82
N PHE B 502 -27.10 -7.59 2.75
CA PHE B 502 -26.69 -8.97 2.51
C PHE B 502 -27.17 -9.53 1.17
N PRO B 503 -26.25 -10.04 0.34
CA PRO B 503 -26.61 -10.68 -0.93
C PRO B 503 -27.29 -12.04 -0.73
N ILE B 504 -27.09 -12.65 0.43
CA ILE B 504 -27.76 -13.88 0.84
C ILE B 504 -28.38 -13.60 2.19
N GLY B 505 -29.62 -14.02 2.35
CA GLY B 505 -30.35 -13.73 3.56
C GLY B 505 -30.79 -12.28 3.43
N ILE B 506 -30.99 -11.63 4.57
CA ILE B 506 -31.47 -10.26 4.55
C ILE B 506 -31.01 -9.42 5.73
N SER B 507 -30.66 -8.18 5.44
CA SER B 507 -30.22 -7.26 6.48
C SER B 507 -31.05 -5.98 6.46
N PHE B 508 -31.18 -5.37 7.62
CA PHE B 508 -31.87 -4.09 7.78
C PHE B 508 -30.89 -3.16 8.46
N PRO B 509 -30.22 -2.32 7.69
CA PRO B 509 -29.24 -1.39 8.23
C PRO B 509 -29.87 -0.49 9.30
N ALA B 510 -29.05 -0.03 10.24
CA ALA B 510 -29.55 0.79 11.32
C ALA B 510 -28.49 1.71 11.91
N GLY B 511 -28.94 2.65 12.74
CA GLY B 511 -28.02 3.55 13.41
C GLY B 511 -27.29 2.85 14.55
N SER B 512 -26.31 3.52 15.13
CA SER B 512 -25.46 2.91 16.14
C SER B 512 -26.22 2.38 17.35
N GLY B 513 -27.23 3.13 17.80
CA GLY B 513 -28.06 2.72 18.92
C GLY B 513 -28.66 1.34 18.73
N LEU B 514 -29.32 1.13 17.60
CA LEU B 514 -29.94 -0.17 17.33
C LEU B 514 -28.90 -1.25 17.09
N VAL B 515 -27.83 -0.92 16.37
CA VAL B 515 -26.77 -1.89 16.13
C VAL B 515 -26.18 -2.37 17.45
N ALA B 516 -26.03 -1.45 18.39
CA ALA B 516 -25.56 -1.82 19.74
C ALA B 516 -26.55 -2.77 20.41
N PHE B 517 -27.83 -2.41 20.40
CA PHE B 517 -28.83 -3.27 21.00
C PHE B 517 -28.82 -4.68 20.38
N ALA B 518 -28.79 -4.73 19.06
CA ALA B 518 -28.77 -5.99 18.32
C ALA B 518 -27.56 -6.84 18.64
N ALA B 519 -26.39 -6.21 18.73
CA ALA B 519 -25.17 -6.96 18.98
C ALA B 519 -25.18 -7.48 20.40
N ALA B 520 -25.71 -6.65 21.30
CA ALA B 520 -25.81 -7.00 22.72
C ALA B 520 -26.84 -8.09 23.02
N THR B 521 -28.04 -8.00 22.44
CA THR B 521 -29.07 -8.99 22.77
C THR B 521 -29.26 -10.09 21.74
N GLY B 522 -28.75 -9.90 20.52
CA GLY B 522 -28.90 -10.92 19.49
C GLY B 522 -30.25 -10.87 18.81
N VAL B 523 -30.97 -9.78 19.01
CA VAL B 523 -32.30 -9.62 18.49
C VAL B 523 -32.49 -8.16 18.06
N MET B 524 -33.43 -7.90 17.16
CA MET B 524 -33.69 -6.53 16.70
C MET B 524 -35.19 -6.29 16.50
N PRO B 525 -35.68 -5.16 17.00
CA PRO B 525 -37.09 -4.79 16.84
C PRO B 525 -37.36 -4.48 15.39
N LEU B 526 -38.53 -4.86 14.91
CA LEU B 526 -38.86 -4.58 13.53
C LEU B 526 -40.36 -4.51 13.27
N ASP B 527 -40.78 -3.38 12.73
CA ASP B 527 -42.14 -3.26 12.20
C ASP B 527 -42.00 -3.71 10.76
N MET B 528 -42.47 -4.92 10.44
CA MET B 528 -42.29 -5.47 9.10
C MET B 528 -42.84 -4.58 7.98
N PRO B 529 -41.95 -4.14 7.10
CA PRO B 529 -42.34 -3.28 5.97
C PRO B 529 -42.97 -4.09 4.85
N GLU B 530 -43.64 -3.38 3.94
CA GLU B 530 -44.23 -4.01 2.78
C GLU B 530 -43.13 -4.28 1.75
N SER B 531 -43.49 -5.00 0.70
CA SER B 531 -42.51 -5.32 -0.34
C SER B 531 -42.89 -4.83 -1.74
N VAL B 532 -41.84 -4.57 -2.51
CA VAL B 532 -41.95 -4.23 -3.91
C VAL B 532 -41.15 -5.27 -4.67
N LEU B 533 -41.76 -5.87 -5.68
CA LEU B 533 -41.11 -6.91 -6.45
C LEU B 533 -40.56 -6.31 -7.73
N VAL B 534 -39.33 -6.67 -8.05
CA VAL B 534 -38.74 -6.27 -9.31
C VAL B 534 -38.30 -7.55 -9.98
N ARG B 535 -38.79 -7.78 -11.19
CA ARG B 535 -38.33 -8.95 -11.90
C ARG B 535 -37.85 -8.63 -13.29
N PHE B 536 -36.66 -9.13 -13.60
CA PHE B 536 -36.06 -8.98 -14.90
C PHE B 536 -36.43 -10.17 -15.74
N LYS B 537 -36.50 -9.96 -17.04
CA LYS B 537 -36.76 -11.03 -17.99
C LYS B 537 -35.95 -10.73 -19.25
N GLY B 538 -35.45 -11.79 -19.88
CA GLY B 538 -34.74 -11.63 -21.13
C GLY B 538 -33.24 -11.81 -21.08
N LYS B 539 -32.58 -11.45 -22.17
CA LYS B 539 -31.14 -11.57 -22.28
C LYS B 539 -30.49 -10.20 -22.31
N MET B 540 -29.37 -10.08 -21.61
CA MET B 540 -28.62 -8.83 -21.60
C MET B 540 -28.10 -8.51 -23.00
N GLN B 541 -28.28 -7.28 -23.44
CA GLN B 541 -27.81 -6.86 -24.74
C GLN B 541 -26.30 -6.57 -24.72
N PRO B 542 -25.69 -6.56 -25.90
CA PRO B 542 -24.25 -6.36 -26.02
C PRO B 542 -23.74 -5.10 -25.32
N GLY B 543 -22.64 -5.24 -24.58
CA GLY B 543 -22.05 -4.12 -23.86
C GLY B 543 -22.80 -3.63 -22.63
N ILE B 544 -23.90 -4.31 -22.29
CA ILE B 544 -24.65 -3.94 -21.10
C ILE B 544 -24.10 -4.70 -19.90
N THR B 545 -23.93 -4.00 -18.77
CA THR B 545 -23.43 -4.66 -17.58
C THR B 545 -24.51 -4.79 -16.53
N LEU B 546 -24.11 -5.34 -15.40
CA LEU B 546 -25.04 -5.55 -14.30
C LEU B 546 -25.33 -4.20 -13.65
N ARG B 547 -24.32 -3.34 -13.63
CA ARG B 547 -24.49 -2.02 -13.05
C ARG B 547 -25.56 -1.22 -13.81
N ASP B 548 -25.63 -1.39 -15.12
CA ASP B 548 -26.65 -0.73 -15.92
C ASP B 548 -28.05 -1.17 -15.47
N LEU B 549 -28.18 -2.46 -15.13
CA LEU B 549 -29.44 -2.99 -14.64
C LEU B 549 -29.81 -2.33 -13.31
N VAL B 550 -28.80 -2.09 -12.49
CA VAL B 550 -29.01 -1.44 -11.19
C VAL B 550 -29.66 -0.08 -11.41
N HIS B 551 -29.16 0.66 -12.39
CA HIS B 551 -29.67 1.98 -12.70
C HIS B 551 -30.99 1.94 -13.46
N ALA B 552 -31.24 0.84 -14.13
CA ALA B 552 -32.49 0.71 -14.88
C ALA B 552 -33.68 0.65 -13.94
N ILE B 553 -33.45 0.25 -12.69
CA ILE B 553 -34.56 0.15 -11.74
C ILE B 553 -35.19 1.53 -11.50
N PRO B 554 -34.39 2.52 -11.12
CA PRO B 554 -34.89 3.88 -10.94
C PRO B 554 -35.45 4.43 -12.25
N LEU B 555 -34.78 4.15 -13.36
CA LEU B 555 -35.18 4.63 -14.67
C LEU B 555 -36.61 4.23 -15.04
N TYR B 556 -36.93 2.95 -14.88
CA TYR B 556 -38.25 2.45 -15.23
C TYR B 556 -39.32 2.89 -14.22
N ALA B 557 -38.91 3.06 -12.98
CA ALA B 557 -39.84 3.55 -11.98
C ALA B 557 -40.23 4.98 -12.36
N ILE B 558 -39.26 5.74 -12.85
CA ILE B 558 -39.52 7.10 -13.29
C ILE B 558 -40.42 7.06 -14.52
N LYS B 559 -40.00 6.28 -15.51
CA LYS B 559 -40.74 6.12 -16.75
C LYS B 559 -42.20 5.76 -16.51
N GLN B 560 -42.44 4.85 -15.57
CA GLN B 560 -43.78 4.40 -15.27
C GLN B 560 -44.56 5.36 -14.37
N GLY B 561 -43.86 6.19 -13.60
CA GLY B 561 -44.54 7.15 -12.74
C GLY B 561 -44.61 6.79 -11.26
N LEU B 562 -43.79 5.83 -10.86
CA LEU B 562 -43.73 5.38 -9.47
C LEU B 562 -42.60 6.08 -8.69
N LEU B 563 -41.72 6.79 -9.40
CA LEU B 563 -40.60 7.48 -8.75
C LEU B 563 -40.46 8.86 -9.37
N THR B 564 -40.13 9.85 -8.55
CA THR B 564 -40.00 11.18 -9.08
C THR B 564 -38.68 11.79 -8.64
N VAL B 565 -38.11 12.66 -9.47
CA VAL B 565 -36.83 13.28 -9.17
C VAL B 565 -36.97 14.51 -8.26
N GLU B 566 -38.02 15.28 -8.49
CA GLU B 566 -38.29 16.49 -7.71
C GLU B 566 -38.44 16.16 -6.22
N LYS B 567 -37.73 16.90 -5.38
CA LYS B 567 -37.79 16.67 -3.94
C LYS B 567 -39.14 17.06 -3.34
N LYS B 568 -39.61 18.27 -3.65
CA LYS B 568 -40.91 18.71 -3.13
C LYS B 568 -42.02 17.77 -3.60
N GLY B 569 -42.63 17.06 -2.65
CA GLY B 569 -43.67 16.10 -2.97
C GLY B 569 -43.14 14.87 -3.68
N LYS B 570 -41.93 14.45 -3.32
CA LYS B 570 -41.31 13.32 -3.98
C LYS B 570 -42.17 12.07 -3.92
N LYS B 571 -42.25 11.36 -5.04
CA LYS B 571 -42.90 10.05 -5.05
C LYS B 571 -41.78 9.02 -5.11
N ASN B 572 -41.92 7.95 -4.36
CA ASN B 572 -40.89 6.91 -4.33
C ASN B 572 -41.50 5.63 -3.81
N ILE B 573 -41.94 4.78 -4.73
CA ILE B 573 -42.57 3.53 -4.36
C ILE B 573 -41.66 2.66 -3.48
N PHE B 574 -40.35 2.85 -3.55
CA PHE B 574 -39.43 2.02 -2.78
C PHE B 574 -39.23 2.49 -1.34
N SER B 575 -39.44 3.77 -1.11
CA SER B 575 -39.16 4.34 0.20
C SER B 575 -39.78 3.57 1.35
N GLY B 576 -38.93 3.10 2.25
CA GLY B 576 -39.40 2.42 3.43
C GLY B 576 -39.88 1.00 3.20
N ARG B 577 -39.72 0.50 1.99
CA ARG B 577 -40.15 -0.86 1.71
C ARG B 577 -38.98 -1.80 1.49
N ILE B 578 -39.29 -3.08 1.40
CA ILE B 578 -38.27 -4.07 1.08
C ILE B 578 -38.28 -4.27 -0.42
N LEU B 579 -37.12 -4.18 -1.03
CA LEU B 579 -37.01 -4.36 -2.46
C LEU B 579 -36.68 -5.83 -2.71
N GLU B 580 -37.50 -6.49 -3.53
CA GLU B 580 -37.26 -7.90 -3.81
C GLU B 580 -37.06 -8.10 -5.31
N ILE B 581 -35.96 -8.75 -5.63
CA ILE B 581 -35.55 -8.94 -7.02
C ILE B 581 -35.60 -10.40 -7.46
N GLU B 582 -36.00 -10.62 -8.71
CA GLU B 582 -36.06 -11.95 -9.32
C GLU B 582 -35.71 -11.83 -10.80
N GLY B 583 -35.33 -12.95 -11.39
CA GLY B 583 -35.01 -12.98 -12.81
C GLY B 583 -33.58 -13.29 -13.17
N LEU B 584 -32.66 -13.24 -12.21
CA LEU B 584 -31.26 -13.54 -12.49
C LEU B 584 -30.71 -14.48 -11.44
N PRO B 585 -31.27 -15.68 -11.38
CA PRO B 585 -30.94 -16.65 -10.33
C PRO B 585 -29.53 -17.18 -10.42
N ASP B 586 -28.83 -16.93 -11.53
CA ASP B 586 -27.49 -17.51 -11.70
C ASP B 586 -26.32 -16.55 -11.52
N LEU B 587 -26.61 -15.34 -11.08
CA LEU B 587 -25.54 -14.39 -10.79
C LEU B 587 -24.63 -14.95 -9.70
N LYS B 588 -23.34 -14.65 -9.78
CA LYS B 588 -22.42 -15.01 -8.71
C LYS B 588 -22.83 -14.14 -7.54
N VAL B 589 -22.45 -14.53 -6.32
CA VAL B 589 -22.92 -13.79 -5.14
C VAL B 589 -22.45 -12.33 -5.09
N GLU B 590 -21.21 -12.08 -5.50
CA GLU B 590 -20.71 -10.72 -5.47
C GLU B 590 -21.43 -9.87 -6.51
N GLN B 591 -21.92 -10.51 -7.57
CA GLN B 591 -22.70 -9.80 -8.58
C GLN B 591 -24.04 -9.41 -8.01
N ALA B 592 -24.63 -10.34 -7.27
CA ALA B 592 -25.91 -10.10 -6.64
C ALA B 592 -25.78 -8.90 -5.70
N PHE B 593 -24.63 -8.77 -5.06
CA PHE B 593 -24.42 -7.66 -4.17
C PHE B 593 -24.54 -6.32 -4.90
N GLU B 594 -24.18 -6.27 -6.18
CA GLU B 594 -24.33 -5.02 -6.91
C GLU B 594 -25.79 -4.55 -6.87
N LEU B 595 -26.73 -5.47 -7.05
CA LEU B 595 -28.14 -5.09 -7.00
C LEU B 595 -28.62 -4.77 -5.58
N THR B 596 -28.23 -5.58 -4.61
CA THR B 596 -28.71 -5.39 -3.24
C THR B 596 -28.11 -4.15 -2.61
N ASP B 597 -26.85 -3.93 -2.88
CA ASP B 597 -26.14 -2.78 -2.35
C ASP B 597 -26.88 -1.51 -2.71
N ALA B 598 -27.20 -1.36 -3.99
CA ALA B 598 -27.87 -0.16 -4.48
C ALA B 598 -29.29 0.05 -3.94
N SER B 599 -29.86 -0.95 -3.29
CA SER B 599 -31.19 -0.75 -2.73
C SER B 599 -31.14 0.37 -1.69
N ALA B 600 -29.95 0.65 -1.17
CA ALA B 600 -29.83 1.76 -0.22
C ALA B 600 -30.23 3.10 -0.86
N GLU B 601 -29.81 3.34 -2.09
CA GLU B 601 -30.15 4.61 -2.75
C GLU B 601 -31.63 4.75 -3.14
N ARG B 602 -32.37 3.63 -3.14
CA ARG B 602 -33.81 3.65 -3.40
C ARG B 602 -34.56 4.04 -2.14
N SER B 603 -33.83 4.09 -1.03
CA SER B 603 -34.42 4.37 0.28
C SER B 603 -35.21 3.15 0.78
N ALA B 604 -34.89 1.98 0.27
CA ALA B 604 -35.51 0.75 0.73
C ALA B 604 -35.00 0.40 2.12
N ALA B 605 -35.83 -0.27 2.92
CA ALA B 605 -35.44 -0.68 4.27
C ALA B 605 -34.51 -1.86 4.22
N GLY B 606 -34.68 -2.66 3.18
CA GLY B 606 -33.91 -3.88 3.03
C GLY B 606 -34.14 -4.41 1.63
N CYS B 607 -33.45 -5.50 1.32
CA CYS B 607 -33.50 -6.05 0.00
C CYS B 607 -33.34 -7.57 0.02
N THR B 608 -33.84 -8.21 -1.02
CA THR B 608 -33.66 -9.64 -1.15
C THR B 608 -33.50 -9.93 -2.62
N ILE B 609 -32.76 -10.99 -2.94
CA ILE B 609 -32.63 -11.38 -4.33
C ILE B 609 -32.70 -12.91 -4.46
N LYS B 610 -33.50 -13.40 -5.40
CA LYS B 610 -33.67 -14.84 -5.58
C LYS B 610 -32.53 -15.46 -6.38
N LEU B 611 -31.80 -16.36 -5.74
CA LEU B 611 -30.66 -17.01 -6.38
C LEU B 611 -30.77 -18.53 -6.33
N ASN B 612 -30.15 -19.21 -7.31
CA ASN B 612 -30.07 -20.66 -7.28
C ASN B 612 -29.01 -21.06 -6.26
N LYS B 613 -28.97 -22.35 -5.89
CA LYS B 613 -28.02 -22.79 -4.87
C LYS B 613 -26.56 -22.85 -5.34
N GLU B 614 -26.37 -23.08 -6.63
CA GLU B 614 -25.03 -23.27 -7.20
C GLU B 614 -24.01 -22.16 -6.89
N PRO B 615 -24.35 -20.91 -7.21
CA PRO B 615 -23.46 -19.79 -6.92
C PRO B 615 -23.18 -19.71 -5.43
N ILE B 616 -24.20 -19.99 -4.62
CA ILE B 616 -24.07 -19.96 -3.17
C ILE B 616 -23.09 -21.00 -2.67
N ILE B 617 -23.18 -22.20 -3.22
CA ILE B 617 -22.31 -23.29 -2.83
C ILE B 617 -20.88 -22.89 -3.16
N GLU B 618 -20.71 -22.31 -4.33
CA GLU B 618 -19.40 -21.88 -4.80
C GLU B 618 -18.79 -20.82 -3.90
N TYR B 619 -19.63 -19.86 -3.51
CA TYR B 619 -19.20 -18.76 -2.65
C TYR B 619 -18.78 -19.30 -1.29
N LEU B 620 -19.65 -20.11 -0.67
CA LEU B 620 -19.37 -20.67 0.65
C LEU B 620 -18.14 -21.57 0.64
N ASN B 621 -17.96 -22.36 -0.41
CA ASN B 621 -16.77 -23.21 -0.48
C ASN B 621 -15.52 -22.36 -0.45
N SER B 622 -15.59 -21.21 -1.09
CA SER B 622 -14.45 -20.29 -1.09
C SER B 622 -14.31 -19.63 0.26
N ASN B 623 -15.42 -19.21 0.84
CA ASN B 623 -15.37 -18.48 2.10
C ASN B 623 -14.79 -19.30 3.25
N ILE B 624 -15.14 -20.58 3.28
CA ILE B 624 -14.62 -21.46 4.32
C ILE B 624 -13.10 -21.41 4.35
N VAL B 625 -12.49 -21.37 3.17
CA VAL B 625 -11.03 -21.35 3.10
C VAL B 625 -10.49 -20.00 3.55
N LEU B 626 -11.23 -18.94 3.22
CA LEU B 626 -10.82 -17.61 3.67
C LEU B 626 -10.86 -17.52 5.20
N LEU B 627 -11.96 -17.95 5.81
CA LEU B 627 -12.06 -17.87 7.26
C LEU B 627 -10.98 -18.70 7.96
N LYS B 628 -10.67 -19.89 7.42
CA LYS B 628 -9.61 -20.69 8.03
C LYS B 628 -8.29 -19.96 7.90
N TRP B 629 -8.06 -19.39 6.72
CA TRP B 629 -6.84 -18.65 6.45
C TRP B 629 -6.71 -17.49 7.43
N MET B 630 -7.83 -16.85 7.75
CA MET B 630 -7.82 -15.73 8.71
C MET B 630 -7.30 -16.22 10.06
N ILE B 631 -7.76 -17.39 10.48
CA ILE B 631 -7.32 -17.95 11.74
C ILE B 631 -5.83 -18.21 11.70
N ALA B 632 -5.36 -18.78 10.60
CA ALA B 632 -3.93 -19.04 10.44
C ALA B 632 -3.18 -17.72 10.49
N GLU B 633 -3.81 -16.67 10.00
CA GLU B 633 -3.20 -15.35 9.97
C GLU B 633 -3.25 -14.61 11.32
N GLY B 634 -4.00 -15.14 12.28
CA GLY B 634 -4.07 -14.57 13.62
C GLY B 634 -5.24 -13.60 13.89
N TYR B 635 -6.30 -13.70 13.11
CA TYR B 635 -7.42 -12.78 13.24
C TYR B 635 -8.26 -12.94 14.51
N GLY B 636 -8.68 -11.78 15.01
CA GLY B 636 -9.39 -11.60 16.26
C GLY B 636 -10.69 -12.31 16.50
N ASP B 637 -10.64 -13.10 17.57
CA ASP B 637 -11.66 -14.05 18.06
C ASP B 637 -11.90 -15.29 17.21
N ARG B 638 -11.00 -16.23 17.42
CA ARG B 638 -10.93 -17.48 16.70
C ARG B 638 -12.20 -18.29 16.86
N ARG B 639 -12.70 -18.35 18.10
CA ARG B 639 -13.90 -19.14 18.39
C ARG B 639 -15.08 -18.71 17.55
N THR B 640 -15.28 -17.41 17.43
CA THR B 640 -16.37 -16.90 16.64
C THR B 640 -16.18 -17.30 15.18
N LEU B 641 -14.94 -17.28 14.71
CA LEU B 641 -14.67 -17.68 13.33
C LEU B 641 -14.91 -19.17 13.13
N GLU B 642 -14.46 -19.97 14.09
CA GLU B 642 -14.64 -21.43 14.02
C GLU B 642 -16.11 -21.80 13.99
N ARG B 643 -16.91 -21.16 14.84
CA ARG B 643 -18.35 -21.44 14.91
C ARG B 643 -19.01 -21.16 13.56
N ARG B 644 -18.58 -20.08 12.92
CA ARG B 644 -19.14 -19.72 11.62
C ARG B 644 -18.71 -20.65 10.50
N ILE B 645 -17.49 -21.17 10.57
CA ILE B 645 -17.02 -22.11 9.54
C ILE B 645 -17.88 -23.35 9.59
N GLN B 646 -18.12 -23.81 10.81
CA GLN B 646 -18.94 -24.99 11.05
C GLN B 646 -20.36 -24.79 10.52
N GLY B 647 -20.92 -23.60 10.75
CA GLY B 647 -22.26 -23.28 10.28
C GLY B 647 -22.35 -23.33 8.76
N MET B 648 -21.31 -22.89 8.09
CA MET B 648 -21.28 -22.95 6.63
C MET B 648 -21.20 -24.40 6.19
N GLU B 649 -20.31 -25.16 6.81
CA GLU B 649 -20.14 -26.57 6.49
C GLU B 649 -21.46 -27.31 6.66
N LYS B 650 -22.22 -26.95 7.68
CA LYS B 650 -23.51 -27.58 7.93
C LYS B 650 -24.50 -27.29 6.81
N TRP B 651 -24.55 -26.05 6.35
CA TRP B 651 -25.46 -25.70 5.26
C TRP B 651 -25.05 -26.42 3.97
N LEU B 652 -23.75 -26.53 3.74
CA LEU B 652 -23.23 -27.19 2.53
C LEU B 652 -23.57 -28.68 2.51
N ALA B 653 -23.77 -29.26 3.69
CA ALA B 653 -24.10 -30.68 3.80
C ALA B 653 -25.56 -30.93 3.45
N ASN B 654 -26.35 -29.87 3.48
CA ASN B 654 -27.80 -29.95 3.22
C ASN B 654 -28.33 -28.60 2.72
N PRO B 655 -27.98 -28.27 1.50
CA PRO B 655 -28.29 -26.97 0.89
C PRO B 655 -29.78 -26.72 0.64
N GLU B 656 -30.41 -26.00 1.55
CA GLU B 656 -31.83 -25.65 1.39
C GLU B 656 -31.99 -24.15 1.29
N LEU B 657 -32.78 -23.71 0.33
CA LEU B 657 -33.05 -22.29 0.17
C LEU B 657 -34.54 -22.03 0.23
N LEU B 658 -34.92 -20.99 0.96
CA LEU B 658 -36.32 -20.58 1.03
C LEU B 658 -36.71 -20.02 -0.35
N GLU B 659 -38.01 -20.00 -0.62
CA GLU B 659 -38.50 -19.54 -1.90
C GLU B 659 -39.85 -18.87 -1.68
N ALA B 660 -40.05 -17.73 -2.32
CA ALA B 660 -41.30 -17.02 -2.19
C ALA B 660 -42.47 -17.89 -2.68
N ASP B 661 -43.59 -17.84 -1.97
CA ASP B 661 -44.79 -18.54 -2.39
C ASP B 661 -45.38 -17.87 -3.64
N ALA B 662 -45.98 -18.67 -4.51
CA ALA B 662 -46.54 -18.18 -5.77
C ALA B 662 -47.56 -17.06 -5.57
N ASP B 663 -48.31 -17.12 -4.47
CA ASP B 663 -49.33 -16.12 -4.17
C ASP B 663 -48.87 -15.04 -3.20
N ALA B 664 -47.58 -14.75 -3.19
CA ALA B 664 -47.05 -13.71 -2.32
C ALA B 664 -47.66 -12.37 -2.73
N GLU B 665 -47.92 -11.51 -1.76
CA GLU B 665 -48.53 -10.22 -2.02
C GLU B 665 -47.54 -9.08 -1.95
N TYR B 666 -47.52 -8.25 -2.98
CA TYR B 666 -46.61 -7.11 -3.04
C TYR B 666 -47.37 -5.81 -3.24
N ALA B 667 -46.77 -4.71 -2.77
CA ALA B 667 -47.37 -3.39 -2.86
C ALA B 667 -47.37 -2.90 -4.30
N ALA B 668 -46.43 -3.41 -5.09
CA ALA B 668 -46.26 -3.03 -6.48
C ALA B 668 -45.30 -4.00 -7.15
N VAL B 669 -45.42 -4.12 -8.46
CA VAL B 669 -44.57 -5.04 -9.21
C VAL B 669 -44.07 -4.34 -10.46
N ILE B 670 -42.77 -4.42 -10.67
CA ILE B 670 -42.14 -3.79 -11.81
C ILE B 670 -41.42 -4.82 -12.65
N ASP B 671 -41.89 -4.98 -13.89
CA ASP B 671 -41.28 -5.91 -14.83
C ASP B 671 -40.33 -5.13 -15.70
N ILE B 672 -39.14 -5.68 -15.91
CA ILE B 672 -38.16 -4.98 -16.73
C ILE B 672 -37.65 -5.92 -17.81
N ASP B 673 -37.83 -5.53 -19.06
CA ASP B 673 -37.39 -6.38 -20.16
C ASP B 673 -35.95 -6.04 -20.51
N LEU B 674 -35.06 -7.00 -20.30
CA LEU B 674 -33.65 -6.78 -20.59
C LEU B 674 -33.44 -6.37 -22.04
N ALA B 675 -34.36 -6.81 -22.91
CA ALA B 675 -34.27 -6.49 -24.33
C ALA B 675 -34.40 -5.00 -24.61
N ASP B 676 -34.99 -4.27 -23.66
CA ASP B 676 -35.20 -2.84 -23.83
C ASP B 676 -33.99 -1.97 -23.44
N ILE B 677 -32.97 -2.59 -22.84
CA ILE B 677 -31.79 -1.86 -22.39
C ILE B 677 -30.68 -2.06 -23.40
N LYS B 678 -30.51 -1.12 -24.31
CA LYS B 678 -29.54 -1.26 -25.38
C LYS B 678 -28.35 -0.33 -25.24
N GLU B 679 -28.54 0.71 -24.42
CA GLU B 679 -27.49 1.67 -24.07
C GLU B 679 -27.27 1.60 -22.57
N PRO B 680 -26.08 1.99 -22.14
CA PRO B 680 -25.75 2.08 -20.71
C PRO B 680 -26.54 3.20 -20.03
N ILE B 681 -26.81 3.01 -18.74
CA ILE B 681 -27.59 3.98 -17.97
C ILE B 681 -26.76 4.55 -16.82
N LEU B 682 -26.80 5.86 -16.65
CA LEU B 682 -26.03 6.50 -15.62
C LEU B 682 -26.95 7.22 -14.65
N CYS B 683 -26.38 7.70 -13.55
CA CYS B 683 -27.13 8.55 -12.63
C CYS B 683 -26.50 9.91 -12.78
N ALA B 684 -27.31 10.91 -13.08
CA ALA B 684 -26.80 12.25 -13.39
C ALA B 684 -26.36 13.03 -12.17
N PRO B 685 -25.44 13.96 -12.38
CA PRO B 685 -24.84 14.71 -11.30
C PRO B 685 -25.71 15.08 -10.14
N ASN B 686 -25.31 14.49 -9.03
CA ASN B 686 -25.79 14.84 -7.70
C ASN B 686 -27.11 14.28 -7.18
N ASP B 687 -27.65 13.29 -7.88
CA ASP B 687 -28.85 12.62 -7.40
C ASP B 687 -28.84 11.18 -7.89
N PRO B 688 -28.74 10.23 -6.97
CA PRO B 688 -28.71 8.80 -7.32
C PRO B 688 -29.97 8.31 -8.02
N ASP B 689 -31.08 9.02 -7.88
CA ASP B 689 -32.33 8.63 -8.53
C ASP B 689 -32.45 9.17 -9.96
N ASP B 690 -31.64 10.16 -10.32
CA ASP B 690 -31.74 10.76 -11.63
C ASP B 690 -31.05 9.93 -12.70
N ALA B 691 -31.68 8.84 -13.09
CA ALA B 691 -31.11 7.93 -14.07
C ALA B 691 -31.39 8.37 -15.50
N ARG B 692 -30.38 8.28 -16.36
CA ARG B 692 -30.51 8.70 -17.74
C ARG B 692 -29.68 7.79 -18.64
N PRO B 693 -30.17 7.53 -19.84
CA PRO B 693 -29.42 6.75 -20.83
C PRO B 693 -28.19 7.53 -21.30
N LEU B 694 -27.15 6.81 -21.70
CA LEU B 694 -25.91 7.41 -22.17
C LEU B 694 -26.19 8.53 -23.16
N SER B 695 -27.04 8.21 -24.13
CA SER B 695 -27.40 9.14 -25.21
C SER B 695 -27.81 10.53 -24.74
N ALA B 696 -28.41 10.61 -23.57
CA ALA B 696 -28.88 11.91 -23.07
C ALA B 696 -27.76 12.74 -22.46
N VAL B 697 -26.63 12.11 -22.15
CA VAL B 697 -25.56 12.85 -21.50
C VAL B 697 -24.23 12.77 -22.22
N GLN B 698 -24.20 11.99 -23.31
CA GLN B 698 -22.98 11.84 -24.11
C GLN B 698 -22.33 13.19 -24.38
N GLY B 699 -21.00 13.20 -24.45
CA GLY B 699 -20.28 14.43 -24.74
C GLY B 699 -19.79 15.26 -23.57
N GLU B 700 -20.32 15.04 -22.36
CA GLU B 700 -19.86 15.81 -21.21
C GLU B 700 -18.37 15.60 -20.96
N LYS B 701 -17.66 16.69 -20.68
CA LYS B 701 -16.23 16.60 -20.41
C LYS B 701 -15.97 16.05 -19.01
N ILE B 702 -15.02 15.13 -18.90
CA ILE B 702 -14.71 14.49 -17.63
C ILE B 702 -13.29 14.83 -17.17
N ASP B 703 -13.16 15.23 -15.91
CA ASP B 703 -11.86 15.57 -15.34
C ASP B 703 -11.26 14.40 -14.57
N GLU B 704 -12.08 13.76 -13.74
CA GLU B 704 -11.60 12.67 -12.92
C GLU B 704 -12.52 11.46 -12.97
N VAL B 705 -11.94 10.29 -12.74
CA VAL B 705 -12.69 9.05 -12.75
C VAL B 705 -12.30 8.21 -11.54
N PHE B 706 -13.30 7.62 -10.89
CA PHE B 706 -13.05 6.73 -9.76
C PHE B 706 -13.62 5.33 -9.98
N ILE B 707 -12.75 4.34 -9.88
CA ILE B 707 -13.17 2.96 -9.96
C ILE B 707 -12.83 2.25 -8.64
N GLY B 708 -13.85 1.88 -7.87
CA GLY B 708 -13.58 1.07 -6.71
C GLY B 708 -14.27 1.16 -5.35
N SER B 709 -15.58 1.16 -5.30
CA SER B 709 -16.25 1.09 -3.98
C SER B 709 -16.60 -0.35 -3.69
N CYS B 710 -17.49 -0.58 -2.73
CA CYS B 710 -17.94 -1.96 -2.47
C CYS B 710 -18.85 -2.49 -3.57
N MET B 711 -19.21 -1.65 -4.53
CA MET B 711 -20.00 -2.10 -5.67
C MET B 711 -19.13 -2.89 -6.66
N THR B 712 -17.81 -2.88 -6.46
CA THR B 712 -16.90 -3.54 -7.40
C THR B 712 -16.31 -4.86 -6.95
N ASN B 713 -15.88 -5.64 -7.92
CA ASN B 713 -15.20 -6.90 -7.66
C ASN B 713 -14.03 -6.97 -8.63
N ILE B 714 -13.19 -7.98 -8.48
CA ILE B 714 -11.98 -8.06 -9.30
C ILE B 714 -12.21 -8.00 -10.81
N GLY B 715 -13.36 -8.49 -11.27
CA GLY B 715 -13.66 -8.49 -12.69
C GLY B 715 -13.74 -7.10 -13.28
N HIS B 716 -14.26 -6.17 -12.49
CA HIS B 716 -14.35 -4.79 -12.94
C HIS B 716 -12.96 -4.22 -13.21
N PHE B 717 -12.00 -4.58 -12.36
CA PHE B 717 -10.66 -4.04 -12.49
C PHE B 717 -9.94 -4.63 -13.68
N ARG B 718 -10.10 -5.94 -13.89
CA ARG B 718 -9.55 -6.56 -15.09
C ARG B 718 -10.15 -5.89 -16.33
N ALA B 719 -11.46 -5.68 -16.33
CA ALA B 719 -12.10 -5.05 -17.49
C ALA B 719 -11.50 -3.69 -17.74
N ALA B 720 -11.43 -2.86 -16.71
CA ALA B 720 -10.84 -1.55 -16.86
C ALA B 720 -9.43 -1.72 -17.35
N GLY B 721 -8.69 -2.62 -16.70
CA GLY B 721 -7.31 -2.84 -17.05
C GLY B 721 -7.13 -3.17 -18.53
N LYS B 722 -7.94 -4.09 -19.03
CA LYS B 722 -7.85 -4.46 -20.44
C LYS B 722 -8.15 -3.28 -21.36
N LEU B 723 -9.10 -2.43 -20.96
CA LEU B 723 -9.41 -1.26 -21.75
C LEU B 723 -8.24 -0.30 -21.78
N LEU B 724 -7.53 -0.17 -20.65
CA LEU B 724 -6.40 0.75 -20.57
C LEU B 724 -5.18 0.24 -21.33
N ASP B 725 -4.96 -1.06 -21.29
CA ASP B 725 -3.80 -1.64 -21.96
C ASP B 725 -3.87 -1.51 -23.47
N ALA B 726 -5.08 -1.46 -24.01
CA ALA B 726 -5.25 -1.37 -25.45
C ALA B 726 -4.91 0.02 -25.98
N HIS B 727 -5.03 1.03 -25.11
CA HIS B 727 -4.73 2.41 -25.52
C HIS B 727 -3.55 2.98 -24.75
N LYS B 728 -2.35 2.60 -25.19
CA LYS B 728 -1.11 3.03 -24.54
C LYS B 728 -0.94 4.55 -24.56
N GLY B 729 -0.32 5.07 -23.51
CA GLY B 729 -0.12 6.50 -23.34
C GLY B 729 -0.73 6.91 -22.01
N GLN B 730 -0.46 8.13 -21.57
CA GLN B 730 -1.04 8.59 -20.31
C GLN B 730 -2.43 9.19 -20.51
N LEU B 731 -3.33 8.93 -19.56
CA LEU B 731 -4.70 9.39 -19.65
C LEU B 731 -4.85 10.91 -19.58
N PRO B 732 -5.89 11.40 -20.25
CA PRO B 732 -6.25 12.82 -20.22
C PRO B 732 -6.98 13.16 -18.91
N THR B 733 -7.32 12.13 -18.16
CA THR B 733 -8.04 12.33 -16.90
C THR B 733 -7.19 11.83 -15.75
N ARG B 734 -7.61 12.21 -14.56
CA ARG B 734 -6.98 11.72 -13.35
C ARG B 734 -7.79 10.47 -12.95
N LEU B 735 -7.16 9.30 -12.98
CA LEU B 735 -7.84 8.05 -12.65
C LEU B 735 -7.51 7.54 -11.24
N TRP B 736 -8.54 7.26 -10.45
CA TRP B 736 -8.37 6.71 -9.11
C TRP B 736 -8.85 5.26 -9.09
N VAL B 737 -7.96 4.35 -8.71
CA VAL B 737 -8.29 2.94 -8.67
C VAL B 737 -8.17 2.48 -7.22
N ALA B 738 -9.23 1.84 -6.71
CA ALA B 738 -9.20 1.37 -5.33
C ALA B 738 -9.88 0.01 -5.14
N PRO B 739 -9.08 -1.06 -5.24
CA PRO B 739 -9.60 -2.41 -5.03
C PRO B 739 -10.22 -2.47 -3.64
N PRO B 740 -11.33 -3.17 -3.50
CA PRO B 740 -12.06 -3.24 -2.23
C PRO B 740 -11.37 -4.00 -1.09
N THR B 741 -10.51 -4.98 -1.39
CA THR B 741 -9.81 -5.73 -0.34
C THR B 741 -8.35 -5.98 -0.72
N ARG B 742 -7.57 -6.42 0.26
CA ARG B 742 -6.19 -6.75 -0.01
C ARG B 742 -6.05 -8.04 -0.81
N MET B 743 -7.06 -8.92 -0.74
CA MET B 743 -7.03 -10.13 -1.54
C MET B 743 -7.16 -9.75 -3.02
N ASP B 744 -8.04 -8.78 -3.30
CA ASP B 744 -8.20 -8.31 -4.68
C ASP B 744 -6.92 -7.69 -5.19
N ALA B 745 -6.31 -6.85 -4.37
CA ALA B 745 -5.09 -6.15 -4.75
C ALA B 745 -3.96 -7.14 -5.06
N ALA B 746 -3.79 -8.12 -4.19
CA ALA B 746 -2.75 -9.10 -4.38
C ALA B 746 -2.93 -9.87 -5.69
N GLN B 747 -4.17 -10.24 -6.01
CA GLN B 747 -4.41 -11.02 -7.22
C GLN B 747 -4.19 -10.16 -8.45
N LEU B 748 -4.67 -8.92 -8.40
CA LEU B 748 -4.47 -7.97 -9.48
C LEU B 748 -2.96 -7.77 -9.71
N THR B 749 -2.21 -7.68 -8.62
CA THR B 749 -0.78 -7.45 -8.70
C THR B 749 -0.14 -8.65 -9.35
N GLU B 750 -0.51 -9.81 -8.81
CA GLU B 750 -0.03 -11.08 -9.28
C GLU B 750 -0.20 -11.23 -10.80
N GLU B 751 -1.35 -10.81 -11.31
CA GLU B 751 -1.66 -10.94 -12.74
C GLU B 751 -1.07 -9.83 -13.62
N GLY B 752 -0.42 -8.84 -13.01
CA GLY B 752 0.22 -7.80 -13.80
C GLY B 752 -0.59 -6.56 -14.08
N TYR B 753 -1.75 -6.45 -13.46
CA TYR B 753 -2.60 -5.30 -13.73
C TYR B 753 -2.09 -3.97 -13.15
N TYR B 754 -1.27 -4.01 -12.11
CA TYR B 754 -0.76 -2.76 -11.55
C TYR B 754 0.16 -2.04 -12.54
N SER B 755 0.88 -2.83 -13.34
CA SER B 755 1.72 -2.28 -14.39
C SER B 755 0.86 -1.47 -15.34
N VAL B 756 -0.30 -2.02 -15.72
CA VAL B 756 -1.20 -1.31 -16.61
C VAL B 756 -1.67 -0.01 -15.97
N PHE B 757 -2.14 -0.08 -14.73
CA PHE B 757 -2.59 1.14 -14.06
C PHE B 757 -1.47 2.16 -13.90
N GLY B 758 -0.29 1.70 -13.50
CA GLY B 758 0.84 2.60 -13.34
C GLY B 758 1.21 3.32 -14.61
N LYS B 759 1.30 2.58 -15.71
CA LYS B 759 1.70 3.17 -16.99
C LYS B 759 0.66 4.16 -17.51
N SER B 760 -0.59 3.95 -17.15
CA SER B 760 -1.66 4.82 -17.61
C SER B 760 -1.70 6.13 -16.80
N GLY B 761 -0.94 6.18 -15.71
CA GLY B 761 -0.88 7.38 -14.90
C GLY B 761 -1.82 7.35 -13.71
N ALA B 762 -2.52 6.23 -13.57
CA ALA B 762 -3.49 6.10 -12.49
C ALA B 762 -2.88 6.13 -11.09
N ARG B 763 -3.72 6.54 -10.17
CA ARG B 763 -3.43 6.61 -8.75
C ARG B 763 -4.06 5.35 -8.12
N ILE B 764 -3.27 4.50 -7.49
CA ILE B 764 -3.81 3.30 -6.85
C ILE B 764 -3.89 3.47 -5.34
N GLU B 765 -5.12 3.47 -4.81
CA GLU B 765 -5.31 3.67 -3.38
C GLU B 765 -5.30 2.34 -2.63
N ILE B 766 -5.01 2.38 -1.33
CA ILE B 766 -5.01 1.14 -0.54
C ILE B 766 -6.46 0.67 -0.32
N PRO B 767 -6.64 -0.63 -0.13
CA PRO B 767 -7.98 -1.19 -0.01
C PRO B 767 -8.80 -0.49 1.04
N GLY B 768 -9.98 -0.04 0.67
CA GLY B 768 -10.82 0.73 1.56
C GLY B 768 -11.83 1.54 0.77
N CYS B 769 -12.67 2.30 1.47
CA CYS B 769 -13.72 3.07 0.82
C CYS B 769 -13.18 4.19 -0.06
N SER B 770 -12.03 4.75 0.30
CA SER B 770 -11.45 5.80 -0.54
C SER B 770 -12.46 6.94 -0.81
N LEU B 771 -12.43 7.48 -2.02
CA LEU B 771 -13.29 8.60 -2.42
C LEU B 771 -14.78 8.38 -2.20
N CYS B 772 -15.21 7.13 -2.08
CA CYS B 772 -16.62 6.85 -1.90
C CYS B 772 -17.27 7.69 -0.78
N MET B 773 -16.55 7.89 0.31
CA MET B 773 -17.10 8.66 1.42
C MET B 773 -16.72 10.14 1.40
N GLY B 774 -15.56 10.47 0.86
CA GLY B 774 -15.11 11.84 0.80
C GLY B 774 -14.70 12.42 2.15
N ASN B 775 -14.33 11.54 3.09
CA ASN B 775 -13.96 12.00 4.42
C ASN B 775 -12.45 12.19 4.54
N GLN B 776 -11.72 11.68 3.55
CA GLN B 776 -10.27 11.83 3.52
C GLN B 776 -9.84 12.39 2.18
N ALA B 777 -9.40 11.55 1.27
CA ALA B 777 -9.02 12.07 -0.03
C ALA B 777 -10.25 12.61 -0.73
N ARG B 778 -10.05 13.68 -1.48
CA ARG B 778 -11.14 14.29 -2.22
C ARG B 778 -10.67 14.69 -3.60
N VAL B 779 -11.62 14.73 -4.50
CA VAL B 779 -11.39 15.10 -5.87
C VAL B 779 -11.23 16.63 -5.91
N ALA B 780 -10.68 17.17 -7.00
CA ALA B 780 -10.53 18.63 -7.12
C ALA B 780 -11.86 19.39 -7.15
N ASP B 781 -11.90 20.54 -6.50
CA ASP B 781 -13.06 21.42 -6.49
C ASP B 781 -13.64 21.62 -7.89
N GLY B 782 -14.97 21.56 -7.99
CA GLY B 782 -15.64 21.79 -9.26
C GLY B 782 -15.37 20.79 -10.36
N ALA B 783 -14.69 19.68 -10.05
CA ALA B 783 -14.41 18.70 -11.09
C ALA B 783 -15.66 17.94 -11.50
N THR B 784 -15.68 17.49 -12.75
CA THR B 784 -16.76 16.66 -13.23
C THR B 784 -16.22 15.24 -13.13
N VAL B 785 -16.99 14.34 -12.50
CA VAL B 785 -16.48 13.01 -12.22
C VAL B 785 -17.38 11.86 -12.68
N VAL B 786 -16.74 10.77 -13.11
CA VAL B 786 -17.46 9.52 -13.35
C VAL B 786 -17.01 8.55 -12.27
N SER B 787 -17.97 8.08 -11.48
CA SER B 787 -17.65 7.20 -10.36
C SER B 787 -18.46 5.91 -10.34
N THR B 788 -17.83 4.82 -9.90
CA THR B 788 -18.54 3.55 -9.70
C THR B 788 -18.97 3.45 -8.26
N SER B 789 -18.79 4.53 -7.49
CA SER B 789 -19.18 4.53 -6.09
C SER B 789 -20.72 4.56 -6.00
N THR B 790 -21.26 4.62 -4.79
CA THR B 790 -22.72 4.49 -4.59
C THR B 790 -23.52 5.78 -4.58
N ARG B 791 -22.89 6.90 -4.24
CA ARG B 791 -23.64 8.13 -4.04
C ARG B 791 -22.99 9.34 -4.67
N ASN B 792 -23.78 10.13 -5.38
CA ASN B 792 -23.26 11.31 -6.03
C ASN B 792 -23.94 12.57 -5.50
N PHE B 793 -24.33 12.52 -4.24
CA PHE B 793 -24.93 13.67 -3.55
C PHE B 793 -23.97 14.83 -3.62
N PRO B 794 -24.49 16.04 -3.55
CA PRO B 794 -23.65 17.24 -3.64
C PRO B 794 -22.57 17.22 -2.58
N ASN B 795 -21.34 17.58 -2.95
CA ASN B 795 -20.21 17.70 -2.02
C ASN B 795 -19.72 16.41 -1.40
N ARG B 796 -20.02 15.29 -2.04
CA ARG B 796 -19.64 13.99 -1.50
C ARG B 796 -18.19 13.64 -1.84
N LEU B 797 -17.90 13.51 -3.14
CA LEU B 797 -16.55 13.20 -3.61
C LEU B 797 -15.66 14.45 -3.60
N GLY B 798 -16.27 15.61 -3.70
CA GLY B 798 -15.54 16.86 -3.75
C GLY B 798 -16.45 18.08 -3.61
N THR B 799 -15.84 19.24 -3.39
CA THR B 799 -16.60 20.46 -3.20
C THR B 799 -17.04 21.04 -4.53
N GLY B 800 -18.36 21.19 -4.69
CA GLY B 800 -18.93 21.68 -5.92
C GLY B 800 -18.69 20.73 -7.08
N ALA B 801 -18.33 19.49 -6.79
CA ALA B 801 -18.09 18.51 -7.84
C ALA B 801 -19.40 17.96 -8.40
N ASN B 802 -19.41 17.66 -9.70
CA ASN B 802 -20.56 17.08 -10.36
C ASN B 802 -20.23 15.64 -10.69
N VAL B 803 -20.98 14.72 -10.11
CA VAL B 803 -20.63 13.31 -10.24
C VAL B 803 -21.66 12.44 -10.92
N PHE B 804 -21.23 11.80 -11.99
CA PHE B 804 -22.03 10.81 -12.70
C PHE B 804 -21.71 9.43 -12.12
N LEU B 805 -22.73 8.63 -11.86
CA LEU B 805 -22.54 7.27 -11.42
C LEU B 805 -22.60 6.38 -12.66
N ALA B 806 -21.68 5.42 -12.75
CA ALA B 806 -21.67 4.54 -13.92
C ALA B 806 -20.90 3.25 -13.68
N SER B 807 -20.95 2.37 -14.67
CA SER B 807 -20.27 1.09 -14.60
C SER B 807 -18.77 1.29 -14.72
N ALA B 808 -18.02 0.29 -14.29
CA ALA B 808 -16.58 0.32 -14.36
C ALA B 808 -16.08 0.38 -15.80
N GLU B 809 -16.70 -0.40 -16.69
CA GLU B 809 -16.28 -0.42 -18.09
C GLU B 809 -16.53 0.91 -18.78
N LEU B 810 -17.68 1.50 -18.51
CA LEU B 810 -17.96 2.81 -19.05
C LEU B 810 -16.99 3.86 -18.48
N ALA B 811 -16.70 3.78 -17.17
CA ALA B 811 -15.81 4.76 -16.54
C ALA B 811 -14.41 4.67 -17.12
N ALA B 812 -13.98 3.44 -17.40
CA ALA B 812 -12.68 3.24 -17.98
C ALA B 812 -12.64 3.93 -19.34
N VAL B 813 -13.70 3.76 -20.11
CA VAL B 813 -13.76 4.37 -21.42
C VAL B 813 -13.69 5.90 -21.31
N ALA B 814 -14.48 6.45 -20.40
CA ALA B 814 -14.49 7.89 -20.18
C ALA B 814 -13.15 8.39 -19.67
N ALA B 815 -12.40 7.52 -19.01
CA ALA B 815 -11.09 7.92 -18.50
C ALA B 815 -10.12 8.11 -19.65
N LEU B 816 -10.25 7.23 -20.66
CA LEU B 816 -9.41 7.24 -21.83
C LEU B 816 -9.68 8.37 -22.80
N ILE B 817 -10.93 8.81 -22.84
CA ILE B 817 -11.36 9.78 -23.84
C ILE B 817 -11.49 11.20 -23.30
N GLY B 818 -11.68 11.32 -21.99
CA GLY B 818 -11.82 12.63 -21.37
C GLY B 818 -13.24 13.14 -21.43
N LYS B 819 -14.16 12.32 -21.94
CA LYS B 819 -15.56 12.71 -22.02
C LYS B 819 -16.43 11.46 -21.99
N LEU B 820 -17.73 11.64 -21.79
CA LEU B 820 -18.64 10.51 -21.86
C LEU B 820 -18.79 10.17 -23.33
N PRO B 821 -18.62 8.89 -23.66
CA PRO B 821 -18.69 8.43 -25.05
C PRO B 821 -20.12 8.34 -25.55
N THR B 822 -20.28 8.15 -26.85
CA THR B 822 -21.60 7.90 -27.42
C THR B 822 -21.75 6.41 -27.34
N PRO B 823 -22.99 5.92 -27.42
CA PRO B 823 -23.23 4.48 -27.39
C PRO B 823 -22.42 3.82 -28.49
N GLU B 824 -22.26 4.53 -29.61
CA GLU B 824 -21.48 4.02 -30.73
C GLU B 824 -20.04 3.80 -30.31
N GLU B 825 -19.39 4.84 -29.79
CA GLU B 825 -18.00 4.67 -29.37
C GLU B 825 -17.88 3.71 -28.18
N TYR B 826 -18.83 3.78 -27.26
CA TYR B 826 -18.78 2.88 -26.12
C TYR B 826 -18.69 1.42 -26.56
N GLN B 827 -19.60 1.03 -27.46
CA GLN B 827 -19.68 -0.33 -27.95
C GLN B 827 -18.39 -0.78 -28.62
N THR B 828 -17.80 0.10 -29.40
CA THR B 828 -16.55 -0.20 -30.11
C THR B 828 -15.45 -0.54 -29.12
N TYR B 829 -15.29 0.28 -28.09
CA TYR B 829 -14.29 0.03 -27.05
C TYR B 829 -14.53 -1.28 -26.31
N VAL B 830 -15.76 -1.49 -25.85
CA VAL B 830 -16.07 -2.67 -25.06
C VAL B 830 -16.04 -3.98 -25.84
N ALA B 831 -16.38 -3.90 -27.12
CA ALA B 831 -16.39 -5.08 -27.97
C ALA B 831 -15.01 -5.74 -28.03
N GLN B 832 -13.96 -4.92 -28.03
CA GLN B 832 -12.59 -5.42 -28.10
C GLN B 832 -12.19 -6.11 -26.81
N VAL B 833 -12.91 -5.81 -25.74
CA VAL B 833 -12.60 -6.35 -24.43
C VAL B 833 -13.51 -7.51 -24.02
N ASP B 834 -14.41 -7.91 -24.93
CA ASP B 834 -15.35 -8.98 -24.63
C ASP B 834 -14.94 -10.31 -25.22
N LYS B 835 -13.93 -10.28 -26.07
CA LYS B 835 -13.43 -11.50 -26.67
C LYS B 835 -12.81 -12.36 -25.56
N THR B 836 -12.22 -11.69 -24.58
CA THR B 836 -11.57 -12.37 -23.47
C THR B 836 -12.40 -12.16 -22.22
N ALA B 837 -13.71 -12.26 -22.38
CA ALA B 837 -14.61 -12.02 -21.27
C ALA B 837 -14.67 -13.17 -20.26
N VAL B 838 -14.27 -14.36 -20.66
CA VAL B 838 -14.31 -15.48 -19.72
C VAL B 838 -13.16 -15.35 -18.74
N ASP B 839 -12.05 -14.81 -19.24
CA ASP B 839 -10.85 -14.58 -18.44
C ASP B 839 -11.02 -13.35 -17.57
N THR B 840 -11.65 -12.32 -18.13
CA THR B 840 -11.86 -11.06 -17.45
C THR B 840 -12.71 -11.18 -16.20
N TYR B 841 -13.80 -11.94 -16.32
CA TYR B 841 -14.74 -12.04 -15.22
C TYR B 841 -14.65 -13.30 -14.37
N ARG B 842 -13.43 -13.68 -13.99
CA ARG B 842 -13.24 -14.80 -13.07
C ARG B 842 -13.33 -14.21 -11.68
N TYR B 843 -14.02 -14.88 -10.76
CA TYR B 843 -14.12 -14.37 -9.40
C TYR B 843 -13.13 -15.06 -8.47
N LEU B 844 -12.86 -14.44 -7.34
CA LEU B 844 -11.91 -15.02 -6.41
C LEU B 844 -12.49 -16.24 -5.72
N ASN B 845 -11.84 -17.39 -5.90
CA ASN B 845 -12.25 -18.59 -5.21
C ASN B 845 -11.04 -19.06 -4.44
N PHE B 846 -11.06 -18.79 -3.14
CA PHE B 846 -9.91 -19.05 -2.29
C PHE B 846 -9.57 -20.53 -2.19
N ASN B 847 -10.55 -21.40 -2.46
CA ASN B 847 -10.30 -22.82 -2.39
C ASN B 847 -9.47 -23.31 -3.58
N GLN B 848 -9.25 -22.43 -4.54
CA GLN B 848 -8.47 -22.75 -5.73
C GLN B 848 -7.12 -22.05 -5.73
N LEU B 849 -6.83 -21.35 -4.63
CA LEU B 849 -5.60 -20.58 -4.55
C LEU B 849 -4.63 -21.14 -3.51
N SER B 850 -3.57 -21.77 -4.00
CA SER B 850 -2.55 -22.40 -3.17
C SER B 850 -2.18 -21.61 -1.91
N GLN B 851 -1.81 -20.35 -2.07
CA GLN B 851 -1.39 -19.52 -0.94
C GLN B 851 -2.41 -19.48 0.18
N TYR B 852 -3.69 -19.70 -0.14
CA TYR B 852 -4.72 -19.70 0.88
C TYR B 852 -4.96 -21.10 1.44
N THR B 853 -5.06 -22.08 0.54
CA THR B 853 -5.25 -23.48 0.94
C THR B 853 -4.15 -23.95 1.88
N GLU B 854 -2.90 -23.61 1.55
CA GLU B 854 -1.76 -24.04 2.34
C GLU B 854 -1.92 -23.66 3.79
N LYS B 855 -2.25 -22.40 4.04
CA LYS B 855 -2.45 -21.92 5.41
C LYS B 855 -3.73 -22.52 6.01
N ALA B 856 -4.79 -22.62 5.22
CA ALA B 856 -6.05 -23.16 5.72
C ALA B 856 -5.96 -24.63 6.11
N ASP B 857 -5.18 -25.41 5.36
CA ASP B 857 -5.08 -26.85 5.62
C ASP B 857 -4.41 -27.18 6.95
N GLY B 858 -3.63 -26.26 7.49
CA GLY B 858 -2.94 -26.50 8.74
C GLY B 858 -3.69 -26.00 9.96
N VAL B 859 -4.96 -25.66 9.77
CA VAL B 859 -5.74 -25.13 10.88
C VAL B 859 -6.46 -26.25 11.63
N ILE B 860 -6.27 -26.27 12.94
CA ILE B 860 -6.92 -27.24 13.80
C ILE B 860 -7.91 -26.53 14.70
N PHE B 861 -9.16 -26.97 14.66
CA PHE B 861 -10.20 -26.33 15.45
C PHE B 861 -10.00 -26.49 16.96
N GLN B 862 -9.82 -25.34 17.59
CA GLN B 862 -9.66 -25.19 19.04
C GLN B 862 -10.82 -25.82 19.80
#